data_1MLI
# 
_entry.id   1MLI 
# 
_audit_conform.dict_name       mmcif_pdbx.dic 
_audit_conform.dict_version    5.386 
_audit_conform.dict_location   http://mmcif.pdb.org/dictionaries/ascii/mmcif_pdbx.dic 
# 
loop_
_database_2.database_id 
_database_2.database_code 
_database_2.pdbx_database_accession 
_database_2.pdbx_DOI 
PDB   1MLI         pdb_00001mli 10.2210/pdb1mli/pdb 
WWPDB D_1000175053 ?            ?                   
# 
loop_
_pdbx_audit_revision_history.ordinal 
_pdbx_audit_revision_history.data_content_type 
_pdbx_audit_revision_history.major_revision 
_pdbx_audit_revision_history.minor_revision 
_pdbx_audit_revision_history.revision_date 
1 'Structure model' 1 0 1990-10-15 
2 'Structure model' 1 1 2008-03-24 
3 'Structure model' 1 2 2011-07-13 
4 'Structure model' 1 3 2024-02-14 
# 
_pdbx_audit_revision_details.ordinal             1 
_pdbx_audit_revision_details.revision_ordinal    1 
_pdbx_audit_revision_details.data_content_type   'Structure model' 
_pdbx_audit_revision_details.provider            repository 
_pdbx_audit_revision_details.type                'Initial release' 
_pdbx_audit_revision_details.description         ? 
_pdbx_audit_revision_details.details             ? 
# 
loop_
_pdbx_audit_revision_group.ordinal 
_pdbx_audit_revision_group.revision_ordinal 
_pdbx_audit_revision_group.data_content_type 
_pdbx_audit_revision_group.group 
1 2 'Structure model' 'Version format compliance' 
2 3 'Structure model' 'Version format compliance' 
3 4 'Structure model' 'Data collection'           
4 4 'Structure model' 'Database references'       
5 4 'Structure model' Other                       
# 
loop_
_pdbx_audit_revision_category.ordinal 
_pdbx_audit_revision_category.revision_ordinal 
_pdbx_audit_revision_category.data_content_type 
_pdbx_audit_revision_category.category 
1 4 'Structure model' chem_comp_atom       
2 4 'Structure model' chem_comp_bond       
3 4 'Structure model' database_2           
4 4 'Structure model' pdbx_database_status 
# 
loop_
_pdbx_audit_revision_item.ordinal 
_pdbx_audit_revision_item.revision_ordinal 
_pdbx_audit_revision_item.data_content_type 
_pdbx_audit_revision_item.item 
1 4 'Structure model' '_database_2.pdbx_DOI'                
2 4 'Structure model' '_database_2.pdbx_database_accession' 
3 4 'Structure model' '_pdbx_database_status.process_site'  
# 
_pdbx_database_status.status_code                     REL 
_pdbx_database_status.entry_id                        1MLI 
_pdbx_database_status.recvd_initial_deposition_date   1989-11-02 
_pdbx_database_status.deposit_site                    ? 
_pdbx_database_status.process_site                    BNL 
_pdbx_database_status.SG_entry                        . 
_pdbx_database_status.pdb_format_compatible           Y 
_pdbx_database_status.status_code_mr                  ? 
_pdbx_database_status.status_code_sf                  ? 
_pdbx_database_status.status_code_cs                  ? 
_pdbx_database_status.status_code_nmr_data            ? 
_pdbx_database_status.methods_development_category    ? 
# 
loop_
_audit_author.name 
_audit_author.pdbx_ordinal 
'Katti, S.K.'   1 
'Katz, B.A.'    2 
'Wyckoff, H.W.' 3 
# 
loop_
_citation.id 
_citation.title 
_citation.journal_abbrev 
_citation.journal_volume 
_citation.page_first 
_citation.page_last 
_citation.year 
_citation.journal_id_ASTM 
_citation.country 
_citation.journal_id_ISSN 
_citation.journal_id_CSD 
_citation.book_publisher 
_citation.pdbx_database_id_PubMed 
_citation.pdbx_database_id_DOI 
primary 'Crystal structure of muconolactone isomerase at 3.3 A resolution.'                                  J.Mol.Biol. 205 557 
571 1989 JMOBAK UK 0022-2836 0070 ? 2926818 '10.1016/0022-2836(89)90226-X' 
1       'Low Resolution Crystal Structure of Muconolactone Isomerase. A Decamer with a 5-Fold Symmetry Axis' J.Mol.Biol. 184 311 ? 
1985 JMOBAK UK 0022-2836 0070 ? ?       ?                              
# 
loop_
_citation_author.citation_id 
_citation_author.name 
_citation_author.ordinal 
_citation_author.identifier_ORCID 
primary 'Katti, S.K.'   1 ? 
primary 'Katz, B.A.'    2 ? 
primary 'Wyckoff, H.W.' 3 ? 
1       'Katz, B.A.'    4 ? 
1       'Ollis, D.'     5 ? 
1       'Wyckoff, H.W.' 6 ? 
# 
_entity.id                         1 
_entity.type                       polymer 
_entity.src_method                 man 
_entity.pdbx_description           'MUCONOLACTONE ISOMERASE' 
_entity.formula_weight             11175.833 
_entity.pdbx_number_of_molecules   10 
_entity.pdbx_ec                    5.3.3.4 
_entity.pdbx_mutation              ? 
_entity.pdbx_fragment              ? 
_entity.details                    ? 
# 
_entity_poly.entity_id                      1 
_entity_poly.type                           'polypeptide(L)' 
_entity_poly.nstd_linkage                   no 
_entity_poly.nstd_monomer                   no 
_entity_poly.pdbx_seq_one_letter_code       
;MLFHVKMTVKLPVDMDPAKATQLKADEKELAQRLQREGTWRHLWRIAGHYANYSVFDVPSVEALHDTLMQLPLFPYMDIE
VDGLCRHPSSIHSDDR
;
_entity_poly.pdbx_seq_one_letter_code_can   
;MLFHVKMTVKLPVDMDPAKATQLKADEKELAQRLQREGTWRHLWRIAGHYANYSVFDVPSVEALHDTLMQLPLFPYMDIE
VDGLCRHPSSIHSDDR
;
_entity_poly.pdbx_strand_id                 A,B,C,D,E,F,G,H,I,J 
_entity_poly.pdbx_target_identifier         ? 
# 
loop_
_entity_poly_seq.entity_id 
_entity_poly_seq.num 
_entity_poly_seq.mon_id 
_entity_poly_seq.hetero 
1 1  MET n 
1 2  LEU n 
1 3  PHE n 
1 4  HIS n 
1 5  VAL n 
1 6  LYS n 
1 7  MET n 
1 8  THR n 
1 9  VAL n 
1 10 LYS n 
1 11 LEU n 
1 12 PRO n 
1 13 VAL n 
1 14 ASP n 
1 15 MET n 
1 16 ASP n 
1 17 PRO n 
1 18 ALA n 
1 19 LYS n 
1 20 ALA n 
1 21 THR n 
1 22 GLN n 
1 23 LEU n 
1 24 LYS n 
1 25 ALA n 
1 26 ASP n 
1 27 GLU n 
1 28 LYS n 
1 29 GLU n 
1 30 LEU n 
1 31 ALA n 
1 32 GLN n 
1 33 ARG n 
1 34 LEU n 
1 35 GLN n 
1 36 ARG n 
1 37 GLU n 
1 38 GLY n 
1 39 THR n 
1 40 TRP n 
1 41 ARG n 
1 42 HIS n 
1 43 LEU n 
1 44 TRP n 
1 45 ARG n 
1 46 ILE n 
1 47 ALA n 
1 48 GLY n 
1 49 HIS n 
1 50 TYR n 
1 51 ALA n 
1 52 ASN n 
1 53 TYR n 
1 54 SER n 
1 55 VAL n 
1 56 PHE n 
1 57 ASP n 
1 58 VAL n 
1 59 PRO n 
1 60 SER n 
1 61 VAL n 
1 62 GLU n 
1 63 ALA n 
1 64 LEU n 
1 65 HIS n 
1 66 ASP n 
1 67 THR n 
1 68 LEU n 
1 69 MET n 
1 70 GLN n 
1 71 LEU n 
1 72 PRO n 
1 73 LEU n 
1 74 PHE n 
1 75 PRO n 
1 76 TYR n 
1 77 MET n 
1 78 ASP n 
1 79 ILE n 
1 80 GLU n 
1 81 VAL n 
1 82 ASP n 
1 83 GLY n 
1 84 LEU n 
1 85 CYS n 
1 86 ARG n 
1 87 HIS n 
1 88 PRO n 
1 89 SER n 
1 90 SER n 
1 91 ILE n 
1 92 HIS n 
1 93 SER n 
1 94 ASP n 
1 95 ASP n 
1 96 ARG n 
# 
_entity_src_gen.entity_id                          1 
_entity_src_gen.pdbx_src_id                        1 
_entity_src_gen.pdbx_alt_source_flag               sample 
_entity_src_gen.pdbx_seq_type                      ? 
_entity_src_gen.pdbx_beg_seq_num                   ? 
_entity_src_gen.pdbx_end_seq_num                   ? 
_entity_src_gen.gene_src_common_name               ? 
_entity_src_gen.gene_src_genus                     Pseudomonas 
_entity_src_gen.pdbx_gene_src_gene                 ? 
_entity_src_gen.gene_src_species                   ? 
_entity_src_gen.gene_src_strain                    ? 
_entity_src_gen.gene_src_tissue                    ? 
_entity_src_gen.gene_src_tissue_fraction           ? 
_entity_src_gen.gene_src_details                   ? 
_entity_src_gen.pdbx_gene_src_fragment             ? 
_entity_src_gen.pdbx_gene_src_scientific_name      'Pseudomonas putida' 
_entity_src_gen.pdbx_gene_src_ncbi_taxonomy_id     303 
_entity_src_gen.pdbx_gene_src_variant              ? 
_entity_src_gen.pdbx_gene_src_cell_line            ? 
_entity_src_gen.pdbx_gene_src_atcc                 ? 
_entity_src_gen.pdbx_gene_src_organ                ? 
_entity_src_gen.pdbx_gene_src_organelle            ? 
_entity_src_gen.pdbx_gene_src_cell                 ? 
_entity_src_gen.pdbx_gene_src_cellular_location    ? 
_entity_src_gen.host_org_common_name               ? 
_entity_src_gen.pdbx_host_org_scientific_name      ? 
_entity_src_gen.pdbx_host_org_ncbi_taxonomy_id     ? 
_entity_src_gen.host_org_genus                     ? 
_entity_src_gen.pdbx_host_org_gene                 ? 
_entity_src_gen.pdbx_host_org_organ                ? 
_entity_src_gen.host_org_species                   ? 
_entity_src_gen.pdbx_host_org_tissue               ? 
_entity_src_gen.pdbx_host_org_tissue_fraction      ? 
_entity_src_gen.pdbx_host_org_strain               ? 
_entity_src_gen.pdbx_host_org_variant              ? 
_entity_src_gen.pdbx_host_org_cell_line            ? 
_entity_src_gen.pdbx_host_org_atcc                 ? 
_entity_src_gen.pdbx_host_org_culture_collection   ? 
_entity_src_gen.pdbx_host_org_cell                 ? 
_entity_src_gen.pdbx_host_org_organelle            ? 
_entity_src_gen.pdbx_host_org_cellular_location    ? 
_entity_src_gen.pdbx_host_org_vector_type          ? 
_entity_src_gen.pdbx_host_org_vector               ? 
_entity_src_gen.host_org_details                   ? 
_entity_src_gen.expression_system_id               ? 
_entity_src_gen.plasmid_name                       ? 
_entity_src_gen.plasmid_details                    ? 
_entity_src_gen.pdbx_description                   ? 
# 
loop_
_chem_comp.id 
_chem_comp.type 
_chem_comp.mon_nstd_flag 
_chem_comp.name 
_chem_comp.pdbx_synonyms 
_chem_comp.formula 
_chem_comp.formula_weight 
ALA 'L-peptide linking' y ALANINE         ? 'C3 H7 N O2'     89.093  
ARG 'L-peptide linking' y ARGININE        ? 'C6 H15 N4 O2 1' 175.209 
ASN 'L-peptide linking' y ASPARAGINE      ? 'C4 H8 N2 O3'    132.118 
ASP 'L-peptide linking' y 'ASPARTIC ACID' ? 'C4 H7 N O4'     133.103 
CYS 'L-peptide linking' y CYSTEINE        ? 'C3 H7 N O2 S'   121.158 
GLN 'L-peptide linking' y GLUTAMINE       ? 'C5 H10 N2 O3'   146.144 
GLU 'L-peptide linking' y 'GLUTAMIC ACID' ? 'C5 H9 N O4'     147.129 
GLY 'peptide linking'   y GLYCINE         ? 'C2 H5 N O2'     75.067  
HIS 'L-peptide linking' y HISTIDINE       ? 'C6 H10 N3 O2 1' 156.162 
ILE 'L-peptide linking' y ISOLEUCINE      ? 'C6 H13 N O2'    131.173 
LEU 'L-peptide linking' y LEUCINE         ? 'C6 H13 N O2'    131.173 
LYS 'L-peptide linking' y LYSINE          ? 'C6 H15 N2 O2 1' 147.195 
MET 'L-peptide linking' y METHIONINE      ? 'C5 H11 N O2 S'  149.211 
PHE 'L-peptide linking' y PHENYLALANINE   ? 'C9 H11 N O2'    165.189 
PRO 'L-peptide linking' y PROLINE         ? 'C5 H9 N O2'     115.130 
SER 'L-peptide linking' y SERINE          ? 'C3 H7 N O3'     105.093 
THR 'L-peptide linking' y THREONINE       ? 'C4 H9 N O3'     119.119 
TRP 'L-peptide linking' y TRYPTOPHAN      ? 'C11 H12 N2 O2'  204.225 
TYR 'L-peptide linking' y TYROSINE        ? 'C9 H11 N O3'    181.189 
VAL 'L-peptide linking' y VALINE          ? 'C5 H11 N O2'    117.146 
# 
loop_
_pdbx_poly_seq_scheme.asym_id 
_pdbx_poly_seq_scheme.entity_id 
_pdbx_poly_seq_scheme.seq_id 
_pdbx_poly_seq_scheme.mon_id 
_pdbx_poly_seq_scheme.ndb_seq_num 
_pdbx_poly_seq_scheme.pdb_seq_num 
_pdbx_poly_seq_scheme.auth_seq_num 
_pdbx_poly_seq_scheme.pdb_mon_id 
_pdbx_poly_seq_scheme.auth_mon_id 
_pdbx_poly_seq_scheme.pdb_strand_id 
_pdbx_poly_seq_scheme.pdb_ins_code 
_pdbx_poly_seq_scheme.hetero 
A 1 1  MET 1  1  1  MET MET A . n 
A 1 2  LEU 2  2  2  LEU LEU A . n 
A 1 3  PHE 3  3  3  PHE PHE A . n 
A 1 4  HIS 4  4  4  HIS HIS A . n 
A 1 5  VAL 5  5  5  VAL VAL A . n 
A 1 6  LYS 6  6  6  LYS LYS A . n 
A 1 7  MET 7  7  7  MET MET A . n 
A 1 8  THR 8  8  8  THR THR A . n 
A 1 9  VAL 9  9  9  VAL VAL A . n 
A 1 10 LYS 10 10 10 LYS LYS A . n 
A 1 11 LEU 11 11 11 LEU LEU A . n 
A 1 12 PRO 12 12 12 PRO PRO A . n 
A 1 13 VAL 13 13 13 VAL VAL A . n 
A 1 14 ASP 14 14 14 ASP ASP A . n 
A 1 15 MET 15 15 15 MET MET A . n 
A 1 16 ASP 16 16 16 ASP ASP A . n 
A 1 17 PRO 17 17 17 PRO PRO A . n 
A 1 18 ALA 18 18 18 ALA ALA A . n 
A 1 19 LYS 19 19 19 LYS LYS A . n 
A 1 20 ALA 20 20 20 ALA ALA A . n 
A 1 21 THR 21 21 21 THR THR A . n 
A 1 22 GLN 22 22 22 GLN GLN A . n 
A 1 23 LEU 23 23 23 LEU LEU A . n 
A 1 24 LYS 24 24 24 LYS LYS A . n 
A 1 25 ALA 25 25 25 ALA ALA A . n 
A 1 26 ASP 26 26 26 ASP ASP A . n 
A 1 27 GLU 27 27 27 GLU GLU A . n 
A 1 28 LYS 28 28 28 LYS LYS A . n 
A 1 29 GLU 29 29 29 GLU GLU A . n 
A 1 30 LEU 30 30 30 LEU LEU A . n 
A 1 31 ALA 31 31 31 ALA ALA A . n 
A 1 32 GLN 32 32 32 GLN GLN A . n 
A 1 33 ARG 33 33 33 ARG ARG A . n 
A 1 34 LEU 34 34 34 LEU LEU A . n 
A 1 35 GLN 35 35 35 GLN GLN A . n 
A 1 36 ARG 36 36 36 ARG ARG A . n 
A 1 37 GLU 37 37 37 GLU GLU A . n 
A 1 38 GLY 38 38 38 GLY GLY A . n 
A 1 39 THR 39 39 39 THR THR A . n 
A 1 40 TRP 40 40 40 TRP TRP A . n 
A 1 41 ARG 41 41 41 ARG ARG A . n 
A 1 42 HIS 42 42 42 HIS HIS A . n 
A 1 43 LEU 43 43 43 LEU LEU A . n 
A 1 44 TRP 44 44 44 TRP TRP A . n 
A 1 45 ARG 45 45 45 ARG ARG A . n 
A 1 46 ILE 46 46 46 ILE ILE A . n 
A 1 47 ALA 47 47 47 ALA ALA A . n 
A 1 48 GLY 48 48 48 GLY GLY A . n 
A 1 49 HIS 49 49 49 HIS HIS A . n 
A 1 50 TYR 50 50 50 TYR TYR A . n 
A 1 51 ALA 51 51 51 ALA ALA A . n 
A 1 52 ASN 52 52 52 ASN ASN A . n 
A 1 53 TYR 53 53 53 TYR TYR A . n 
A 1 54 SER 54 54 54 SER SER A . n 
A 1 55 VAL 55 55 55 VAL VAL A . n 
A 1 56 PHE 56 56 56 PHE PHE A . n 
A 1 57 ASP 57 57 57 ASP ASP A . n 
A 1 58 VAL 58 58 58 VAL VAL A . n 
A 1 59 PRO 59 59 59 PRO PRO A . n 
A 1 60 SER 60 60 60 SER SER A . n 
A 1 61 VAL 61 61 61 VAL VAL A . n 
A 1 62 GLU 62 62 62 GLU GLU A . n 
A 1 63 ALA 63 63 63 ALA ALA A . n 
A 1 64 LEU 64 64 64 LEU LEU A . n 
A 1 65 HIS 65 65 65 HIS HIS A . n 
A 1 66 ASP 66 66 66 ASP ASP A . n 
A 1 67 THR 67 67 67 THR THR A . n 
A 1 68 LEU 68 68 68 LEU LEU A . n 
A 1 69 MET 69 69 69 MET MET A . n 
A 1 70 GLN 70 70 70 GLN GLN A . n 
A 1 71 LEU 71 71 71 LEU LEU A . n 
A 1 72 PRO 72 72 72 PRO PRO A . n 
A 1 73 LEU 73 73 73 LEU LEU A . n 
A 1 74 PHE 74 74 74 PHE PHE A . n 
A 1 75 PRO 75 75 75 PRO PRO A . n 
A 1 76 TYR 76 76 76 TYR TYR A . n 
A 1 77 MET 77 77 77 MET MET A . n 
A 1 78 ASP 78 78 78 ASP ASP A . n 
A 1 79 ILE 79 79 79 ILE ILE A . n 
A 1 80 GLU 80 80 80 GLU GLU A . n 
A 1 81 VAL 81 81 81 VAL VAL A . n 
A 1 82 ASP 82 82 82 ASP ASP A . n 
A 1 83 GLY 83 83 83 GLY GLY A . n 
A 1 84 LEU 84 84 84 LEU LEU A . n 
A 1 85 CYS 85 85 85 CYS CYS A . n 
A 1 86 ARG 86 86 86 ARG ARG A . n 
A 1 87 HIS 87 87 87 HIS HIS A . n 
A 1 88 PRO 88 88 88 PRO PRO A . n 
A 1 89 SER 89 89 89 SER SER A . n 
A 1 90 SER 90 90 90 SER SER A . n 
A 1 91 ILE 91 91 91 ILE ILE A . n 
A 1 92 HIS 92 92 92 HIS HIS A . n 
A 1 93 SER 93 93 93 SER SER A . n 
A 1 94 ASP 94 94 94 ASP ASP A . n 
A 1 95 ASP 95 95 95 ASP ASP A . n 
A 1 96 ARG 96 96 96 ARG ARG A . n 
B 1 1  MET 1  1  1  MET MET B . n 
B 1 2  LEU 2  2  2  LEU LEU B . n 
B 1 3  PHE 3  3  3  PHE PHE B . n 
B 1 4  HIS 4  4  4  HIS HIS B . n 
B 1 5  VAL 5  5  5  VAL VAL B . n 
B 1 6  LYS 6  6  6  LYS LYS B . n 
B 1 7  MET 7  7  7  MET MET B . n 
B 1 8  THR 8  8  8  THR THR B . n 
B 1 9  VAL 9  9  9  VAL VAL B . n 
B 1 10 LYS 10 10 10 LYS LYS B . n 
B 1 11 LEU 11 11 11 LEU LEU B . n 
B 1 12 PRO 12 12 12 PRO PRO B . n 
B 1 13 VAL 13 13 13 VAL VAL B . n 
B 1 14 ASP 14 14 14 ASP ASP B . n 
B 1 15 MET 15 15 15 MET MET B . n 
B 1 16 ASP 16 16 16 ASP ASP B . n 
B 1 17 PRO 17 17 17 PRO PRO B . n 
B 1 18 ALA 18 18 18 ALA ALA B . n 
B 1 19 LYS 19 19 19 LYS LYS B . n 
B 1 20 ALA 20 20 20 ALA ALA B . n 
B 1 21 THR 21 21 21 THR THR B . n 
B 1 22 GLN 22 22 22 GLN GLN B . n 
B 1 23 LEU 23 23 23 LEU LEU B . n 
B 1 24 LYS 24 24 24 LYS LYS B . n 
B 1 25 ALA 25 25 25 ALA ALA B . n 
B 1 26 ASP 26 26 26 ASP ASP B . n 
B 1 27 GLU 27 27 27 GLU GLU B . n 
B 1 28 LYS 28 28 28 LYS LYS B . n 
B 1 29 GLU 29 29 29 GLU GLU B . n 
B 1 30 LEU 30 30 30 LEU LEU B . n 
B 1 31 ALA 31 31 31 ALA ALA B . n 
B 1 32 GLN 32 32 32 GLN GLN B . n 
B 1 33 ARG 33 33 33 ARG ARG B . n 
B 1 34 LEU 34 34 34 LEU LEU B . n 
B 1 35 GLN 35 35 35 GLN GLN B . n 
B 1 36 ARG 36 36 36 ARG ARG B . n 
B 1 37 GLU 37 37 37 GLU GLU B . n 
B 1 38 GLY 38 38 38 GLY GLY B . n 
B 1 39 THR 39 39 39 THR THR B . n 
B 1 40 TRP 40 40 40 TRP TRP B . n 
B 1 41 ARG 41 41 41 ARG ARG B . n 
B 1 42 HIS 42 42 42 HIS HIS B . n 
B 1 43 LEU 43 43 43 LEU LEU B . n 
B 1 44 TRP 44 44 44 TRP TRP B . n 
B 1 45 ARG 45 45 45 ARG ARG B . n 
B 1 46 ILE 46 46 46 ILE ILE B . n 
B 1 47 ALA 47 47 47 ALA ALA B . n 
B 1 48 GLY 48 48 48 GLY GLY B . n 
B 1 49 HIS 49 49 49 HIS HIS B . n 
B 1 50 TYR 50 50 50 TYR TYR B . n 
B 1 51 ALA 51 51 51 ALA ALA B . n 
B 1 52 ASN 52 52 52 ASN ASN B . n 
B 1 53 TYR 53 53 53 TYR TYR B . n 
B 1 54 SER 54 54 54 SER SER B . n 
B 1 55 VAL 55 55 55 VAL VAL B . n 
B 1 56 PHE 56 56 56 PHE PHE B . n 
B 1 57 ASP 57 57 57 ASP ASP B . n 
B 1 58 VAL 58 58 58 VAL VAL B . n 
B 1 59 PRO 59 59 59 PRO PRO B . n 
B 1 60 SER 60 60 60 SER SER B . n 
B 1 61 VAL 61 61 61 VAL VAL B . n 
B 1 62 GLU 62 62 62 GLU GLU B . n 
B 1 63 ALA 63 63 63 ALA ALA B . n 
B 1 64 LEU 64 64 64 LEU LEU B . n 
B 1 65 HIS 65 65 65 HIS HIS B . n 
B 1 66 ASP 66 66 66 ASP ASP B . n 
B 1 67 THR 67 67 67 THR THR B . n 
B 1 68 LEU 68 68 68 LEU LEU B . n 
B 1 69 MET 69 69 69 MET MET B . n 
B 1 70 GLN 70 70 70 GLN GLN B . n 
B 1 71 LEU 71 71 71 LEU LEU B . n 
B 1 72 PRO 72 72 72 PRO PRO B . n 
B 1 73 LEU 73 73 73 LEU LEU B . n 
B 1 74 PHE 74 74 74 PHE PHE B . n 
B 1 75 PRO 75 75 75 PRO PRO B . n 
B 1 76 TYR 76 76 76 TYR TYR B . n 
B 1 77 MET 77 77 77 MET MET B . n 
B 1 78 ASP 78 78 78 ASP ASP B . n 
B 1 79 ILE 79 79 79 ILE ILE B . n 
B 1 80 GLU 80 80 80 GLU GLU B . n 
B 1 81 VAL 81 81 81 VAL VAL B . n 
B 1 82 ASP 82 82 82 ASP ASP B . n 
B 1 83 GLY 83 83 83 GLY GLY B . n 
B 1 84 LEU 84 84 84 LEU LEU B . n 
B 1 85 CYS 85 85 85 CYS CYS B . n 
B 1 86 ARG 86 86 86 ARG ARG B . n 
B 1 87 HIS 87 87 87 HIS HIS B . n 
B 1 88 PRO 88 88 88 PRO PRO B . n 
B 1 89 SER 89 89 89 SER SER B . n 
B 1 90 SER 90 90 90 SER SER B . n 
B 1 91 ILE 91 91 91 ILE ILE B . n 
B 1 92 HIS 92 92 92 HIS HIS B . n 
B 1 93 SER 93 93 93 SER SER B . n 
B 1 94 ASP 94 94 94 ASP ASP B . n 
B 1 95 ASP 95 95 95 ASP ASP B . n 
B 1 96 ARG 96 96 96 ARG ARG B . n 
C 1 1  MET 1  1  1  MET MET C . n 
C 1 2  LEU 2  2  2  LEU LEU C . n 
C 1 3  PHE 3  3  3  PHE PHE C . n 
C 1 4  HIS 4  4  4  HIS HIS C . n 
C 1 5  VAL 5  5  5  VAL VAL C . n 
C 1 6  LYS 6  6  6  LYS LYS C . n 
C 1 7  MET 7  7  7  MET MET C . n 
C 1 8  THR 8  8  8  THR THR C . n 
C 1 9  VAL 9  9  9  VAL VAL C . n 
C 1 10 LYS 10 10 10 LYS LYS C . n 
C 1 11 LEU 11 11 11 LEU LEU C . n 
C 1 12 PRO 12 12 12 PRO PRO C . n 
C 1 13 VAL 13 13 13 VAL VAL C . n 
C 1 14 ASP 14 14 14 ASP ASP C . n 
C 1 15 MET 15 15 15 MET MET C . n 
C 1 16 ASP 16 16 16 ASP ASP C . n 
C 1 17 PRO 17 17 17 PRO PRO C . n 
C 1 18 ALA 18 18 18 ALA ALA C . n 
C 1 19 LYS 19 19 19 LYS LYS C . n 
C 1 20 ALA 20 20 20 ALA ALA C . n 
C 1 21 THR 21 21 21 THR THR C . n 
C 1 22 GLN 22 22 22 GLN GLN C . n 
C 1 23 LEU 23 23 23 LEU LEU C . n 
C 1 24 LYS 24 24 24 LYS LYS C . n 
C 1 25 ALA 25 25 25 ALA ALA C . n 
C 1 26 ASP 26 26 26 ASP ASP C . n 
C 1 27 GLU 27 27 27 GLU GLU C . n 
C 1 28 LYS 28 28 28 LYS LYS C . n 
C 1 29 GLU 29 29 29 GLU GLU C . n 
C 1 30 LEU 30 30 30 LEU LEU C . n 
C 1 31 ALA 31 31 31 ALA ALA C . n 
C 1 32 GLN 32 32 32 GLN GLN C . n 
C 1 33 ARG 33 33 33 ARG ARG C . n 
C 1 34 LEU 34 34 34 LEU LEU C . n 
C 1 35 GLN 35 35 35 GLN GLN C . n 
C 1 36 ARG 36 36 36 ARG ARG C . n 
C 1 37 GLU 37 37 37 GLU GLU C . n 
C 1 38 GLY 38 38 38 GLY GLY C . n 
C 1 39 THR 39 39 39 THR THR C . n 
C 1 40 TRP 40 40 40 TRP TRP C . n 
C 1 41 ARG 41 41 41 ARG ARG C . n 
C 1 42 HIS 42 42 42 HIS HIS C . n 
C 1 43 LEU 43 43 43 LEU LEU C . n 
C 1 44 TRP 44 44 44 TRP TRP C . n 
C 1 45 ARG 45 45 45 ARG ARG C . n 
C 1 46 ILE 46 46 46 ILE ILE C . n 
C 1 47 ALA 47 47 47 ALA ALA C . n 
C 1 48 GLY 48 48 48 GLY GLY C . n 
C 1 49 HIS 49 49 49 HIS HIS C . n 
C 1 50 TYR 50 50 50 TYR TYR C . n 
C 1 51 ALA 51 51 51 ALA ALA C . n 
C 1 52 ASN 52 52 52 ASN ASN C . n 
C 1 53 TYR 53 53 53 TYR TYR C . n 
C 1 54 SER 54 54 54 SER SER C . n 
C 1 55 VAL 55 55 55 VAL VAL C . n 
C 1 56 PHE 56 56 56 PHE PHE C . n 
C 1 57 ASP 57 57 57 ASP ASP C . n 
C 1 58 VAL 58 58 58 VAL VAL C . n 
C 1 59 PRO 59 59 59 PRO PRO C . n 
C 1 60 SER 60 60 60 SER SER C . n 
C 1 61 VAL 61 61 61 VAL VAL C . n 
C 1 62 GLU 62 62 62 GLU GLU C . n 
C 1 63 ALA 63 63 63 ALA ALA C . n 
C 1 64 LEU 64 64 64 LEU LEU C . n 
C 1 65 HIS 65 65 65 HIS HIS C . n 
C 1 66 ASP 66 66 66 ASP ASP C . n 
C 1 67 THR 67 67 67 THR THR C . n 
C 1 68 LEU 68 68 68 LEU LEU C . n 
C 1 69 MET 69 69 69 MET MET C . n 
C 1 70 GLN 70 70 70 GLN GLN C . n 
C 1 71 LEU 71 71 71 LEU LEU C . n 
C 1 72 PRO 72 72 72 PRO PRO C . n 
C 1 73 LEU 73 73 73 LEU LEU C . n 
C 1 74 PHE 74 74 74 PHE PHE C . n 
C 1 75 PRO 75 75 75 PRO PRO C . n 
C 1 76 TYR 76 76 76 TYR TYR C . n 
C 1 77 MET 77 77 77 MET MET C . n 
C 1 78 ASP 78 78 78 ASP ASP C . n 
C 1 79 ILE 79 79 79 ILE ILE C . n 
C 1 80 GLU 80 80 80 GLU GLU C . n 
C 1 81 VAL 81 81 81 VAL VAL C . n 
C 1 82 ASP 82 82 82 ASP ASP C . n 
C 1 83 GLY 83 83 83 GLY GLY C . n 
C 1 84 LEU 84 84 84 LEU LEU C . n 
C 1 85 CYS 85 85 85 CYS CYS C . n 
C 1 86 ARG 86 86 86 ARG ARG C . n 
C 1 87 HIS 87 87 87 HIS HIS C . n 
C 1 88 PRO 88 88 88 PRO PRO C . n 
C 1 89 SER 89 89 89 SER SER C . n 
C 1 90 SER 90 90 90 SER SER C . n 
C 1 91 ILE 91 91 91 ILE ILE C . n 
C 1 92 HIS 92 92 92 HIS HIS C . n 
C 1 93 SER 93 93 93 SER SER C . n 
C 1 94 ASP 94 94 94 ASP ASP C . n 
C 1 95 ASP 95 95 95 ASP ASP C . n 
C 1 96 ARG 96 96 96 ARG ARG C . n 
D 1 1  MET 1  1  1  MET MET D . n 
D 1 2  LEU 2  2  2  LEU LEU D . n 
D 1 3  PHE 3  3  3  PHE PHE D . n 
D 1 4  HIS 4  4  4  HIS HIS D . n 
D 1 5  VAL 5  5  5  VAL VAL D . n 
D 1 6  LYS 6  6  6  LYS LYS D . n 
D 1 7  MET 7  7  7  MET MET D . n 
D 1 8  THR 8  8  8  THR THR D . n 
D 1 9  VAL 9  9  9  VAL VAL D . n 
D 1 10 LYS 10 10 10 LYS LYS D . n 
D 1 11 LEU 11 11 11 LEU LEU D . n 
D 1 12 PRO 12 12 12 PRO PRO D . n 
D 1 13 VAL 13 13 13 VAL VAL D . n 
D 1 14 ASP 14 14 14 ASP ASP D . n 
D 1 15 MET 15 15 15 MET MET D . n 
D 1 16 ASP 16 16 16 ASP ASP D . n 
D 1 17 PRO 17 17 17 PRO PRO D . n 
D 1 18 ALA 18 18 18 ALA ALA D . n 
D 1 19 LYS 19 19 19 LYS LYS D . n 
D 1 20 ALA 20 20 20 ALA ALA D . n 
D 1 21 THR 21 21 21 THR THR D . n 
D 1 22 GLN 22 22 22 GLN GLN D . n 
D 1 23 LEU 23 23 23 LEU LEU D . n 
D 1 24 LYS 24 24 24 LYS LYS D . n 
D 1 25 ALA 25 25 25 ALA ALA D . n 
D 1 26 ASP 26 26 26 ASP ASP D . n 
D 1 27 GLU 27 27 27 GLU GLU D . n 
D 1 28 LYS 28 28 28 LYS LYS D . n 
D 1 29 GLU 29 29 29 GLU GLU D . n 
D 1 30 LEU 30 30 30 LEU LEU D . n 
D 1 31 ALA 31 31 31 ALA ALA D . n 
D 1 32 GLN 32 32 32 GLN GLN D . n 
D 1 33 ARG 33 33 33 ARG ARG D . n 
D 1 34 LEU 34 34 34 LEU LEU D . n 
D 1 35 GLN 35 35 35 GLN GLN D . n 
D 1 36 ARG 36 36 36 ARG ARG D . n 
D 1 37 GLU 37 37 37 GLU GLU D . n 
D 1 38 GLY 38 38 38 GLY GLY D . n 
D 1 39 THR 39 39 39 THR THR D . n 
D 1 40 TRP 40 40 40 TRP TRP D . n 
D 1 41 ARG 41 41 41 ARG ARG D . n 
D 1 42 HIS 42 42 42 HIS HIS D . n 
D 1 43 LEU 43 43 43 LEU LEU D . n 
D 1 44 TRP 44 44 44 TRP TRP D . n 
D 1 45 ARG 45 45 45 ARG ARG D . n 
D 1 46 ILE 46 46 46 ILE ILE D . n 
D 1 47 ALA 47 47 47 ALA ALA D . n 
D 1 48 GLY 48 48 48 GLY GLY D . n 
D 1 49 HIS 49 49 49 HIS HIS D . n 
D 1 50 TYR 50 50 50 TYR TYR D . n 
D 1 51 ALA 51 51 51 ALA ALA D . n 
D 1 52 ASN 52 52 52 ASN ASN D . n 
D 1 53 TYR 53 53 53 TYR TYR D . n 
D 1 54 SER 54 54 54 SER SER D . n 
D 1 55 VAL 55 55 55 VAL VAL D . n 
D 1 56 PHE 56 56 56 PHE PHE D . n 
D 1 57 ASP 57 57 57 ASP ASP D . n 
D 1 58 VAL 58 58 58 VAL VAL D . n 
D 1 59 PRO 59 59 59 PRO PRO D . n 
D 1 60 SER 60 60 60 SER SER D . n 
D 1 61 VAL 61 61 61 VAL VAL D . n 
D 1 62 GLU 62 62 62 GLU GLU D . n 
D 1 63 ALA 63 63 63 ALA ALA D . n 
D 1 64 LEU 64 64 64 LEU LEU D . n 
D 1 65 HIS 65 65 65 HIS HIS D . n 
D 1 66 ASP 66 66 66 ASP ASP D . n 
D 1 67 THR 67 67 67 THR THR D . n 
D 1 68 LEU 68 68 68 LEU LEU D . n 
D 1 69 MET 69 69 69 MET MET D . n 
D 1 70 GLN 70 70 70 GLN GLN D . n 
D 1 71 LEU 71 71 71 LEU LEU D . n 
D 1 72 PRO 72 72 72 PRO PRO D . n 
D 1 73 LEU 73 73 73 LEU LEU D . n 
D 1 74 PHE 74 74 74 PHE PHE D . n 
D 1 75 PRO 75 75 75 PRO PRO D . n 
D 1 76 TYR 76 76 76 TYR TYR D . n 
D 1 77 MET 77 77 77 MET MET D . n 
D 1 78 ASP 78 78 78 ASP ASP D . n 
D 1 79 ILE 79 79 79 ILE ILE D . n 
D 1 80 GLU 80 80 80 GLU GLU D . n 
D 1 81 VAL 81 81 81 VAL VAL D . n 
D 1 82 ASP 82 82 82 ASP ASP D . n 
D 1 83 GLY 83 83 83 GLY GLY D . n 
D 1 84 LEU 84 84 84 LEU LEU D . n 
D 1 85 CYS 85 85 85 CYS CYS D . n 
D 1 86 ARG 86 86 86 ARG ARG D . n 
D 1 87 HIS 87 87 87 HIS HIS D . n 
D 1 88 PRO 88 88 88 PRO PRO D . n 
D 1 89 SER 89 89 89 SER SER D . n 
D 1 90 SER 90 90 90 SER SER D . n 
D 1 91 ILE 91 91 91 ILE ILE D . n 
D 1 92 HIS 92 92 92 HIS HIS D . n 
D 1 93 SER 93 93 93 SER SER D . n 
D 1 94 ASP 94 94 94 ASP ASP D . n 
D 1 95 ASP 95 95 95 ASP ASP D . n 
D 1 96 ARG 96 96 96 ARG ARG D . n 
E 1 1  MET 1  1  1  MET MET E . n 
E 1 2  LEU 2  2  2  LEU LEU E . n 
E 1 3  PHE 3  3  3  PHE PHE E . n 
E 1 4  HIS 4  4  4  HIS HIS E . n 
E 1 5  VAL 5  5  5  VAL VAL E . n 
E 1 6  LYS 6  6  6  LYS LYS E . n 
E 1 7  MET 7  7  7  MET MET E . n 
E 1 8  THR 8  8  8  THR THR E . n 
E 1 9  VAL 9  9  9  VAL VAL E . n 
E 1 10 LYS 10 10 10 LYS LYS E . n 
E 1 11 LEU 11 11 11 LEU LEU E . n 
E 1 12 PRO 12 12 12 PRO PRO E . n 
E 1 13 VAL 13 13 13 VAL VAL E . n 
E 1 14 ASP 14 14 14 ASP ASP E . n 
E 1 15 MET 15 15 15 MET MET E . n 
E 1 16 ASP 16 16 16 ASP ASP E . n 
E 1 17 PRO 17 17 17 PRO PRO E . n 
E 1 18 ALA 18 18 18 ALA ALA E . n 
E 1 19 LYS 19 19 19 LYS LYS E . n 
E 1 20 ALA 20 20 20 ALA ALA E . n 
E 1 21 THR 21 21 21 THR THR E . n 
E 1 22 GLN 22 22 22 GLN GLN E . n 
E 1 23 LEU 23 23 23 LEU LEU E . n 
E 1 24 LYS 24 24 24 LYS LYS E . n 
E 1 25 ALA 25 25 25 ALA ALA E . n 
E 1 26 ASP 26 26 26 ASP ASP E . n 
E 1 27 GLU 27 27 27 GLU GLU E . n 
E 1 28 LYS 28 28 28 LYS LYS E . n 
E 1 29 GLU 29 29 29 GLU GLU E . n 
E 1 30 LEU 30 30 30 LEU LEU E . n 
E 1 31 ALA 31 31 31 ALA ALA E . n 
E 1 32 GLN 32 32 32 GLN GLN E . n 
E 1 33 ARG 33 33 33 ARG ARG E . n 
E 1 34 LEU 34 34 34 LEU LEU E . n 
E 1 35 GLN 35 35 35 GLN GLN E . n 
E 1 36 ARG 36 36 36 ARG ARG E . n 
E 1 37 GLU 37 37 37 GLU GLU E . n 
E 1 38 GLY 38 38 38 GLY GLY E . n 
E 1 39 THR 39 39 39 THR THR E . n 
E 1 40 TRP 40 40 40 TRP TRP E . n 
E 1 41 ARG 41 41 41 ARG ARG E . n 
E 1 42 HIS 42 42 42 HIS HIS E . n 
E 1 43 LEU 43 43 43 LEU LEU E . n 
E 1 44 TRP 44 44 44 TRP TRP E . n 
E 1 45 ARG 45 45 45 ARG ARG E . n 
E 1 46 ILE 46 46 46 ILE ILE E . n 
E 1 47 ALA 47 47 47 ALA ALA E . n 
E 1 48 GLY 48 48 48 GLY GLY E . n 
E 1 49 HIS 49 49 49 HIS HIS E . n 
E 1 50 TYR 50 50 50 TYR TYR E . n 
E 1 51 ALA 51 51 51 ALA ALA E . n 
E 1 52 ASN 52 52 52 ASN ASN E . n 
E 1 53 TYR 53 53 53 TYR TYR E . n 
E 1 54 SER 54 54 54 SER SER E . n 
E 1 55 VAL 55 55 55 VAL VAL E . n 
E 1 56 PHE 56 56 56 PHE PHE E . n 
E 1 57 ASP 57 57 57 ASP ASP E . n 
E 1 58 VAL 58 58 58 VAL VAL E . n 
E 1 59 PRO 59 59 59 PRO PRO E . n 
E 1 60 SER 60 60 60 SER SER E . n 
E 1 61 VAL 61 61 61 VAL VAL E . n 
E 1 62 GLU 62 62 62 GLU GLU E . n 
E 1 63 ALA 63 63 63 ALA ALA E . n 
E 1 64 LEU 64 64 64 LEU LEU E . n 
E 1 65 HIS 65 65 65 HIS HIS E . n 
E 1 66 ASP 66 66 66 ASP ASP E . n 
E 1 67 THR 67 67 67 THR THR E . n 
E 1 68 LEU 68 68 68 LEU LEU E . n 
E 1 69 MET 69 69 69 MET MET E . n 
E 1 70 GLN 70 70 70 GLN GLN E . n 
E 1 71 LEU 71 71 71 LEU LEU E . n 
E 1 72 PRO 72 72 72 PRO PRO E . n 
E 1 73 LEU 73 73 73 LEU LEU E . n 
E 1 74 PHE 74 74 74 PHE PHE E . n 
E 1 75 PRO 75 75 75 PRO PRO E . n 
E 1 76 TYR 76 76 76 TYR TYR E . n 
E 1 77 MET 77 77 77 MET MET E . n 
E 1 78 ASP 78 78 78 ASP ASP E . n 
E 1 79 ILE 79 79 79 ILE ILE E . n 
E 1 80 GLU 80 80 80 GLU GLU E . n 
E 1 81 VAL 81 81 81 VAL VAL E . n 
E 1 82 ASP 82 82 82 ASP ASP E . n 
E 1 83 GLY 83 83 83 GLY GLY E . n 
E 1 84 LEU 84 84 84 LEU LEU E . n 
E 1 85 CYS 85 85 85 CYS CYS E . n 
E 1 86 ARG 86 86 86 ARG ARG E . n 
E 1 87 HIS 87 87 87 HIS HIS E . n 
E 1 88 PRO 88 88 88 PRO PRO E . n 
E 1 89 SER 89 89 89 SER SER E . n 
E 1 90 SER 90 90 90 SER SER E . n 
E 1 91 ILE 91 91 91 ILE ILE E . n 
E 1 92 HIS 92 92 92 HIS HIS E . n 
E 1 93 SER 93 93 93 SER SER E . n 
E 1 94 ASP 94 94 94 ASP ASP E . n 
E 1 95 ASP 95 95 95 ASP ASP E . n 
E 1 96 ARG 96 96 96 ARG ARG E . n 
F 1 1  MET 1  1  1  MET MET F . n 
F 1 2  LEU 2  2  2  LEU LEU F . n 
F 1 3  PHE 3  3  3  PHE PHE F . n 
F 1 4  HIS 4  4  4  HIS HIS F . n 
F 1 5  VAL 5  5  5  VAL VAL F . n 
F 1 6  LYS 6  6  6  LYS LYS F . n 
F 1 7  MET 7  7  7  MET MET F . n 
F 1 8  THR 8  8  8  THR THR F . n 
F 1 9  VAL 9  9  9  VAL VAL F . n 
F 1 10 LYS 10 10 10 LYS LYS F . n 
F 1 11 LEU 11 11 11 LEU LEU F . n 
F 1 12 PRO 12 12 12 PRO PRO F . n 
F 1 13 VAL 13 13 13 VAL VAL F . n 
F 1 14 ASP 14 14 14 ASP ASP F . n 
F 1 15 MET 15 15 15 MET MET F . n 
F 1 16 ASP 16 16 16 ASP ASP F . n 
F 1 17 PRO 17 17 17 PRO PRO F . n 
F 1 18 ALA 18 18 18 ALA ALA F . n 
F 1 19 LYS 19 19 19 LYS LYS F . n 
F 1 20 ALA 20 20 20 ALA ALA F . n 
F 1 21 THR 21 21 21 THR THR F . n 
F 1 22 GLN 22 22 22 GLN GLN F . n 
F 1 23 LEU 23 23 23 LEU LEU F . n 
F 1 24 LYS 24 24 24 LYS LYS F . n 
F 1 25 ALA 25 25 25 ALA ALA F . n 
F 1 26 ASP 26 26 26 ASP ASP F . n 
F 1 27 GLU 27 27 27 GLU GLU F . n 
F 1 28 LYS 28 28 28 LYS LYS F . n 
F 1 29 GLU 29 29 29 GLU GLU F . n 
F 1 30 LEU 30 30 30 LEU LEU F . n 
F 1 31 ALA 31 31 31 ALA ALA F . n 
F 1 32 GLN 32 32 32 GLN GLN F . n 
F 1 33 ARG 33 33 33 ARG ARG F . n 
F 1 34 LEU 34 34 34 LEU LEU F . n 
F 1 35 GLN 35 35 35 GLN GLN F . n 
F 1 36 ARG 36 36 36 ARG ARG F . n 
F 1 37 GLU 37 37 37 GLU GLU F . n 
F 1 38 GLY 38 38 38 GLY GLY F . n 
F 1 39 THR 39 39 39 THR THR F . n 
F 1 40 TRP 40 40 40 TRP TRP F . n 
F 1 41 ARG 41 41 41 ARG ARG F . n 
F 1 42 HIS 42 42 42 HIS HIS F . n 
F 1 43 LEU 43 43 43 LEU LEU F . n 
F 1 44 TRP 44 44 44 TRP TRP F . n 
F 1 45 ARG 45 45 45 ARG ARG F . n 
F 1 46 ILE 46 46 46 ILE ILE F . n 
F 1 47 ALA 47 47 47 ALA ALA F . n 
F 1 48 GLY 48 48 48 GLY GLY F . n 
F 1 49 HIS 49 49 49 HIS HIS F . n 
F 1 50 TYR 50 50 50 TYR TYR F . n 
F 1 51 ALA 51 51 51 ALA ALA F . n 
F 1 52 ASN 52 52 52 ASN ASN F . n 
F 1 53 TYR 53 53 53 TYR TYR F . n 
F 1 54 SER 54 54 54 SER SER F . n 
F 1 55 VAL 55 55 55 VAL VAL F . n 
F 1 56 PHE 56 56 56 PHE PHE F . n 
F 1 57 ASP 57 57 57 ASP ASP F . n 
F 1 58 VAL 58 58 58 VAL VAL F . n 
F 1 59 PRO 59 59 59 PRO PRO F . n 
F 1 60 SER 60 60 60 SER SER F . n 
F 1 61 VAL 61 61 61 VAL VAL F . n 
F 1 62 GLU 62 62 62 GLU GLU F . n 
F 1 63 ALA 63 63 63 ALA ALA F . n 
F 1 64 LEU 64 64 64 LEU LEU F . n 
F 1 65 HIS 65 65 65 HIS HIS F . n 
F 1 66 ASP 66 66 66 ASP ASP F . n 
F 1 67 THR 67 67 67 THR THR F . n 
F 1 68 LEU 68 68 68 LEU LEU F . n 
F 1 69 MET 69 69 69 MET MET F . n 
F 1 70 GLN 70 70 70 GLN GLN F . n 
F 1 71 LEU 71 71 71 LEU LEU F . n 
F 1 72 PRO 72 72 72 PRO PRO F . n 
F 1 73 LEU 73 73 73 LEU LEU F . n 
F 1 74 PHE 74 74 74 PHE PHE F . n 
F 1 75 PRO 75 75 75 PRO PRO F . n 
F 1 76 TYR 76 76 76 TYR TYR F . n 
F 1 77 MET 77 77 77 MET MET F . n 
F 1 78 ASP 78 78 78 ASP ASP F . n 
F 1 79 ILE 79 79 79 ILE ILE F . n 
F 1 80 GLU 80 80 80 GLU GLU F . n 
F 1 81 VAL 81 81 81 VAL VAL F . n 
F 1 82 ASP 82 82 82 ASP ASP F . n 
F 1 83 GLY 83 83 83 GLY GLY F . n 
F 1 84 LEU 84 84 84 LEU LEU F . n 
F 1 85 CYS 85 85 85 CYS CYS F . n 
F 1 86 ARG 86 86 86 ARG ARG F . n 
F 1 87 HIS 87 87 87 HIS HIS F . n 
F 1 88 PRO 88 88 88 PRO PRO F . n 
F 1 89 SER 89 89 89 SER SER F . n 
F 1 90 SER 90 90 90 SER SER F . n 
F 1 91 ILE 91 91 91 ILE ILE F . n 
F 1 92 HIS 92 92 92 HIS HIS F . n 
F 1 93 SER 93 93 93 SER SER F . n 
F 1 94 ASP 94 94 94 ASP ASP F . n 
F 1 95 ASP 95 95 95 ASP ASP F . n 
F 1 96 ARG 96 96 96 ARG ARG F . n 
G 1 1  MET 1  1  1  MET MET G . n 
G 1 2  LEU 2  2  2  LEU LEU G . n 
G 1 3  PHE 3  3  3  PHE PHE G . n 
G 1 4  HIS 4  4  4  HIS HIS G . n 
G 1 5  VAL 5  5  5  VAL VAL G . n 
G 1 6  LYS 6  6  6  LYS LYS G . n 
G 1 7  MET 7  7  7  MET MET G . n 
G 1 8  THR 8  8  8  THR THR G . n 
G 1 9  VAL 9  9  9  VAL VAL G . n 
G 1 10 LYS 10 10 10 LYS LYS G . n 
G 1 11 LEU 11 11 11 LEU LEU G . n 
G 1 12 PRO 12 12 12 PRO PRO G . n 
G 1 13 VAL 13 13 13 VAL VAL G . n 
G 1 14 ASP 14 14 14 ASP ASP G . n 
G 1 15 MET 15 15 15 MET MET G . n 
G 1 16 ASP 16 16 16 ASP ASP G . n 
G 1 17 PRO 17 17 17 PRO PRO G . n 
G 1 18 ALA 18 18 18 ALA ALA G . n 
G 1 19 LYS 19 19 19 LYS LYS G . n 
G 1 20 ALA 20 20 20 ALA ALA G . n 
G 1 21 THR 21 21 21 THR THR G . n 
G 1 22 GLN 22 22 22 GLN GLN G . n 
G 1 23 LEU 23 23 23 LEU LEU G . n 
G 1 24 LYS 24 24 24 LYS LYS G . n 
G 1 25 ALA 25 25 25 ALA ALA G . n 
G 1 26 ASP 26 26 26 ASP ASP G . n 
G 1 27 GLU 27 27 27 GLU GLU G . n 
G 1 28 LYS 28 28 28 LYS LYS G . n 
G 1 29 GLU 29 29 29 GLU GLU G . n 
G 1 30 LEU 30 30 30 LEU LEU G . n 
G 1 31 ALA 31 31 31 ALA ALA G . n 
G 1 32 GLN 32 32 32 GLN GLN G . n 
G 1 33 ARG 33 33 33 ARG ARG G . n 
G 1 34 LEU 34 34 34 LEU LEU G . n 
G 1 35 GLN 35 35 35 GLN GLN G . n 
G 1 36 ARG 36 36 36 ARG ARG G . n 
G 1 37 GLU 37 37 37 GLU GLU G . n 
G 1 38 GLY 38 38 38 GLY GLY G . n 
G 1 39 THR 39 39 39 THR THR G . n 
G 1 40 TRP 40 40 40 TRP TRP G . n 
G 1 41 ARG 41 41 41 ARG ARG G . n 
G 1 42 HIS 42 42 42 HIS HIS G . n 
G 1 43 LEU 43 43 43 LEU LEU G . n 
G 1 44 TRP 44 44 44 TRP TRP G . n 
G 1 45 ARG 45 45 45 ARG ARG G . n 
G 1 46 ILE 46 46 46 ILE ILE G . n 
G 1 47 ALA 47 47 47 ALA ALA G . n 
G 1 48 GLY 48 48 48 GLY GLY G . n 
G 1 49 HIS 49 49 49 HIS HIS G . n 
G 1 50 TYR 50 50 50 TYR TYR G . n 
G 1 51 ALA 51 51 51 ALA ALA G . n 
G 1 52 ASN 52 52 52 ASN ASN G . n 
G 1 53 TYR 53 53 53 TYR TYR G . n 
G 1 54 SER 54 54 54 SER SER G . n 
G 1 55 VAL 55 55 55 VAL VAL G . n 
G 1 56 PHE 56 56 56 PHE PHE G . n 
G 1 57 ASP 57 57 57 ASP ASP G . n 
G 1 58 VAL 58 58 58 VAL VAL G . n 
G 1 59 PRO 59 59 59 PRO PRO G . n 
G 1 60 SER 60 60 60 SER SER G . n 
G 1 61 VAL 61 61 61 VAL VAL G . n 
G 1 62 GLU 62 62 62 GLU GLU G . n 
G 1 63 ALA 63 63 63 ALA ALA G . n 
G 1 64 LEU 64 64 64 LEU LEU G . n 
G 1 65 HIS 65 65 65 HIS HIS G . n 
G 1 66 ASP 66 66 66 ASP ASP G . n 
G 1 67 THR 67 67 67 THR THR G . n 
G 1 68 LEU 68 68 68 LEU LEU G . n 
G 1 69 MET 69 69 69 MET MET G . n 
G 1 70 GLN 70 70 70 GLN GLN G . n 
G 1 71 LEU 71 71 71 LEU LEU G . n 
G 1 72 PRO 72 72 72 PRO PRO G . n 
G 1 73 LEU 73 73 73 LEU LEU G . n 
G 1 74 PHE 74 74 74 PHE PHE G . n 
G 1 75 PRO 75 75 75 PRO PRO G . n 
G 1 76 TYR 76 76 76 TYR TYR G . n 
G 1 77 MET 77 77 77 MET MET G . n 
G 1 78 ASP 78 78 78 ASP ASP G . n 
G 1 79 ILE 79 79 79 ILE ILE G . n 
G 1 80 GLU 80 80 80 GLU GLU G . n 
G 1 81 VAL 81 81 81 VAL VAL G . n 
G 1 82 ASP 82 82 82 ASP ASP G . n 
G 1 83 GLY 83 83 83 GLY GLY G . n 
G 1 84 LEU 84 84 84 LEU LEU G . n 
G 1 85 CYS 85 85 85 CYS CYS G . n 
G 1 86 ARG 86 86 86 ARG ARG G . n 
G 1 87 HIS 87 87 87 HIS HIS G . n 
G 1 88 PRO 88 88 88 PRO PRO G . n 
G 1 89 SER 89 89 89 SER SER G . n 
G 1 90 SER 90 90 90 SER SER G . n 
G 1 91 ILE 91 91 91 ILE ILE G . n 
G 1 92 HIS 92 92 92 HIS HIS G . n 
G 1 93 SER 93 93 93 SER SER G . n 
G 1 94 ASP 94 94 94 ASP ASP G . n 
G 1 95 ASP 95 95 95 ASP ASP G . n 
G 1 96 ARG 96 96 96 ARG ARG G . n 
H 1 1  MET 1  1  1  MET MET H . n 
H 1 2  LEU 2  2  2  LEU LEU H . n 
H 1 3  PHE 3  3  3  PHE PHE H . n 
H 1 4  HIS 4  4  4  HIS HIS H . n 
H 1 5  VAL 5  5  5  VAL VAL H . n 
H 1 6  LYS 6  6  6  LYS LYS H . n 
H 1 7  MET 7  7  7  MET MET H . n 
H 1 8  THR 8  8  8  THR THR H . n 
H 1 9  VAL 9  9  9  VAL VAL H . n 
H 1 10 LYS 10 10 10 LYS LYS H . n 
H 1 11 LEU 11 11 11 LEU LEU H . n 
H 1 12 PRO 12 12 12 PRO PRO H . n 
H 1 13 VAL 13 13 13 VAL VAL H . n 
H 1 14 ASP 14 14 14 ASP ASP H . n 
H 1 15 MET 15 15 15 MET MET H . n 
H 1 16 ASP 16 16 16 ASP ASP H . n 
H 1 17 PRO 17 17 17 PRO PRO H . n 
H 1 18 ALA 18 18 18 ALA ALA H . n 
H 1 19 LYS 19 19 19 LYS LYS H . n 
H 1 20 ALA 20 20 20 ALA ALA H . n 
H 1 21 THR 21 21 21 THR THR H . n 
H 1 22 GLN 22 22 22 GLN GLN H . n 
H 1 23 LEU 23 23 23 LEU LEU H . n 
H 1 24 LYS 24 24 24 LYS LYS H . n 
H 1 25 ALA 25 25 25 ALA ALA H . n 
H 1 26 ASP 26 26 26 ASP ASP H . n 
H 1 27 GLU 27 27 27 GLU GLU H . n 
H 1 28 LYS 28 28 28 LYS LYS H . n 
H 1 29 GLU 29 29 29 GLU GLU H . n 
H 1 30 LEU 30 30 30 LEU LEU H . n 
H 1 31 ALA 31 31 31 ALA ALA H . n 
H 1 32 GLN 32 32 32 GLN GLN H . n 
H 1 33 ARG 33 33 33 ARG ARG H . n 
H 1 34 LEU 34 34 34 LEU LEU H . n 
H 1 35 GLN 35 35 35 GLN GLN H . n 
H 1 36 ARG 36 36 36 ARG ARG H . n 
H 1 37 GLU 37 37 37 GLU GLU H . n 
H 1 38 GLY 38 38 38 GLY GLY H . n 
H 1 39 THR 39 39 39 THR THR H . n 
H 1 40 TRP 40 40 40 TRP TRP H . n 
H 1 41 ARG 41 41 41 ARG ARG H . n 
H 1 42 HIS 42 42 42 HIS HIS H . n 
H 1 43 LEU 43 43 43 LEU LEU H . n 
H 1 44 TRP 44 44 44 TRP TRP H . n 
H 1 45 ARG 45 45 45 ARG ARG H . n 
H 1 46 ILE 46 46 46 ILE ILE H . n 
H 1 47 ALA 47 47 47 ALA ALA H . n 
H 1 48 GLY 48 48 48 GLY GLY H . n 
H 1 49 HIS 49 49 49 HIS HIS H . n 
H 1 50 TYR 50 50 50 TYR TYR H . n 
H 1 51 ALA 51 51 51 ALA ALA H . n 
H 1 52 ASN 52 52 52 ASN ASN H . n 
H 1 53 TYR 53 53 53 TYR TYR H . n 
H 1 54 SER 54 54 54 SER SER H . n 
H 1 55 VAL 55 55 55 VAL VAL H . n 
H 1 56 PHE 56 56 56 PHE PHE H . n 
H 1 57 ASP 57 57 57 ASP ASP H . n 
H 1 58 VAL 58 58 58 VAL VAL H . n 
H 1 59 PRO 59 59 59 PRO PRO H . n 
H 1 60 SER 60 60 60 SER SER H . n 
H 1 61 VAL 61 61 61 VAL VAL H . n 
H 1 62 GLU 62 62 62 GLU GLU H . n 
H 1 63 ALA 63 63 63 ALA ALA H . n 
H 1 64 LEU 64 64 64 LEU LEU H . n 
H 1 65 HIS 65 65 65 HIS HIS H . n 
H 1 66 ASP 66 66 66 ASP ASP H . n 
H 1 67 THR 67 67 67 THR THR H . n 
H 1 68 LEU 68 68 68 LEU LEU H . n 
H 1 69 MET 69 69 69 MET MET H . n 
H 1 70 GLN 70 70 70 GLN GLN H . n 
H 1 71 LEU 71 71 71 LEU LEU H . n 
H 1 72 PRO 72 72 72 PRO PRO H . n 
H 1 73 LEU 73 73 73 LEU LEU H . n 
H 1 74 PHE 74 74 74 PHE PHE H . n 
H 1 75 PRO 75 75 75 PRO PRO H . n 
H 1 76 TYR 76 76 76 TYR TYR H . n 
H 1 77 MET 77 77 77 MET MET H . n 
H 1 78 ASP 78 78 78 ASP ASP H . n 
H 1 79 ILE 79 79 79 ILE ILE H . n 
H 1 80 GLU 80 80 80 GLU GLU H . n 
H 1 81 VAL 81 81 81 VAL VAL H . n 
H 1 82 ASP 82 82 82 ASP ASP H . n 
H 1 83 GLY 83 83 83 GLY GLY H . n 
H 1 84 LEU 84 84 84 LEU LEU H . n 
H 1 85 CYS 85 85 85 CYS CYS H . n 
H 1 86 ARG 86 86 86 ARG ARG H . n 
H 1 87 HIS 87 87 87 HIS HIS H . n 
H 1 88 PRO 88 88 88 PRO PRO H . n 
H 1 89 SER 89 89 89 SER SER H . n 
H 1 90 SER 90 90 90 SER SER H . n 
H 1 91 ILE 91 91 91 ILE ILE H . n 
H 1 92 HIS 92 92 92 HIS HIS H . n 
H 1 93 SER 93 93 93 SER SER H . n 
H 1 94 ASP 94 94 94 ASP ASP H . n 
H 1 95 ASP 95 95 95 ASP ASP H . n 
H 1 96 ARG 96 96 96 ARG ARG H . n 
I 1 1  MET 1  1  1  MET MET I . n 
I 1 2  LEU 2  2  2  LEU LEU I . n 
I 1 3  PHE 3  3  3  PHE PHE I . n 
I 1 4  HIS 4  4  4  HIS HIS I . n 
I 1 5  VAL 5  5  5  VAL VAL I . n 
I 1 6  LYS 6  6  6  LYS LYS I . n 
I 1 7  MET 7  7  7  MET MET I . n 
I 1 8  THR 8  8  8  THR THR I . n 
I 1 9  VAL 9  9  9  VAL VAL I . n 
I 1 10 LYS 10 10 10 LYS LYS I . n 
I 1 11 LEU 11 11 11 LEU LEU I . n 
I 1 12 PRO 12 12 12 PRO PRO I . n 
I 1 13 VAL 13 13 13 VAL VAL I . n 
I 1 14 ASP 14 14 14 ASP ASP I . n 
I 1 15 MET 15 15 15 MET MET I . n 
I 1 16 ASP 16 16 16 ASP ASP I . n 
I 1 17 PRO 17 17 17 PRO PRO I . n 
I 1 18 ALA 18 18 18 ALA ALA I . n 
I 1 19 LYS 19 19 19 LYS LYS I . n 
I 1 20 ALA 20 20 20 ALA ALA I . n 
I 1 21 THR 21 21 21 THR THR I . n 
I 1 22 GLN 22 22 22 GLN GLN I . n 
I 1 23 LEU 23 23 23 LEU LEU I . n 
I 1 24 LYS 24 24 24 LYS LYS I . n 
I 1 25 ALA 25 25 25 ALA ALA I . n 
I 1 26 ASP 26 26 26 ASP ASP I . n 
I 1 27 GLU 27 27 27 GLU GLU I . n 
I 1 28 LYS 28 28 28 LYS LYS I . n 
I 1 29 GLU 29 29 29 GLU GLU I . n 
I 1 30 LEU 30 30 30 LEU LEU I . n 
I 1 31 ALA 31 31 31 ALA ALA I . n 
I 1 32 GLN 32 32 32 GLN GLN I . n 
I 1 33 ARG 33 33 33 ARG ARG I . n 
I 1 34 LEU 34 34 34 LEU LEU I . n 
I 1 35 GLN 35 35 35 GLN GLN I . n 
I 1 36 ARG 36 36 36 ARG ARG I . n 
I 1 37 GLU 37 37 37 GLU GLU I . n 
I 1 38 GLY 38 38 38 GLY GLY I . n 
I 1 39 THR 39 39 39 THR THR I . n 
I 1 40 TRP 40 40 40 TRP TRP I . n 
I 1 41 ARG 41 41 41 ARG ARG I . n 
I 1 42 HIS 42 42 42 HIS HIS I . n 
I 1 43 LEU 43 43 43 LEU LEU I . n 
I 1 44 TRP 44 44 44 TRP TRP I . n 
I 1 45 ARG 45 45 45 ARG ARG I . n 
I 1 46 ILE 46 46 46 ILE ILE I . n 
I 1 47 ALA 47 47 47 ALA ALA I . n 
I 1 48 GLY 48 48 48 GLY GLY I . n 
I 1 49 HIS 49 49 49 HIS HIS I . n 
I 1 50 TYR 50 50 50 TYR TYR I . n 
I 1 51 ALA 51 51 51 ALA ALA I . n 
I 1 52 ASN 52 52 52 ASN ASN I . n 
I 1 53 TYR 53 53 53 TYR TYR I . n 
I 1 54 SER 54 54 54 SER SER I . n 
I 1 55 VAL 55 55 55 VAL VAL I . n 
I 1 56 PHE 56 56 56 PHE PHE I . n 
I 1 57 ASP 57 57 57 ASP ASP I . n 
I 1 58 VAL 58 58 58 VAL VAL I . n 
I 1 59 PRO 59 59 59 PRO PRO I . n 
I 1 60 SER 60 60 60 SER SER I . n 
I 1 61 VAL 61 61 61 VAL VAL I . n 
I 1 62 GLU 62 62 62 GLU GLU I . n 
I 1 63 ALA 63 63 63 ALA ALA I . n 
I 1 64 LEU 64 64 64 LEU LEU I . n 
I 1 65 HIS 65 65 65 HIS HIS I . n 
I 1 66 ASP 66 66 66 ASP ASP I . n 
I 1 67 THR 67 67 67 THR THR I . n 
I 1 68 LEU 68 68 68 LEU LEU I . n 
I 1 69 MET 69 69 69 MET MET I . n 
I 1 70 GLN 70 70 70 GLN GLN I . n 
I 1 71 LEU 71 71 71 LEU LEU I . n 
I 1 72 PRO 72 72 72 PRO PRO I . n 
I 1 73 LEU 73 73 73 LEU LEU I . n 
I 1 74 PHE 74 74 74 PHE PHE I . n 
I 1 75 PRO 75 75 75 PRO PRO I . n 
I 1 76 TYR 76 76 76 TYR TYR I . n 
I 1 77 MET 77 77 77 MET MET I . n 
I 1 78 ASP 78 78 78 ASP ASP I . n 
I 1 79 ILE 79 79 79 ILE ILE I . n 
I 1 80 GLU 80 80 80 GLU GLU I . n 
I 1 81 VAL 81 81 81 VAL VAL I . n 
I 1 82 ASP 82 82 82 ASP ASP I . n 
I 1 83 GLY 83 83 83 GLY GLY I . n 
I 1 84 LEU 84 84 84 LEU LEU I . n 
I 1 85 CYS 85 85 85 CYS CYS I . n 
I 1 86 ARG 86 86 86 ARG ARG I . n 
I 1 87 HIS 87 87 87 HIS HIS I . n 
I 1 88 PRO 88 88 88 PRO PRO I . n 
I 1 89 SER 89 89 89 SER SER I . n 
I 1 90 SER 90 90 90 SER SER I . n 
I 1 91 ILE 91 91 91 ILE ILE I . n 
I 1 92 HIS 92 92 92 HIS HIS I . n 
I 1 93 SER 93 93 93 SER SER I . n 
I 1 94 ASP 94 94 94 ASP ASP I . n 
I 1 95 ASP 95 95 95 ASP ASP I . n 
I 1 96 ARG 96 96 96 ARG ARG I . n 
J 1 1  MET 1  1  1  MET MET J . n 
J 1 2  LEU 2  2  2  LEU LEU J . n 
J 1 3  PHE 3  3  3  PHE PHE J . n 
J 1 4  HIS 4  4  4  HIS HIS J . n 
J 1 5  VAL 5  5  5  VAL VAL J . n 
J 1 6  LYS 6  6  6  LYS LYS J . n 
J 1 7  MET 7  7  7  MET MET J . n 
J 1 8  THR 8  8  8  THR THR J . n 
J 1 9  VAL 9  9  9  VAL VAL J . n 
J 1 10 LYS 10 10 10 LYS LYS J . n 
J 1 11 LEU 11 11 11 LEU LEU J . n 
J 1 12 PRO 12 12 12 PRO PRO J . n 
J 1 13 VAL 13 13 13 VAL VAL J . n 
J 1 14 ASP 14 14 14 ASP ASP J . n 
J 1 15 MET 15 15 15 MET MET J . n 
J 1 16 ASP 16 16 16 ASP ASP J . n 
J 1 17 PRO 17 17 17 PRO PRO J . n 
J 1 18 ALA 18 18 18 ALA ALA J . n 
J 1 19 LYS 19 19 19 LYS LYS J . n 
J 1 20 ALA 20 20 20 ALA ALA J . n 
J 1 21 THR 21 21 21 THR THR J . n 
J 1 22 GLN 22 22 22 GLN GLN J . n 
J 1 23 LEU 23 23 23 LEU LEU J . n 
J 1 24 LYS 24 24 24 LYS LYS J . n 
J 1 25 ALA 25 25 25 ALA ALA J . n 
J 1 26 ASP 26 26 26 ASP ASP J . n 
J 1 27 GLU 27 27 27 GLU GLU J . n 
J 1 28 LYS 28 28 28 LYS LYS J . n 
J 1 29 GLU 29 29 29 GLU GLU J . n 
J 1 30 LEU 30 30 30 LEU LEU J . n 
J 1 31 ALA 31 31 31 ALA ALA J . n 
J 1 32 GLN 32 32 32 GLN GLN J . n 
J 1 33 ARG 33 33 33 ARG ARG J . n 
J 1 34 LEU 34 34 34 LEU LEU J . n 
J 1 35 GLN 35 35 35 GLN GLN J . n 
J 1 36 ARG 36 36 36 ARG ARG J . n 
J 1 37 GLU 37 37 37 GLU GLU J . n 
J 1 38 GLY 38 38 38 GLY GLY J . n 
J 1 39 THR 39 39 39 THR THR J . n 
J 1 40 TRP 40 40 40 TRP TRP J . n 
J 1 41 ARG 41 41 41 ARG ARG J . n 
J 1 42 HIS 42 42 42 HIS HIS J . n 
J 1 43 LEU 43 43 43 LEU LEU J . n 
J 1 44 TRP 44 44 44 TRP TRP J . n 
J 1 45 ARG 45 45 45 ARG ARG J . n 
J 1 46 ILE 46 46 46 ILE ILE J . n 
J 1 47 ALA 47 47 47 ALA ALA J . n 
J 1 48 GLY 48 48 48 GLY GLY J . n 
J 1 49 HIS 49 49 49 HIS HIS J . n 
J 1 50 TYR 50 50 50 TYR TYR J . n 
J 1 51 ALA 51 51 51 ALA ALA J . n 
J 1 52 ASN 52 52 52 ASN ASN J . n 
J 1 53 TYR 53 53 53 TYR TYR J . n 
J 1 54 SER 54 54 54 SER SER J . n 
J 1 55 VAL 55 55 55 VAL VAL J . n 
J 1 56 PHE 56 56 56 PHE PHE J . n 
J 1 57 ASP 57 57 57 ASP ASP J . n 
J 1 58 VAL 58 58 58 VAL VAL J . n 
J 1 59 PRO 59 59 59 PRO PRO J . n 
J 1 60 SER 60 60 60 SER SER J . n 
J 1 61 VAL 61 61 61 VAL VAL J . n 
J 1 62 GLU 62 62 62 GLU GLU J . n 
J 1 63 ALA 63 63 63 ALA ALA J . n 
J 1 64 LEU 64 64 64 LEU LEU J . n 
J 1 65 HIS 65 65 65 HIS HIS J . n 
J 1 66 ASP 66 66 66 ASP ASP J . n 
J 1 67 THR 67 67 67 THR THR J . n 
J 1 68 LEU 68 68 68 LEU LEU J . n 
J 1 69 MET 69 69 69 MET MET J . n 
J 1 70 GLN 70 70 70 GLN GLN J . n 
J 1 71 LEU 71 71 71 LEU LEU J . n 
J 1 72 PRO 72 72 72 PRO PRO J . n 
J 1 73 LEU 73 73 73 LEU LEU J . n 
J 1 74 PHE 74 74 74 PHE PHE J . n 
J 1 75 PRO 75 75 75 PRO PRO J . n 
J 1 76 TYR 76 76 76 TYR TYR J . n 
J 1 77 MET 77 77 77 MET MET J . n 
J 1 78 ASP 78 78 78 ASP ASP J . n 
J 1 79 ILE 79 79 79 ILE ILE J . n 
J 1 80 GLU 80 80 80 GLU GLU J . n 
J 1 81 VAL 81 81 81 VAL VAL J . n 
J 1 82 ASP 82 82 82 ASP ASP J . n 
J 1 83 GLY 83 83 83 GLY GLY J . n 
J 1 84 LEU 84 84 84 LEU LEU J . n 
J 1 85 CYS 85 85 85 CYS CYS J . n 
J 1 86 ARG 86 86 86 ARG ARG J . n 
J 1 87 HIS 87 87 87 HIS HIS J . n 
J 1 88 PRO 88 88 88 PRO PRO J . n 
J 1 89 SER 89 89 89 SER SER J . n 
J 1 90 SER 90 90 90 SER SER J . n 
J 1 91 ILE 91 91 91 ILE ILE J . n 
J 1 92 HIS 92 92 92 HIS HIS J . n 
J 1 93 SER 93 93 93 SER SER J . n 
J 1 94 ASP 94 94 94 ASP ASP J . n 
J 1 95 ASP 95 95 95 ASP ASP J . n 
J 1 96 ARG 96 96 96 ARG ARG J . n 
# 
_cell.entry_id           1MLI 
_cell.length_a           65.840 
_cell.length_b           105.630 
_cell.length_c           77.210 
_cell.angle_alpha        90.00 
_cell.angle_beta         90.50 
_cell.angle_gamma        90.00 
_cell.Z_PDB              20 
_cell.pdbx_unique_axis   ? 
# 
_symmetry.entry_id                         1MLI 
_symmetry.space_group_name_H-M             'P 1 21 1' 
_symmetry.pdbx_full_space_group_name_H-M   ? 
_symmetry.cell_setting                     ? 
_symmetry.Int_Tables_number                4 
# 
_exptl.entry_id          1MLI 
_exptl.method            'X-RAY DIFFRACTION' 
_exptl.crystals_number   ? 
# 
_exptl_crystal.id                    1 
_exptl_crystal.density_meas          ? 
_exptl_crystal.density_Matthews      2.40 
_exptl_crystal.density_percent_sol   48.77 
_exptl_crystal.description           ? 
# 
_diffrn.id                     1 
_diffrn.ambient_temp           ? 
_diffrn.ambient_temp_details   ? 
_diffrn.crystal_id             1 
# 
_diffrn_radiation.diffrn_id                        1 
_diffrn_radiation.wavelength_id                    1 
_diffrn_radiation.pdbx_monochromatic_or_laue_m_l   ? 
_diffrn_radiation.monochromator                    ? 
_diffrn_radiation.pdbx_diffrn_protocol             ? 
_diffrn_radiation.pdbx_scattering_type             x-ray 
# 
_diffrn_radiation_wavelength.id           1 
_diffrn_radiation_wavelength.wavelength   . 
_diffrn_radiation_wavelength.wt           1.0 
# 
_refine.entry_id                                 1MLI 
_refine.ls_number_reflns_obs                     ? 
_refine.ls_number_reflns_all                     ? 
_refine.pdbx_ls_sigma_I                          ? 
_refine.pdbx_ls_sigma_F                          ? 
_refine.pdbx_data_cutoff_high_absF               ? 
_refine.pdbx_data_cutoff_low_absF                ? 
_refine.pdbx_data_cutoff_high_rms_absF           ? 
_refine.ls_d_res_low                             ? 
_refine.ls_d_res_high                            3.3 
_refine.ls_percent_reflns_obs                    ? 
_refine.ls_R_factor_obs                          ? 
_refine.ls_R_factor_all                          ? 
_refine.ls_R_factor_R_work                       ? 
_refine.ls_R_factor_R_free                       ? 
_refine.ls_R_factor_R_free_error                 ? 
_refine.ls_R_factor_R_free_error_details         ? 
_refine.ls_percent_reflns_R_free                 ? 
_refine.ls_number_reflns_R_free                  ? 
_refine.ls_number_parameters                     ? 
_refine.ls_number_restraints                     ? 
_refine.occupancy_min                            ? 
_refine.occupancy_max                            ? 
_refine.B_iso_mean                               ? 
_refine.aniso_B[1][1]                            ? 
_refine.aniso_B[2][2]                            ? 
_refine.aniso_B[3][3]                            ? 
_refine.aniso_B[1][2]                            ? 
_refine.aniso_B[1][3]                            ? 
_refine.aniso_B[2][3]                            ? 
_refine.solvent_model_details                    ? 
_refine.solvent_model_param_ksol                 ? 
_refine.solvent_model_param_bsol                 ? 
_refine.pdbx_ls_cross_valid_method               ? 
_refine.details                                  ? 
_refine.pdbx_starting_model                      ? 
_refine.pdbx_method_to_determine_struct          ? 
_refine.pdbx_isotropic_thermal_model             ? 
_refine.pdbx_stereochemistry_target_values       ? 
_refine.pdbx_stereochem_target_val_spec_case     ? 
_refine.pdbx_R_Free_selection_details            ? 
_refine.pdbx_overall_ESU_R                       ? 
_refine.pdbx_overall_ESU_R_Free                  ? 
_refine.overall_SU_ML                            ? 
_refine.overall_SU_B                             ? 
_refine.pdbx_refine_id                           'X-RAY DIFFRACTION' 
_refine.pdbx_diffrn_id                           1 
_refine.pdbx_TLS_residual_ADP_flag               ? 
_refine.correlation_coeff_Fo_to_Fc               ? 
_refine.correlation_coeff_Fo_to_Fc_free          ? 
_refine.pdbx_solvent_vdw_probe_radii             ? 
_refine.pdbx_solvent_ion_probe_radii             ? 
_refine.pdbx_solvent_shrinkage_radii             ? 
_refine.pdbx_overall_phase_error                 ? 
_refine.overall_SU_R_Cruickshank_DPI             ? 
_refine.pdbx_overall_SU_R_free_Cruickshank_DPI   ? 
_refine.pdbx_overall_SU_R_Blow_DPI               ? 
_refine.pdbx_overall_SU_R_free_Blow_DPI          ? 
# 
_refine_hist.pdbx_refine_id                   'X-RAY DIFFRACTION' 
_refine_hist.cycle_id                         LAST 
_refine_hist.pdbx_number_atoms_protein        960 
_refine_hist.pdbx_number_atoms_nucleic_acid   0 
_refine_hist.pdbx_number_atoms_ligand         0 
_refine_hist.number_atoms_solvent             0 
_refine_hist.number_atoms_total               960 
_refine_hist.d_res_high                       3.3 
_refine_hist.d_res_low                        . 
# 
loop_
_struct_ncs_oper.id 
_struct_ncs_oper.code 
_struct_ncs_oper.details 
_struct_ncs_oper.matrix[1][1] 
_struct_ncs_oper.matrix[1][2] 
_struct_ncs_oper.matrix[1][3] 
_struct_ncs_oper.matrix[2][1] 
_struct_ncs_oper.matrix[2][2] 
_struct_ncs_oper.matrix[2][3] 
_struct_ncs_oper.matrix[3][1] 
_struct_ncs_oper.matrix[3][2] 
_struct_ncs_oper.matrix[3][3] 
_struct_ncs_oper.vector[1] 
_struct_ncs_oper.vector[2] 
_struct_ncs_oper.vector[3] 
1 given ? 0.36350588 0.25450899  -0.89615253 0.25450899 -0.95249420 -0.16727379 -0.89615253 -0.16727379 -0.41101167 0.00054  -0.00153 0.00017  
2 given ? 0.52101291 -0.84699771 -0.10554871 0.53779059 0.42177772  -0.72998959 0.66281660  0.32357135  0.67525937  -0.00018 -0.00008 -0.00029 
# 
_struct.entry_id                  1MLI 
_struct.title                     'CRYSTAL STRUCTURE OF MUCONOLACTONE ISOMERASE AT 3.3 ANGSTROMS RESOLUTION' 
_struct.pdbx_model_details        ? 
_struct.pdbx_CASP_flag            ? 
_struct.pdbx_model_type_details   ? 
# 
_struct_keywords.entry_id        1MLI 
_struct_keywords.pdbx_keywords   'INTRAMOLECULAR OXIDOREDUCTASE' 
_struct_keywords.text            'INTRAMOLECULAR OXIDOREDUCTASE' 
# 
loop_
_struct_asym.id 
_struct_asym.pdbx_blank_PDB_chainid_flag 
_struct_asym.pdbx_modified 
_struct_asym.entity_id 
_struct_asym.details 
A N N 1 ? 
B N N 1 ? 
C N N 1 ? 
D N N 1 ? 
E N N 1 ? 
F N N 1 ? 
G N N 1 ? 
H N N 1 ? 
I N N 1 ? 
J N N 1 ? 
# 
_struct_ref.id                         1 
_struct_ref.db_name                    UNP 
_struct_ref.db_code                    CATC_PSEPU 
_struct_ref.entity_id                  1 
_struct_ref.pdbx_db_accession          P00948 
_struct_ref.pdbx_align_begin           1 
_struct_ref.pdbx_seq_one_letter_code   
;MLFHVKMTVKLPVDMDPAKATQLKADEKELAQRLQREGTWRHLWRIAGHYANYSVFDVPSVEALHDTLMQLPLFPYMDIE
VDGLCRHPSSIHSDDR
;
_struct_ref.pdbx_db_isoform            ? 
# 
loop_
_struct_ref_seq.align_id 
_struct_ref_seq.ref_id 
_struct_ref_seq.pdbx_PDB_id_code 
_struct_ref_seq.pdbx_strand_id 
_struct_ref_seq.seq_align_beg 
_struct_ref_seq.pdbx_seq_align_beg_ins_code 
_struct_ref_seq.seq_align_end 
_struct_ref_seq.pdbx_seq_align_end_ins_code 
_struct_ref_seq.pdbx_db_accession 
_struct_ref_seq.db_align_beg 
_struct_ref_seq.pdbx_db_align_beg_ins_code 
_struct_ref_seq.db_align_end 
_struct_ref_seq.pdbx_db_align_end_ins_code 
_struct_ref_seq.pdbx_auth_seq_align_beg 
_struct_ref_seq.pdbx_auth_seq_align_end 
1  1 1MLI A 1 ? 96 ? P00948 1 ? 96 ? 1 96 
2  1 1MLI B 1 ? 96 ? P00948 1 ? 96 ? 1 96 
3  1 1MLI C 1 ? 96 ? P00948 1 ? 96 ? 1 96 
4  1 1MLI D 1 ? 96 ? P00948 1 ? 96 ? 1 96 
5  1 1MLI E 1 ? 96 ? P00948 1 ? 96 ? 1 96 
6  1 1MLI F 1 ? 96 ? P00948 1 ? 96 ? 1 96 
7  1 1MLI G 1 ? 96 ? P00948 1 ? 96 ? 1 96 
8  1 1MLI H 1 ? 96 ? P00948 1 ? 96 ? 1 96 
9  1 1MLI I 1 ? 96 ? P00948 1 ? 96 ? 1 96 
10 1 1MLI J 1 ? 96 ? P00948 1 ? 96 ? 1 96 
# 
_pdbx_struct_assembly.id                   1 
_pdbx_struct_assembly.details              author_defined_assembly 
_pdbx_struct_assembly.method_details       ? 
_pdbx_struct_assembly.oligomeric_details   decameric 
_pdbx_struct_assembly.oligomeric_count     10 
# 
_pdbx_struct_assembly_gen.assembly_id       1 
_pdbx_struct_assembly_gen.oper_expression   1 
_pdbx_struct_assembly_gen.asym_id_list      A,B,C,D,E,F,G,H,I,J 
# 
_pdbx_struct_oper_list.id                   1 
_pdbx_struct_oper_list.type                 'identity operation' 
_pdbx_struct_oper_list.name                 1_555 
_pdbx_struct_oper_list.symmetry_operation   x,y,z 
_pdbx_struct_oper_list.matrix[1][1]         1.0000000000 
_pdbx_struct_oper_list.matrix[1][2]         0.0000000000 
_pdbx_struct_oper_list.matrix[1][3]         0.0000000000 
_pdbx_struct_oper_list.vector[1]            0.0000000000 
_pdbx_struct_oper_list.matrix[2][1]         0.0000000000 
_pdbx_struct_oper_list.matrix[2][2]         1.0000000000 
_pdbx_struct_oper_list.matrix[2][3]         0.0000000000 
_pdbx_struct_oper_list.vector[2]            0.0000000000 
_pdbx_struct_oper_list.matrix[3][1]         0.0000000000 
_pdbx_struct_oper_list.matrix[3][2]         0.0000000000 
_pdbx_struct_oper_list.matrix[3][3]         1.0000000000 
_pdbx_struct_oper_list.vector[3]            0.0000000000 
# 
_struct_biol.id                    1 
_struct_biol.details               
;MUCONOLACTONE ISOMERASE IS A DECAMER WITH A CLOSED 52 POINT
NONCRYSTALLOGRAPHIC SYMMETRY.  THE FIVE-FOLD AXIS IS ALMOST
ALONG THE A-AXIS.  THE TWO-FOLD AXES ARE IN A PLANE
PERPENDICULAR TO THE FIVE-FOLD DIRECTION.  THE MOLECULAR
CENTER IS AT (16.250, 0.692, 19.308).  THE TWO-FOLD
SYMMETRY OPERATOR IS PRESENTED ON *MTRIX 1* RECORDS BELOW
AND THE FIVE-FOLD SYMMETRY OPERATOR IS PRESENTED ON
*MTRIX 2* RECORDS BELOW.

THE FOLLOWING PROCEDURE CAN BE USED TO GENERATE COORDINATES
OF A DECAMER FROM THE MONOMER COORDINATES PRESENTED IN THIS
ENTRY.

   1. APPLY THE TRANSFORMATION PRESENTED ON THE *MTRIX 1*
      RECORDS BELOW TO THE MONOMER IN THIS ENTRY TO
      GENERATE A TWO-FOLD RELATED MONOMER.

   2. APPLY THE TRANSFORMATION PRESENTED ON THE *MTRIX 2*
      RECORDS BELOW TO THE DIMER GENERATED IN STEP 1 TO
      GENERATE A FIVE-FOLD RELATED DIMER.

   3. PERFORM STEP 2 THREE MORE TIMES, EACH TIME APPLYING
      THE TRANSFORMATION TO THE NEWLY-GENERATED DIMER.
      THIS WILL YIELD A TOTAL OF FIVE DIMERS (TEN
      MONOMERS).
;
_struct_biol.pdbx_parent_biol_id   ? 
# 
loop_
_struct_conf.conf_type_id 
_struct_conf.id 
_struct_conf.pdbx_PDB_helix_id 
_struct_conf.beg_label_comp_id 
_struct_conf.beg_label_asym_id 
_struct_conf.beg_label_seq_id 
_struct_conf.pdbx_beg_PDB_ins_code 
_struct_conf.end_label_comp_id 
_struct_conf.end_label_asym_id 
_struct_conf.end_label_seq_id 
_struct_conf.pdbx_end_PDB_ins_code 
_struct_conf.beg_auth_comp_id 
_struct_conf.beg_auth_asym_id 
_struct_conf.beg_auth_seq_id 
_struct_conf.end_auth_comp_id 
_struct_conf.end_auth_asym_id 
_struct_conf.end_auth_seq_id 
_struct_conf.pdbx_PDB_helix_class 
_struct_conf.details 
_struct_conf.pdbx_PDB_helix_length 
HELX_P HELX_P1  A ALA A 18 ? GLU A 37 ? ALA A 18 GLU A 37 1 'DISTORTED BETWN LEU 30-ARG 33' 20 
HELX_P HELX_P2  B VAL A 61 ? LEU A 71 ? VAL A 61 LEU A 71 1 ?                               11 
HELX_P HELX_P3  C ALA B 18 ? GLU B 37 ? ALA B 18 GLU B 37 1 'DISTORTED BETWN LEU 30-ARG 33' 20 
HELX_P HELX_P4  D VAL B 61 ? LEU B 71 ? VAL B 61 LEU B 71 1 ?                               11 
HELX_P HELX_P5  E ALA C 18 ? GLU C 37 ? ALA C 18 GLU C 37 1 'DISTORTED BETWN LEU 30-ARG 33' 20 
HELX_P HELX_P6  F VAL C 61 ? LEU C 71 ? VAL C 61 LEU C 71 1 ?                               11 
HELX_P HELX_P7  G ALA D 18 ? GLU D 37 ? ALA D 18 GLU D 37 1 'DISTORTED BETWN LEU 30-ARG 33' 20 
HELX_P HELX_P8  H VAL D 61 ? LEU D 71 ? VAL D 61 LEU D 71 1 ?                               11 
HELX_P HELX_P9  I ALA E 18 ? GLU E 37 ? ALA E 18 GLU E 37 1 'DISTORTED BETWN LEU 30-ARG 33' 20 
HELX_P HELX_P10 J VAL E 61 ? LEU E 71 ? VAL E 61 LEU E 71 1 ?                               11 
HELX_P HELX_P11 K ALA F 18 ? GLU F 37 ? ALA F 18 GLU F 37 1 'DISTORTED BETWN LEU 30-ARG 33' 20 
HELX_P HELX_P12 L VAL F 61 ? LEU F 71 ? VAL F 61 LEU F 71 1 ?                               11 
HELX_P HELX_P13 M ALA G 18 ? GLU G 37 ? ALA G 18 GLU G 37 1 'DISTORTED BETWN LEU 30-ARG 33' 20 
HELX_P HELX_P14 N VAL G 61 ? LEU G 71 ? VAL G 61 LEU G 71 1 ?                               11 
HELX_P HELX_P15 O ALA H 18 ? GLU H 37 ? ALA H 18 GLU H 37 1 'DISTORTED BETWN LEU 30-ARG 33' 20 
HELX_P HELX_P16 P VAL H 61 ? LEU H 71 ? VAL H 61 LEU H 71 1 ?                               11 
HELX_P HELX_P17 Q ALA I 18 ? GLU I 37 ? ALA I 18 GLU I 37 1 'DISTORTED BETWN LEU 30-ARG 33' 20 
HELX_P HELX_P18 R VAL I 61 ? LEU I 71 ? VAL I 61 LEU I 71 1 ?                               11 
HELX_P HELX_P19 S ALA J 18 ? GLU J 37 ? ALA J 18 GLU J 37 1 'DISTORTED BETWN LEU 30-ARG 33' 20 
HELX_P HELX_P20 T VAL J 61 ? LEU J 71 ? VAL J 61 LEU J 71 1 ?                               11 
# 
_struct_conf_type.id          HELX_P 
_struct_conf_type.criteria    ? 
_struct_conf_type.reference   ? 
# 
loop_
_struct_sheet.id 
_struct_sheet.type 
_struct_sheet.number_strands 
_struct_sheet.details 
S1  ? 4 ? 
S2  ? 4 ? 
S3  ? 4 ? 
S4  ? 4 ? 
S5  ? 4 ? 
S6  ? 4 ? 
S7  ? 4 ? 
S8  ? 4 ? 
S9  ? 4 ? 
S10 ? 4 ? 
# 
loop_
_struct_sheet_order.sheet_id 
_struct_sheet_order.range_id_1 
_struct_sheet_order.range_id_2 
_struct_sheet_order.offset 
_struct_sheet_order.sense 
S1  1 2 ? anti-parallel 
S1  2 3 ? anti-parallel 
S1  3 4 ? anti-parallel 
S2  1 2 ? anti-parallel 
S2  2 3 ? anti-parallel 
S2  3 4 ? anti-parallel 
S3  1 2 ? anti-parallel 
S3  2 3 ? anti-parallel 
S3  3 4 ? anti-parallel 
S4  1 2 ? anti-parallel 
S4  2 3 ? anti-parallel 
S4  3 4 ? anti-parallel 
S5  1 2 ? anti-parallel 
S5  2 3 ? anti-parallel 
S5  3 4 ? anti-parallel 
S6  1 2 ? anti-parallel 
S6  2 3 ? anti-parallel 
S6  3 4 ? anti-parallel 
S7  1 2 ? anti-parallel 
S7  2 3 ? anti-parallel 
S7  3 4 ? anti-parallel 
S8  1 2 ? anti-parallel 
S8  2 3 ? anti-parallel 
S8  3 4 ? anti-parallel 
S9  1 2 ? anti-parallel 
S9  2 3 ? anti-parallel 
S9  3 4 ? anti-parallel 
S10 1 2 ? anti-parallel 
S10 2 3 ? anti-parallel 
S10 3 4 ? anti-parallel 
# 
loop_
_struct_sheet_range.sheet_id 
_struct_sheet_range.id 
_struct_sheet_range.beg_label_comp_id 
_struct_sheet_range.beg_label_asym_id 
_struct_sheet_range.beg_label_seq_id 
_struct_sheet_range.pdbx_beg_PDB_ins_code 
_struct_sheet_range.end_label_comp_id 
_struct_sheet_range.end_label_asym_id 
_struct_sheet_range.end_label_seq_id 
_struct_sheet_range.pdbx_end_PDB_ins_code 
_struct_sheet_range.beg_auth_comp_id 
_struct_sheet_range.beg_auth_asym_id 
_struct_sheet_range.beg_auth_seq_id 
_struct_sheet_range.end_auth_comp_id 
_struct_sheet_range.end_auth_asym_id 
_struct_sheet_range.end_auth_seq_id 
S1  1 THR A 39 ? ALA A 47 ? THR A 39 ALA A 47 
S1  2 TYR A 50 ? VAL A 58 ? TYR A 50 VAL A 58 
S1  3 MET A 1  ? LEU A 11 ? MET A 1  LEU A 11 
S1  4 TYR A 76 ? LEU A 84 ? TYR A 76 LEU A 84 
S2  1 THR B 39 ? ALA B 47 ? THR B 39 ALA B 47 
S2  2 TYR B 50 ? VAL B 58 ? TYR B 50 VAL B 58 
S2  3 MET B 1  ? LEU B 11 ? MET B 1  LEU B 11 
S2  4 TYR B 76 ? LEU B 84 ? TYR B 76 LEU B 84 
S3  1 THR C 39 ? ALA C 47 ? THR C 39 ALA C 47 
S3  2 TYR C 50 ? VAL C 58 ? TYR C 50 VAL C 58 
S3  3 MET C 1  ? LEU C 11 ? MET C 1  LEU C 11 
S3  4 TYR C 76 ? LEU C 84 ? TYR C 76 LEU C 84 
S4  1 THR D 39 ? ALA D 47 ? THR D 39 ALA D 47 
S4  2 TYR D 50 ? VAL D 58 ? TYR D 50 VAL D 58 
S4  3 MET D 1  ? LEU D 11 ? MET D 1  LEU D 11 
S4  4 TYR D 76 ? LEU D 84 ? TYR D 76 LEU D 84 
S5  1 THR E 39 ? ALA E 47 ? THR E 39 ALA E 47 
S5  2 TYR E 50 ? VAL E 58 ? TYR E 50 VAL E 58 
S5  3 MET E 1  ? LEU E 11 ? MET E 1  LEU E 11 
S5  4 TYR E 76 ? LEU E 84 ? TYR E 76 LEU E 84 
S6  1 THR F 39 ? ALA F 47 ? THR F 39 ALA F 47 
S6  2 TYR F 50 ? VAL F 58 ? TYR F 50 VAL F 58 
S6  3 MET F 1  ? LEU F 11 ? MET F 1  LEU F 11 
S6  4 TYR F 76 ? LEU F 84 ? TYR F 76 LEU F 84 
S7  1 THR G 39 ? ALA G 47 ? THR G 39 ALA G 47 
S7  2 TYR G 50 ? VAL G 58 ? TYR G 50 VAL G 58 
S7  3 MET G 1  ? LEU G 11 ? MET G 1  LEU G 11 
S7  4 TYR G 76 ? LEU G 84 ? TYR G 76 LEU G 84 
S8  1 THR H 39 ? ALA H 47 ? THR H 39 ALA H 47 
S8  2 TYR H 50 ? VAL H 58 ? TYR H 50 VAL H 58 
S8  3 MET H 1  ? LEU H 11 ? MET H 1  LEU H 11 
S8  4 TYR H 76 ? LEU H 84 ? TYR H 76 LEU H 84 
S9  1 THR I 39 ? ALA I 47 ? THR I 39 ALA I 47 
S9  2 TYR I 50 ? VAL I 58 ? TYR I 50 VAL I 58 
S9  3 MET I 1  ? LEU I 11 ? MET I 1  LEU I 11 
S9  4 TYR I 76 ? LEU I 84 ? TYR I 76 LEU I 84 
S10 1 THR J 39 ? ALA J 47 ? THR J 39 ALA J 47 
S10 2 TYR J 50 ? VAL J 58 ? TYR J 50 VAL J 58 
S10 3 MET J 1  ? LEU J 11 ? MET J 1  LEU J 11 
S10 4 TYR J 76 ? LEU J 84 ? TYR J 76 LEU J 84 
# 
loop_
_chem_comp_atom.comp_id 
_chem_comp_atom.atom_id 
_chem_comp_atom.type_symbol 
_chem_comp_atom.pdbx_aromatic_flag 
_chem_comp_atom.pdbx_stereo_config 
_chem_comp_atom.pdbx_ordinal 
ALA N    N N N 1   
ALA CA   C N S 2   
ALA C    C N N 3   
ALA O    O N N 4   
ALA CB   C N N 5   
ALA OXT  O N N 6   
ALA H    H N N 7   
ALA H2   H N N 8   
ALA HA   H N N 9   
ALA HB1  H N N 10  
ALA HB2  H N N 11  
ALA HB3  H N N 12  
ALA HXT  H N N 13  
ARG N    N N N 14  
ARG CA   C N S 15  
ARG C    C N N 16  
ARG O    O N N 17  
ARG CB   C N N 18  
ARG CG   C N N 19  
ARG CD   C N N 20  
ARG NE   N N N 21  
ARG CZ   C N N 22  
ARG NH1  N N N 23  
ARG NH2  N N N 24  
ARG OXT  O N N 25  
ARG H    H N N 26  
ARG H2   H N N 27  
ARG HA   H N N 28  
ARG HB2  H N N 29  
ARG HB3  H N N 30  
ARG HG2  H N N 31  
ARG HG3  H N N 32  
ARG HD2  H N N 33  
ARG HD3  H N N 34  
ARG HE   H N N 35  
ARG HH11 H N N 36  
ARG HH12 H N N 37  
ARG HH21 H N N 38  
ARG HH22 H N N 39  
ARG HXT  H N N 40  
ASN N    N N N 41  
ASN CA   C N S 42  
ASN C    C N N 43  
ASN O    O N N 44  
ASN CB   C N N 45  
ASN CG   C N N 46  
ASN OD1  O N N 47  
ASN ND2  N N N 48  
ASN OXT  O N N 49  
ASN H    H N N 50  
ASN H2   H N N 51  
ASN HA   H N N 52  
ASN HB2  H N N 53  
ASN HB3  H N N 54  
ASN HD21 H N N 55  
ASN HD22 H N N 56  
ASN HXT  H N N 57  
ASP N    N N N 58  
ASP CA   C N S 59  
ASP C    C N N 60  
ASP O    O N N 61  
ASP CB   C N N 62  
ASP CG   C N N 63  
ASP OD1  O N N 64  
ASP OD2  O N N 65  
ASP OXT  O N N 66  
ASP H    H N N 67  
ASP H2   H N N 68  
ASP HA   H N N 69  
ASP HB2  H N N 70  
ASP HB3  H N N 71  
ASP HD2  H N N 72  
ASP HXT  H N N 73  
CYS N    N N N 74  
CYS CA   C N R 75  
CYS C    C N N 76  
CYS O    O N N 77  
CYS CB   C N N 78  
CYS SG   S N N 79  
CYS OXT  O N N 80  
CYS H    H N N 81  
CYS H2   H N N 82  
CYS HA   H N N 83  
CYS HB2  H N N 84  
CYS HB3  H N N 85  
CYS HG   H N N 86  
CYS HXT  H N N 87  
GLN N    N N N 88  
GLN CA   C N S 89  
GLN C    C N N 90  
GLN O    O N N 91  
GLN CB   C N N 92  
GLN CG   C N N 93  
GLN CD   C N N 94  
GLN OE1  O N N 95  
GLN NE2  N N N 96  
GLN OXT  O N N 97  
GLN H    H N N 98  
GLN H2   H N N 99  
GLN HA   H N N 100 
GLN HB2  H N N 101 
GLN HB3  H N N 102 
GLN HG2  H N N 103 
GLN HG3  H N N 104 
GLN HE21 H N N 105 
GLN HE22 H N N 106 
GLN HXT  H N N 107 
GLU N    N N N 108 
GLU CA   C N S 109 
GLU C    C N N 110 
GLU O    O N N 111 
GLU CB   C N N 112 
GLU CG   C N N 113 
GLU CD   C N N 114 
GLU OE1  O N N 115 
GLU OE2  O N N 116 
GLU OXT  O N N 117 
GLU H    H N N 118 
GLU H2   H N N 119 
GLU HA   H N N 120 
GLU HB2  H N N 121 
GLU HB3  H N N 122 
GLU HG2  H N N 123 
GLU HG3  H N N 124 
GLU HE2  H N N 125 
GLU HXT  H N N 126 
GLY N    N N N 127 
GLY CA   C N N 128 
GLY C    C N N 129 
GLY O    O N N 130 
GLY OXT  O N N 131 
GLY H    H N N 132 
GLY H2   H N N 133 
GLY HA2  H N N 134 
GLY HA3  H N N 135 
GLY HXT  H N N 136 
HIS N    N N N 137 
HIS CA   C N S 138 
HIS C    C N N 139 
HIS O    O N N 140 
HIS CB   C N N 141 
HIS CG   C Y N 142 
HIS ND1  N Y N 143 
HIS CD2  C Y N 144 
HIS CE1  C Y N 145 
HIS NE2  N Y N 146 
HIS OXT  O N N 147 
HIS H    H N N 148 
HIS H2   H N N 149 
HIS HA   H N N 150 
HIS HB2  H N N 151 
HIS HB3  H N N 152 
HIS HD1  H N N 153 
HIS HD2  H N N 154 
HIS HE1  H N N 155 
HIS HE2  H N N 156 
HIS HXT  H N N 157 
ILE N    N N N 158 
ILE CA   C N S 159 
ILE C    C N N 160 
ILE O    O N N 161 
ILE CB   C N S 162 
ILE CG1  C N N 163 
ILE CG2  C N N 164 
ILE CD1  C N N 165 
ILE OXT  O N N 166 
ILE H    H N N 167 
ILE H2   H N N 168 
ILE HA   H N N 169 
ILE HB   H N N 170 
ILE HG12 H N N 171 
ILE HG13 H N N 172 
ILE HG21 H N N 173 
ILE HG22 H N N 174 
ILE HG23 H N N 175 
ILE HD11 H N N 176 
ILE HD12 H N N 177 
ILE HD13 H N N 178 
ILE HXT  H N N 179 
LEU N    N N N 180 
LEU CA   C N S 181 
LEU C    C N N 182 
LEU O    O N N 183 
LEU CB   C N N 184 
LEU CG   C N N 185 
LEU CD1  C N N 186 
LEU CD2  C N N 187 
LEU OXT  O N N 188 
LEU H    H N N 189 
LEU H2   H N N 190 
LEU HA   H N N 191 
LEU HB2  H N N 192 
LEU HB3  H N N 193 
LEU HG   H N N 194 
LEU HD11 H N N 195 
LEU HD12 H N N 196 
LEU HD13 H N N 197 
LEU HD21 H N N 198 
LEU HD22 H N N 199 
LEU HD23 H N N 200 
LEU HXT  H N N 201 
LYS N    N N N 202 
LYS CA   C N S 203 
LYS C    C N N 204 
LYS O    O N N 205 
LYS CB   C N N 206 
LYS CG   C N N 207 
LYS CD   C N N 208 
LYS CE   C N N 209 
LYS NZ   N N N 210 
LYS OXT  O N N 211 
LYS H    H N N 212 
LYS H2   H N N 213 
LYS HA   H N N 214 
LYS HB2  H N N 215 
LYS HB3  H N N 216 
LYS HG2  H N N 217 
LYS HG3  H N N 218 
LYS HD2  H N N 219 
LYS HD3  H N N 220 
LYS HE2  H N N 221 
LYS HE3  H N N 222 
LYS HZ1  H N N 223 
LYS HZ2  H N N 224 
LYS HZ3  H N N 225 
LYS HXT  H N N 226 
MET N    N N N 227 
MET CA   C N S 228 
MET C    C N N 229 
MET O    O N N 230 
MET CB   C N N 231 
MET CG   C N N 232 
MET SD   S N N 233 
MET CE   C N N 234 
MET OXT  O N N 235 
MET H    H N N 236 
MET H2   H N N 237 
MET HA   H N N 238 
MET HB2  H N N 239 
MET HB3  H N N 240 
MET HG2  H N N 241 
MET HG3  H N N 242 
MET HE1  H N N 243 
MET HE2  H N N 244 
MET HE3  H N N 245 
MET HXT  H N N 246 
PHE N    N N N 247 
PHE CA   C N S 248 
PHE C    C N N 249 
PHE O    O N N 250 
PHE CB   C N N 251 
PHE CG   C Y N 252 
PHE CD1  C Y N 253 
PHE CD2  C Y N 254 
PHE CE1  C Y N 255 
PHE CE2  C Y N 256 
PHE CZ   C Y N 257 
PHE OXT  O N N 258 
PHE H    H N N 259 
PHE H2   H N N 260 
PHE HA   H N N 261 
PHE HB2  H N N 262 
PHE HB3  H N N 263 
PHE HD1  H N N 264 
PHE HD2  H N N 265 
PHE HE1  H N N 266 
PHE HE2  H N N 267 
PHE HZ   H N N 268 
PHE HXT  H N N 269 
PRO N    N N N 270 
PRO CA   C N S 271 
PRO C    C N N 272 
PRO O    O N N 273 
PRO CB   C N N 274 
PRO CG   C N N 275 
PRO CD   C N N 276 
PRO OXT  O N N 277 
PRO H    H N N 278 
PRO HA   H N N 279 
PRO HB2  H N N 280 
PRO HB3  H N N 281 
PRO HG2  H N N 282 
PRO HG3  H N N 283 
PRO HD2  H N N 284 
PRO HD3  H N N 285 
PRO HXT  H N N 286 
SER N    N N N 287 
SER CA   C N S 288 
SER C    C N N 289 
SER O    O N N 290 
SER CB   C N N 291 
SER OG   O N N 292 
SER OXT  O N N 293 
SER H    H N N 294 
SER H2   H N N 295 
SER HA   H N N 296 
SER HB2  H N N 297 
SER HB3  H N N 298 
SER HG   H N N 299 
SER HXT  H N N 300 
THR N    N N N 301 
THR CA   C N S 302 
THR C    C N N 303 
THR O    O N N 304 
THR CB   C N R 305 
THR OG1  O N N 306 
THR CG2  C N N 307 
THR OXT  O N N 308 
THR H    H N N 309 
THR H2   H N N 310 
THR HA   H N N 311 
THR HB   H N N 312 
THR HG1  H N N 313 
THR HG21 H N N 314 
THR HG22 H N N 315 
THR HG23 H N N 316 
THR HXT  H N N 317 
TRP N    N N N 318 
TRP CA   C N S 319 
TRP C    C N N 320 
TRP O    O N N 321 
TRP CB   C N N 322 
TRP CG   C Y N 323 
TRP CD1  C Y N 324 
TRP CD2  C Y N 325 
TRP NE1  N Y N 326 
TRP CE2  C Y N 327 
TRP CE3  C Y N 328 
TRP CZ2  C Y N 329 
TRP CZ3  C Y N 330 
TRP CH2  C Y N 331 
TRP OXT  O N N 332 
TRP H    H N N 333 
TRP H2   H N N 334 
TRP HA   H N N 335 
TRP HB2  H N N 336 
TRP HB3  H N N 337 
TRP HD1  H N N 338 
TRP HE1  H N N 339 
TRP HE3  H N N 340 
TRP HZ2  H N N 341 
TRP HZ3  H N N 342 
TRP HH2  H N N 343 
TRP HXT  H N N 344 
TYR N    N N N 345 
TYR CA   C N S 346 
TYR C    C N N 347 
TYR O    O N N 348 
TYR CB   C N N 349 
TYR CG   C Y N 350 
TYR CD1  C Y N 351 
TYR CD2  C Y N 352 
TYR CE1  C Y N 353 
TYR CE2  C Y N 354 
TYR CZ   C Y N 355 
TYR OH   O N N 356 
TYR OXT  O N N 357 
TYR H    H N N 358 
TYR H2   H N N 359 
TYR HA   H N N 360 
TYR HB2  H N N 361 
TYR HB3  H N N 362 
TYR HD1  H N N 363 
TYR HD2  H N N 364 
TYR HE1  H N N 365 
TYR HE2  H N N 366 
TYR HH   H N N 367 
TYR HXT  H N N 368 
VAL N    N N N 369 
VAL CA   C N S 370 
VAL C    C N N 371 
VAL O    O N N 372 
VAL CB   C N N 373 
VAL CG1  C N N 374 
VAL CG2  C N N 375 
VAL OXT  O N N 376 
VAL H    H N N 377 
VAL H2   H N N 378 
VAL HA   H N N 379 
VAL HB   H N N 380 
VAL HG11 H N N 381 
VAL HG12 H N N 382 
VAL HG13 H N N 383 
VAL HG21 H N N 384 
VAL HG22 H N N 385 
VAL HG23 H N N 386 
VAL HXT  H N N 387 
# 
loop_
_chem_comp_bond.comp_id 
_chem_comp_bond.atom_id_1 
_chem_comp_bond.atom_id_2 
_chem_comp_bond.value_order 
_chem_comp_bond.pdbx_aromatic_flag 
_chem_comp_bond.pdbx_stereo_config 
_chem_comp_bond.pdbx_ordinal 
ALA N   CA   sing N N 1   
ALA N   H    sing N N 2   
ALA N   H2   sing N N 3   
ALA CA  C    sing N N 4   
ALA CA  CB   sing N N 5   
ALA CA  HA   sing N N 6   
ALA C   O    doub N N 7   
ALA C   OXT  sing N N 8   
ALA CB  HB1  sing N N 9   
ALA CB  HB2  sing N N 10  
ALA CB  HB3  sing N N 11  
ALA OXT HXT  sing N N 12  
ARG N   CA   sing N N 13  
ARG N   H    sing N N 14  
ARG N   H2   sing N N 15  
ARG CA  C    sing N N 16  
ARG CA  CB   sing N N 17  
ARG CA  HA   sing N N 18  
ARG C   O    doub N N 19  
ARG C   OXT  sing N N 20  
ARG CB  CG   sing N N 21  
ARG CB  HB2  sing N N 22  
ARG CB  HB3  sing N N 23  
ARG CG  CD   sing N N 24  
ARG CG  HG2  sing N N 25  
ARG CG  HG3  sing N N 26  
ARG CD  NE   sing N N 27  
ARG CD  HD2  sing N N 28  
ARG CD  HD3  sing N N 29  
ARG NE  CZ   sing N N 30  
ARG NE  HE   sing N N 31  
ARG CZ  NH1  sing N N 32  
ARG CZ  NH2  doub N N 33  
ARG NH1 HH11 sing N N 34  
ARG NH1 HH12 sing N N 35  
ARG NH2 HH21 sing N N 36  
ARG NH2 HH22 sing N N 37  
ARG OXT HXT  sing N N 38  
ASN N   CA   sing N N 39  
ASN N   H    sing N N 40  
ASN N   H2   sing N N 41  
ASN CA  C    sing N N 42  
ASN CA  CB   sing N N 43  
ASN CA  HA   sing N N 44  
ASN C   O    doub N N 45  
ASN C   OXT  sing N N 46  
ASN CB  CG   sing N N 47  
ASN CB  HB2  sing N N 48  
ASN CB  HB3  sing N N 49  
ASN CG  OD1  doub N N 50  
ASN CG  ND2  sing N N 51  
ASN ND2 HD21 sing N N 52  
ASN ND2 HD22 sing N N 53  
ASN OXT HXT  sing N N 54  
ASP N   CA   sing N N 55  
ASP N   H    sing N N 56  
ASP N   H2   sing N N 57  
ASP CA  C    sing N N 58  
ASP CA  CB   sing N N 59  
ASP CA  HA   sing N N 60  
ASP C   O    doub N N 61  
ASP C   OXT  sing N N 62  
ASP CB  CG   sing N N 63  
ASP CB  HB2  sing N N 64  
ASP CB  HB3  sing N N 65  
ASP CG  OD1  doub N N 66  
ASP CG  OD2  sing N N 67  
ASP OD2 HD2  sing N N 68  
ASP OXT HXT  sing N N 69  
CYS N   CA   sing N N 70  
CYS N   H    sing N N 71  
CYS N   H2   sing N N 72  
CYS CA  C    sing N N 73  
CYS CA  CB   sing N N 74  
CYS CA  HA   sing N N 75  
CYS C   O    doub N N 76  
CYS C   OXT  sing N N 77  
CYS CB  SG   sing N N 78  
CYS CB  HB2  sing N N 79  
CYS CB  HB3  sing N N 80  
CYS SG  HG   sing N N 81  
CYS OXT HXT  sing N N 82  
GLN N   CA   sing N N 83  
GLN N   H    sing N N 84  
GLN N   H2   sing N N 85  
GLN CA  C    sing N N 86  
GLN CA  CB   sing N N 87  
GLN CA  HA   sing N N 88  
GLN C   O    doub N N 89  
GLN C   OXT  sing N N 90  
GLN CB  CG   sing N N 91  
GLN CB  HB2  sing N N 92  
GLN CB  HB3  sing N N 93  
GLN CG  CD   sing N N 94  
GLN CG  HG2  sing N N 95  
GLN CG  HG3  sing N N 96  
GLN CD  OE1  doub N N 97  
GLN CD  NE2  sing N N 98  
GLN NE2 HE21 sing N N 99  
GLN NE2 HE22 sing N N 100 
GLN OXT HXT  sing N N 101 
GLU N   CA   sing N N 102 
GLU N   H    sing N N 103 
GLU N   H2   sing N N 104 
GLU CA  C    sing N N 105 
GLU CA  CB   sing N N 106 
GLU CA  HA   sing N N 107 
GLU C   O    doub N N 108 
GLU C   OXT  sing N N 109 
GLU CB  CG   sing N N 110 
GLU CB  HB2  sing N N 111 
GLU CB  HB3  sing N N 112 
GLU CG  CD   sing N N 113 
GLU CG  HG2  sing N N 114 
GLU CG  HG3  sing N N 115 
GLU CD  OE1  doub N N 116 
GLU CD  OE2  sing N N 117 
GLU OE2 HE2  sing N N 118 
GLU OXT HXT  sing N N 119 
GLY N   CA   sing N N 120 
GLY N   H    sing N N 121 
GLY N   H2   sing N N 122 
GLY CA  C    sing N N 123 
GLY CA  HA2  sing N N 124 
GLY CA  HA3  sing N N 125 
GLY C   O    doub N N 126 
GLY C   OXT  sing N N 127 
GLY OXT HXT  sing N N 128 
HIS N   CA   sing N N 129 
HIS N   H    sing N N 130 
HIS N   H2   sing N N 131 
HIS CA  C    sing N N 132 
HIS CA  CB   sing N N 133 
HIS CA  HA   sing N N 134 
HIS C   O    doub N N 135 
HIS C   OXT  sing N N 136 
HIS CB  CG   sing N N 137 
HIS CB  HB2  sing N N 138 
HIS CB  HB3  sing N N 139 
HIS CG  ND1  sing Y N 140 
HIS CG  CD2  doub Y N 141 
HIS ND1 CE1  doub Y N 142 
HIS ND1 HD1  sing N N 143 
HIS CD2 NE2  sing Y N 144 
HIS CD2 HD2  sing N N 145 
HIS CE1 NE2  sing Y N 146 
HIS CE1 HE1  sing N N 147 
HIS NE2 HE2  sing N N 148 
HIS OXT HXT  sing N N 149 
ILE N   CA   sing N N 150 
ILE N   H    sing N N 151 
ILE N   H2   sing N N 152 
ILE CA  C    sing N N 153 
ILE CA  CB   sing N N 154 
ILE CA  HA   sing N N 155 
ILE C   O    doub N N 156 
ILE C   OXT  sing N N 157 
ILE CB  CG1  sing N N 158 
ILE CB  CG2  sing N N 159 
ILE CB  HB   sing N N 160 
ILE CG1 CD1  sing N N 161 
ILE CG1 HG12 sing N N 162 
ILE CG1 HG13 sing N N 163 
ILE CG2 HG21 sing N N 164 
ILE CG2 HG22 sing N N 165 
ILE CG2 HG23 sing N N 166 
ILE CD1 HD11 sing N N 167 
ILE CD1 HD12 sing N N 168 
ILE CD1 HD13 sing N N 169 
ILE OXT HXT  sing N N 170 
LEU N   CA   sing N N 171 
LEU N   H    sing N N 172 
LEU N   H2   sing N N 173 
LEU CA  C    sing N N 174 
LEU CA  CB   sing N N 175 
LEU CA  HA   sing N N 176 
LEU C   O    doub N N 177 
LEU C   OXT  sing N N 178 
LEU CB  CG   sing N N 179 
LEU CB  HB2  sing N N 180 
LEU CB  HB3  sing N N 181 
LEU CG  CD1  sing N N 182 
LEU CG  CD2  sing N N 183 
LEU CG  HG   sing N N 184 
LEU CD1 HD11 sing N N 185 
LEU CD1 HD12 sing N N 186 
LEU CD1 HD13 sing N N 187 
LEU CD2 HD21 sing N N 188 
LEU CD2 HD22 sing N N 189 
LEU CD2 HD23 sing N N 190 
LEU OXT HXT  sing N N 191 
LYS N   CA   sing N N 192 
LYS N   H    sing N N 193 
LYS N   H2   sing N N 194 
LYS CA  C    sing N N 195 
LYS CA  CB   sing N N 196 
LYS CA  HA   sing N N 197 
LYS C   O    doub N N 198 
LYS C   OXT  sing N N 199 
LYS CB  CG   sing N N 200 
LYS CB  HB2  sing N N 201 
LYS CB  HB3  sing N N 202 
LYS CG  CD   sing N N 203 
LYS CG  HG2  sing N N 204 
LYS CG  HG3  sing N N 205 
LYS CD  CE   sing N N 206 
LYS CD  HD2  sing N N 207 
LYS CD  HD3  sing N N 208 
LYS CE  NZ   sing N N 209 
LYS CE  HE2  sing N N 210 
LYS CE  HE3  sing N N 211 
LYS NZ  HZ1  sing N N 212 
LYS NZ  HZ2  sing N N 213 
LYS NZ  HZ3  sing N N 214 
LYS OXT HXT  sing N N 215 
MET N   CA   sing N N 216 
MET N   H    sing N N 217 
MET N   H2   sing N N 218 
MET CA  C    sing N N 219 
MET CA  CB   sing N N 220 
MET CA  HA   sing N N 221 
MET C   O    doub N N 222 
MET C   OXT  sing N N 223 
MET CB  CG   sing N N 224 
MET CB  HB2  sing N N 225 
MET CB  HB3  sing N N 226 
MET CG  SD   sing N N 227 
MET CG  HG2  sing N N 228 
MET CG  HG3  sing N N 229 
MET SD  CE   sing N N 230 
MET CE  HE1  sing N N 231 
MET CE  HE2  sing N N 232 
MET CE  HE3  sing N N 233 
MET OXT HXT  sing N N 234 
PHE N   CA   sing N N 235 
PHE N   H    sing N N 236 
PHE N   H2   sing N N 237 
PHE CA  C    sing N N 238 
PHE CA  CB   sing N N 239 
PHE CA  HA   sing N N 240 
PHE C   O    doub N N 241 
PHE C   OXT  sing N N 242 
PHE CB  CG   sing N N 243 
PHE CB  HB2  sing N N 244 
PHE CB  HB3  sing N N 245 
PHE CG  CD1  doub Y N 246 
PHE CG  CD2  sing Y N 247 
PHE CD1 CE1  sing Y N 248 
PHE CD1 HD1  sing N N 249 
PHE CD2 CE2  doub Y N 250 
PHE CD2 HD2  sing N N 251 
PHE CE1 CZ   doub Y N 252 
PHE CE1 HE1  sing N N 253 
PHE CE2 CZ   sing Y N 254 
PHE CE2 HE2  sing N N 255 
PHE CZ  HZ   sing N N 256 
PHE OXT HXT  sing N N 257 
PRO N   CA   sing N N 258 
PRO N   CD   sing N N 259 
PRO N   H    sing N N 260 
PRO CA  C    sing N N 261 
PRO CA  CB   sing N N 262 
PRO CA  HA   sing N N 263 
PRO C   O    doub N N 264 
PRO C   OXT  sing N N 265 
PRO CB  CG   sing N N 266 
PRO CB  HB2  sing N N 267 
PRO CB  HB3  sing N N 268 
PRO CG  CD   sing N N 269 
PRO CG  HG2  sing N N 270 
PRO CG  HG3  sing N N 271 
PRO CD  HD2  sing N N 272 
PRO CD  HD3  sing N N 273 
PRO OXT HXT  sing N N 274 
SER N   CA   sing N N 275 
SER N   H    sing N N 276 
SER N   H2   sing N N 277 
SER CA  C    sing N N 278 
SER CA  CB   sing N N 279 
SER CA  HA   sing N N 280 
SER C   O    doub N N 281 
SER C   OXT  sing N N 282 
SER CB  OG   sing N N 283 
SER CB  HB2  sing N N 284 
SER CB  HB3  sing N N 285 
SER OG  HG   sing N N 286 
SER OXT HXT  sing N N 287 
THR N   CA   sing N N 288 
THR N   H    sing N N 289 
THR N   H2   sing N N 290 
THR CA  C    sing N N 291 
THR CA  CB   sing N N 292 
THR CA  HA   sing N N 293 
THR C   O    doub N N 294 
THR C   OXT  sing N N 295 
THR CB  OG1  sing N N 296 
THR CB  CG2  sing N N 297 
THR CB  HB   sing N N 298 
THR OG1 HG1  sing N N 299 
THR CG2 HG21 sing N N 300 
THR CG2 HG22 sing N N 301 
THR CG2 HG23 sing N N 302 
THR OXT HXT  sing N N 303 
TRP N   CA   sing N N 304 
TRP N   H    sing N N 305 
TRP N   H2   sing N N 306 
TRP CA  C    sing N N 307 
TRP CA  CB   sing N N 308 
TRP CA  HA   sing N N 309 
TRP C   O    doub N N 310 
TRP C   OXT  sing N N 311 
TRP CB  CG   sing N N 312 
TRP CB  HB2  sing N N 313 
TRP CB  HB3  sing N N 314 
TRP CG  CD1  doub Y N 315 
TRP CG  CD2  sing Y N 316 
TRP CD1 NE1  sing Y N 317 
TRP CD1 HD1  sing N N 318 
TRP CD2 CE2  doub Y N 319 
TRP CD2 CE3  sing Y N 320 
TRP NE1 CE2  sing Y N 321 
TRP NE1 HE1  sing N N 322 
TRP CE2 CZ2  sing Y N 323 
TRP CE3 CZ3  doub Y N 324 
TRP CE3 HE3  sing N N 325 
TRP CZ2 CH2  doub Y N 326 
TRP CZ2 HZ2  sing N N 327 
TRP CZ3 CH2  sing Y N 328 
TRP CZ3 HZ3  sing N N 329 
TRP CH2 HH2  sing N N 330 
TRP OXT HXT  sing N N 331 
TYR N   CA   sing N N 332 
TYR N   H    sing N N 333 
TYR N   H2   sing N N 334 
TYR CA  C    sing N N 335 
TYR CA  CB   sing N N 336 
TYR CA  HA   sing N N 337 
TYR C   O    doub N N 338 
TYR C   OXT  sing N N 339 
TYR CB  CG   sing N N 340 
TYR CB  HB2  sing N N 341 
TYR CB  HB3  sing N N 342 
TYR CG  CD1  doub Y N 343 
TYR CG  CD2  sing Y N 344 
TYR CD1 CE1  sing Y N 345 
TYR CD1 HD1  sing N N 346 
TYR CD2 CE2  doub Y N 347 
TYR CD2 HD2  sing N N 348 
TYR CE1 CZ   doub Y N 349 
TYR CE1 HE1  sing N N 350 
TYR CE2 CZ   sing Y N 351 
TYR CE2 HE2  sing N N 352 
TYR CZ  OH   sing N N 353 
TYR OH  HH   sing N N 354 
TYR OXT HXT  sing N N 355 
VAL N   CA   sing N N 356 
VAL N   H    sing N N 357 
VAL N   H2   sing N N 358 
VAL CA  C    sing N N 359 
VAL CA  CB   sing N N 360 
VAL CA  HA   sing N N 361 
VAL C   O    doub N N 362 
VAL C   OXT  sing N N 363 
VAL CB  CG1  sing N N 364 
VAL CB  CG2  sing N N 365 
VAL CB  HB   sing N N 366 
VAL CG1 HG11 sing N N 367 
VAL CG1 HG12 sing N N 368 
VAL CG1 HG13 sing N N 369 
VAL CG2 HG21 sing N N 370 
VAL CG2 HG22 sing N N 371 
VAL CG2 HG23 sing N N 372 
VAL OXT HXT  sing N N 373 
# 
loop_
_pdbx_coordinate_model.asym_id 
_pdbx_coordinate_model.type 
A 'CA ATOMS ONLY' 
B 'CA ATOMS ONLY' 
C 'CA ATOMS ONLY' 
D 'CA ATOMS ONLY' 
E 'CA ATOMS ONLY' 
F 'CA ATOMS ONLY' 
G 'CA ATOMS ONLY' 
H 'CA ATOMS ONLY' 
I 'CA ATOMS ONLY' 
J 'CA ATOMS ONLY' 
# 
_atom_sites.entry_id                    1MLI 
_atom_sites.fract_transf_matrix[1][1]   0.00842937 
_atom_sites.fract_transf_matrix[1][2]   -0.00606873 
_atom_sites.fract_transf_matrix[1][3]   0.01108193 
_atom_sites.fract_transf_matrix[2][1]   0.00531262 
_atom_sites.fract_transf_matrix[2][2]   -0.00442709 
_atom_sites.fract_transf_matrix[2][3]   -0.00646537 
_atom_sites.fract_transf_matrix[3][1]   0.00801607 
_atom_sites.fract_transf_matrix[3][2]   0.01016645 
_atom_sites.fract_transf_matrix[3][3]   -0.00037452 
_atom_sites.fract_transf_vector[1]      0.249361 
_atom_sites.fract_transf_vector[2]      0.006547 
_atom_sites.fract_transf_vector[3]      0.250080 
# 
_atom_type.symbol   C 
# 
loop_
_atom_site.group_PDB 
_atom_site.id 
_atom_site.type_symbol 
_atom_site.label_atom_id 
_atom_site.label_alt_id 
_atom_site.label_comp_id 
_atom_site.label_asym_id 
_atom_site.label_entity_id 
_atom_site.label_seq_id 
_atom_site.pdbx_PDB_ins_code 
_atom_site.Cartn_x 
_atom_site.Cartn_y 
_atom_site.Cartn_z 
_atom_site.occupancy 
_atom_site.B_iso_or_equiv 
_atom_site.pdbx_formal_charge 
_atom_site.auth_seq_id 
_atom_site.auth_comp_id 
_atom_site.auth_asym_id 
_atom_site.auth_atom_id 
_atom_site.pdbx_PDB_model_num 
ATOM 1   C CA . MET A 1 1  ? 24.323  16.278  -10.105 1.00 0.00 ? 1  MET A CA 1 
ATOM 2   C CA . LEU A 1 2  ? 22.939  12.899  -10.825 1.00 0.00 ? 2  LEU A CA 1 
ATOM 3   C CA . PHE A 1 3  ? 19.329  12.700  -9.766  1.00 0.00 ? 3  PHE A CA 1 
ATOM 4   C CA . HIS A 1 4  ? 17.053  9.871   -10.818 1.00 0.00 ? 4  HIS A CA 1 
ATOM 5   C CA . VAL A 1 5  ? 13.821  9.875   -12.394 1.00 0.00 ? 5  VAL A CA 1 
ATOM 6   C CA . LYS A 1 6  ? 11.108  7.507   -13.378 1.00 0.00 ? 6  LYS A CA 1 
ATOM 7   C CA . MET A 1 7  ? 8.954   8.502   -16.233 1.00 0.00 ? 7  MET A CA 1 
ATOM 8   C CA . THR A 1 8  ? 5.643   6.776   -16.781 1.00 0.00 ? 8  THR A CA 1 
ATOM 9   C CA . VAL A 1 9  ? 3.878   8.191   -19.863 1.00 0.00 ? 9  VAL A CA 1 
ATOM 10  C CA . LYS A 1 10 ? 0.395   7.031   -18.518 1.00 0.00 ? 10 LYS A CA 1 
ATOM 11  C CA . LEU A 1 11 ? -0.920  8.642   -21.759 1.00 0.00 ? 11 LEU A CA 1 
ATOM 12  C CA . PRO A 1 12 ? -4.722  8.278   -22.419 1.00 0.00 ? 12 PRO A CA 1 
ATOM 13  C CA . VAL A 1 13 ? -6.464  6.030   -24.817 1.00 0.00 ? 13 VAL A CA 1 
ATOM 14  C CA . ASP A 1 14 ? -8.585  8.395   -26.919 1.00 0.00 ? 14 ASP A CA 1 
ATOM 15  C CA . MET A 1 15 ? -6.898  11.846  -26.791 1.00 0.00 ? 15 MET A CA 1 
ATOM 16  C CA . ASP A 1 16 ? -6.493  11.192  -30.386 1.00 0.00 ? 16 ASP A CA 1 
ATOM 17  C CA . PRO A 1 17 ? -3.677  10.484  -32.797 1.00 0.00 ? 17 PRO A CA 1 
ATOM 18  C CA . ALA A 1 18 ? -1.892  13.716  -33.806 1.00 0.00 ? 18 ALA A CA 1 
ATOM 19  C CA . LYS A 1 19 ? -1.770  14.701  -30.364 1.00 0.00 ? 19 LYS A CA 1 
ATOM 20  C CA . ALA A 1 20 ? -0.577  11.268  -29.543 1.00 0.00 ? 20 ALA A CA 1 
ATOM 21  C CA . THR A 1 21 ? 1.921   11.052  -32.518 1.00 0.00 ? 21 THR A CA 1 
ATOM 22  C CA . GLN A 1 22 ? 2.974   15.008  -32.241 1.00 0.00 ? 22 GLN A CA 1 
ATOM 23  C CA . LEU A 1 23 ? 3.998   14.184  -28.706 1.00 0.00 ? 23 LEU A CA 1 
ATOM 24  C CA . LYS A 1 24 ? 5.694   10.853  -28.907 1.00 0.00 ? 24 LYS A CA 1 
ATOM 25  C CA . ALA A 1 25 ? 7.943   12.639  -31.439 1.00 0.00 ? 25 ALA A CA 1 
ATOM 26  C CA . ASP A 1 26 ? 9.012   16.034  -29.752 1.00 0.00 ? 26 ASP A CA 1 
ATOM 27  C CA . GLU A 1 27 ? 9.581   14.517  -26.220 1.00 0.00 ? 27 GLU A CA 1 
ATOM 28  C CA . LYS A 1 28 ? 12.273  12.639  -28.469 1.00 0.00 ? 28 LYS A CA 1 
ATOM 29  C CA . GLU A 1 29 ? 14.279  15.737  -28.988 1.00 0.00 ? 29 GLU A CA 1 
ATOM 30  C CA . LEU A 1 30 ? 14.912  17.090  -25.436 1.00 0.00 ? 30 LEU A CA 1 
ATOM 31  C CA . ALA A 1 31 ? 15.883  13.427  -25.205 1.00 0.00 ? 31 ALA A CA 1 
ATOM 32  C CA . GLN A 1 32 ? 18.997  14.601  -27.077 1.00 0.00 ? 32 GLN A CA 1 
ATOM 33  C CA . ARG A 1 33 ? 18.480  18.305  -26.752 1.00 0.00 ? 33 ARG A CA 1 
ATOM 34  C CA . LEU A 1 34 ? 20.340  17.133  -23.791 1.00 0.00 ? 34 LEU A CA 1 
ATOM 35  C CA . GLN A 1 35 ? 21.705  13.671  -24.608 1.00 0.00 ? 35 GLN A CA 1 
ATOM 36  C CA . ARG A 1 36 ? 24.508  15.245  -26.683 1.00 0.00 ? 36 ARG A CA 1 
ATOM 37  C CA . GLU A 1 37 ? 25.067  18.379  -24.494 1.00 0.00 ? 37 GLU A CA 1 
ATOM 38  C CA . GLY A 1 38 ? 24.079  16.255  -21.654 1.00 0.00 ? 38 GLY A CA 1 
ATOM 39  C CA . THR A 1 39 ? 21.942  17.442  -19.087 1.00 0.00 ? 39 THR A CA 1 
ATOM 40  C CA . TRP A 1 40 ? 20.311  13.762  -19.288 1.00 0.00 ? 40 TRP A CA 1 
ATOM 41  C CA . ARG A 1 41 ? 22.779  11.170  -18.924 1.00 0.00 ? 41 ARG A CA 1 
ATOM 42  C CA . HIS A 1 42 ? 21.523  7.689   -19.935 1.00 0.00 ? 42 HIS A CA 1 
ATOM 43  C CA . LEU A 1 43 ? 18.225  6.778   -21.565 1.00 0.00 ? 43 LEU A CA 1 
ATOM 44  C CA . TRP A 1 44 ? 16.796  3.374   -21.098 1.00 0.00 ? 44 TRP A CA 1 
ATOM 45  C CA . ARG A 1 45 ? 13.763  1.197   -21.594 1.00 0.00 ? 45 ARG A CA 1 
ATOM 46  C CA . ILE A 1 46 ? 12.677  -0.141  -18.103 1.00 0.00 ? 46 ILE A CA 1 
ATOM 47  C CA . ALA A 1 47 ? 11.261  -2.655  -20.132 1.00 0.00 ? 47 ALA A CA 1 
ATOM 48  C CA . GLY A 1 48 ? 8.426   -4.760  -20.679 1.00 0.00 ? 48 GLY A CA 1 
ATOM 49  C CA . HIS A 1 49 ? 6.268   -1.841  -19.592 1.00 0.00 ? 49 HIS A CA 1 
ATOM 50  C CA . TYR A 1 50 ? 5.111   1.516   -20.917 1.00 0.00 ? 50 TYR A CA 1 
ATOM 51  C CA . ALA A 1 51 ? 7.845   3.841   -19.620 1.00 0.00 ? 51 ALA A CA 1 
ATOM 52  C CA . ASN A 1 52 ? 11.561  4.263   -18.771 1.00 0.00 ? 52 ASN A CA 1 
ATOM 53  C CA . TYR A 1 53 ? 14.552  5.108   -16.314 1.00 0.00 ? 53 TYR A CA 1 
ATOM 54  C CA . SER A 1 54 ? 16.740  8.333   -16.578 1.00 0.00 ? 54 SER A CA 1 
ATOM 55  C CA . VAL A 1 55 ? 19.746  9.907   -14.800 1.00 0.00 ? 55 VAL A CA 1 
ATOM 56  C CA . PHE A 1 56 ? 20.580  13.512  -14.900 1.00 0.00 ? 56 PHE A CA 1 
ATOM 57  C CA . ASP A 1 57 ? 23.859  15.452  -14.647 1.00 0.00 ? 57 ASP A CA 1 
ATOM 58  C CA . VAL A 1 58 ? 22.540  18.798  -14.179 1.00 0.00 ? 58 VAL A CA 1 
ATOM 59  C CA . PRO A 1 59 ? 23.815  21.584  -11.917 1.00 0.00 ? 59 PRO A CA 1 
ATOM 60  C CA . SER A 1 60 ? 21.788  22.699  -9.015  1.00 0.00 ? 60 SER A CA 1 
ATOM 61  C CA . VAL A 1 61 ? 18.333  21.441  -8.283  1.00 0.00 ? 61 VAL A CA 1 
ATOM 62  C CA . GLU A 1 62 ? 16.346  24.193  -9.931  1.00 0.00 ? 62 GLU A CA 1 
ATOM 63  C CA . ALA A 1 63 ? 17.864  22.843  -13.097 1.00 0.00 ? 63 ALA A CA 1 
ATOM 64  C CA . LEU A 1 64 ? 16.166  19.513  -13.585 1.00 0.00 ? 64 LEU A CA 1 
ATOM 65  C CA . HIS A 1 65 ? 13.064  21.148  -12.370 1.00 0.00 ? 65 HIS A CA 1 
ATOM 66  C CA . ASP A 1 66 ? 12.906  23.442  -15.302 1.00 0.00 ? 66 ASP A CA 1 
ATOM 67  C CA . THR A 1 67 ? 14.205  20.634  -17.624 1.00 0.00 ? 67 THR A CA 1 
ATOM 68  C CA . LEU A 1 68 ? 12.239  17.713  -16.220 1.00 0.00 ? 68 LEU A CA 1 
ATOM 69  C CA . MET A 1 69 ? 9.020   19.729  -16.100 1.00 0.00 ? 69 MET A CA 1 
ATOM 70  C CA . GLN A 1 70 ? 9.595   20.703  -19.761 1.00 0.00 ? 70 GLN A CA 1 
ATOM 71  C CA . LEU A 1 71 ? 9.592   17.953  -22.249 1.00 0.00 ? 71 LEU A CA 1 
ATOM 72  C CA . PRO A 1 72 ? 6.459   17.320  -24.162 1.00 0.00 ? 72 PRO A CA 1 
ATOM 73  C CA . LEU A 1 73 ? 4.786   15.067  -21.656 1.00 0.00 ? 73 LEU A CA 1 
ATOM 74  C CA . PHE A 1 74 ? 5.032   16.088  -18.028 1.00 0.00 ? 74 PHE A CA 1 
ATOM 75  C CA . PRO A 1 75 ? 1.448   17.182  -18.152 1.00 0.00 ? 75 PRO A CA 1 
ATOM 76  C CA . TYR A 1 76 ? 0.291   13.609  -18.827 1.00 0.00 ? 76 TYR A CA 1 
ATOM 77  C CA . MET A 1 77 ? 3.255   11.725  -17.028 1.00 0.00 ? 77 MET A CA 1 
ATOM 78  C CA . ASP A 1 78 ? 4.008   10.147  -13.610 1.00 0.00 ? 78 ASP A CA 1 
ATOM 79  C CA . ILE A 1 79 ? 7.285   10.669  -11.977 1.00 0.00 ? 79 ILE A CA 1 
ATOM 80  C CA . GLU A 1 80 ? 9.686   9.744   -9.167  1.00 0.00 ? 80 GLU A CA 1 
ATOM 81  C CA . VAL A 1 81 ? 12.875  11.445  -8.037  1.00 0.00 ? 81 VAL A CA 1 
ATOM 82  C CA . ASP A 1 82 ? 15.409  9.426   -6.090  1.00 0.00 ? 82 ASP A CA 1 
ATOM 83  C CA . GLY A 1 83 ? 18.613  11.568  -6.406  1.00 0.00 ? 83 GLY A CA 1 
ATOM 84  C CA . LEU A 1 84 ? 21.885  10.324  -5.419  1.00 0.00 ? 84 LEU A CA 1 
ATOM 85  C CA . CYS A 1 85 ? 25.534  10.836  -4.621  1.00 0.00 ? 85 CYS A CA 1 
ATOM 86  C CA . ARG A 1 86 ? 28.634  8.414   -5.003  1.00 0.00 ? 86 ARG A CA 1 
ATOM 87  C CA . HIS A 1 87 ? 29.559  5.369   -3.363  1.00 0.00 ? 87 HIS A CA 1 
ATOM 88  C CA . PRO A 1 88 ? 32.678  4.392   -1.754  1.00 0.00 ? 88 PRO A CA 1 
ATOM 89  C CA . SER A 1 89 ? 32.979  1.051   -3.718  1.00 0.00 ? 89 SER A CA 1 
ATOM 90  C CA . SER A 1 90 ? 33.616  2.517   -7.206  1.00 0.00 ? 90 SER A CA 1 
ATOM 91  C CA . ILE A 1 91 ? 36.569  1.825   -9.388  1.00 0.00 ? 91 ILE A CA 1 
ATOM 92  C CA . HIS A 1 92 ? 36.379  5.203   -11.134 1.00 0.00 ? 92 HIS A CA 1 
ATOM 93  C CA . SER A 1 93 ? 36.874  8.763   -9.568  1.00 0.00 ? 93 SER A CA 1 
ATOM 94  C CA . ASP A 1 94 ? 34.053  10.556  -11.349 1.00 0.00 ? 94 ASP A CA 1 
ATOM 95  C CA . ASP A 1 95 ? 30.357  10.645  -10.651 1.00 0.00 ? 95 ASP A CA 1 
ATOM 96  C CA . ARG A 1 96 ? 29.525  7.425   -12.723 1.00 0.00 ? 96 ARG A CA 1 
ATOM 97  C CA . MET B 1 1  ? 22.041  -7.625  -20.367 1.00 0.00 ? 1  MET B CA 1 
ATOM 98  C CA . LEU B 1 2  ? 21.323  -4.639  -18.264 1.00 0.00 ? 2  LEU B CA 1 
ATOM 99  C CA . PHE B 1 3  ? 19.011  -5.545  -15.432 1.00 0.00 ? 3  PHE B CA 1 
ATOM 100 C CA . HIS B 1 4  ? 18.407  -3.254  -12.486 1.00 0.00 ? 4  HIS B CA 1 
ATOM 101 C CA . VAL B 1 5  ? 18.644  -3.817  -8.944  1.00 0.00 ? 5  VAL B CA 1 
ATOM 102 C CA . LYS B 1 6  ? 17.938  -2.087  -5.712  1.00 0.00 ? 6  LYS B CA 1 
ATOM 103 C CA . MET B 1 7  ? 19.967  -3.105  -2.774  1.00 0.00 ? 7  MET B CA 1 
ATOM 104 C CA . THR B 1 8  ? 18.815  -2.213  0.707   1.00 0.00 ? 8  THR B CA 1 
ATOM 105 C CA . VAL B 1 9  ? 21.295  -3.493  3.319   1.00 0.00 ? 9  VAL B CA 1 
ATOM 106 C CA . LYS B 1 10 ? 18.529  -3.501  6.082   1.00 0.00 ? 10 LYS B CA 1 
ATOM 107 C CA . LEU B 1 11 ? 21.365  -4.827  8.323   1.00 0.00 ? 11 LEU B CA 1 
ATOM 108 C CA . PRO B 1 12 ? 20.481  -5.338  12.062  1.00 0.00 ? 12 PRO B CA 1 
ATOM 109 C CA . VAL B 1 13 ? 21.425  -3.239  14.985  1.00 0.00 ? 13 VAL B CA 1 
ATOM 110 C CA . ASP B 1 14 ? 23.140  -5.679  17.353  1.00 0.00 ? 14 ASP B CA 1 
ATOM 111 C CA . MET B 1 15 ? 24.517  -8.559  15.211  1.00 0.00 ? 15 MET B CA 1 
ATOM 112 C CA . ASP B 1 16 ? 27.719  -7.232  16.436  1.00 0.00 ? 16 ASP B CA 1 
ATOM 113 C CA . PRO B 1 17 ? 30.723  -5.437  15.022  1.00 0.00 ? 17 PRO B CA 1 
ATOM 114 C CA . ALA B 1 18 ? 33.099  -7.892  13.296  1.00 0.00 ? 18 ALA B CA 1 
ATOM 115 C CA . LYS B 1 19 ? 30.310  -9.376  11.607  1.00 0.00 ? 19 LYS B CA 1 
ATOM 116 C CA . ALA B 1 20 ? 29.133  -5.939  10.775  1.00 0.00 ? 20 ALA B CA 1 
ATOM 117 C CA . THR B 1 21 ? 32.653  -4.600  9.795   1.00 0.00 ? 21 THR B CA 1 
ATOM 118 C CA . GLN B 1 22 ? 33.794  -8.146  8.076   1.00 0.00 ? 22 GLN B CA 1 
ATOM 119 C CA . LEU B 1 23 ? 30.789  -7.692  5.843   1.00 0.00 ? 23 LEU B CA 1 
ATOM 120 C CA . LYS B 1 24 ? 30.738  -4.055  4.963   1.00 0.00 ? 24 LYS B CA 1 
ATOM 121 C CA . ALA B 1 25 ? 34.279  -4.760  3.690   1.00 0.00 ? 25 ALA B CA 1 
ATOM 122 C CA . ASP B 1 26 ? 34.020  -8.003  1.470   1.00 0.00 ? 26 ASP B CA 1 
ATOM 123 C CA . GLU B 1 27 ? 30.675  -7.005  -0.237  1.00 0.00 ? 27 GLU B CA 1 
ATOM 124 C CA . LYS B 1 28 ? 33.191  -4.155  -1.411  1.00 0.00 ? 28 LYS B CA 1 
ATOM 125 C CA . GLU B 1 29 ? 35.174  -6.508  -3.514  1.00 0.00 ? 29 GLU B CA 1 
ATOM 126 C CA . LEU B 1 30 ? 32.564  -8.229  -5.768  1.00 0.00 ? 30 LEU B CA 1 
ATOM 127 C CA . ALA B 1 31 ? 31.778  -4.531  -6.120  1.00 0.00 ? 31 ALA B CA 1 
ATOM 128 C CA . GLN B 1 32 ? 34.887  -4.544  -8.337  1.00 0.00 ? 32 GLN B CA 1 
ATOM 129 C CA . ARG B 1 33 ? 35.351  -8.259  -8.627  1.00 0.00 ? 33 ARG B CA 1 
ATOM 130 C CA . LEU B 1 34 ? 33.075  -7.165  -11.315 1.00 0.00 ? 34 LEU B CA 1 
ATOM 131 C CA . GLN B 1 35 ? 33.422  -3.383  -11.624 1.00 0.00 ? 35 GLN B CA 1 
ATOM 132 C CA . ARG B 1 36 ? 36.701  -3.821  -13.545 1.00 0.00 ? 36 ARG B CA 1 
ATOM 133 C CA . GLU B 1 37 ? 35.740  -7.030  -15.470 1.00 0.00 ? 37 GLU B CA 1 
ATOM 134 C CA . GLY B 1 38 ? 32.296  -5.734  -15.397 1.00 0.00 ? 38 GLY B CA 1 
ATOM 135 C CA . THR B 1 39 ? 29.521  -7.838  -14.736 1.00 0.00 ? 39 THR B CA 1 
ATOM 136 C CA . TRP B 1 40 ? 28.172  -4.713  -12.577 1.00 0.00 ? 40 TRP B CA 1 
ATOM 137 C CA . ARG B 1 41 ? 28.082  -1.678  -14.503 1.00 0.00 ? 41 ARG B CA 1 
ATOM 138 C CA . HIS B 1 42 ? 27.645  1.487   -12.380 1.00 0.00 ? 42 HIS B CA 1 
ATOM 139 C CA . LEU B 1 43 ? 27.677  1.788   -8.603  1.00 0.00 ? 43 LEU B CA 1 
ATOM 140 C CA . TRP B 1 44 ? 25.872  4.589   -6.945  1.00 0.00 ? 44 TRP B CA 1 
ATOM 141 C CA . ARG B 1 45 ? 24.659  5.973   -3.658  1.00 0.00 ? 45 ARG B CA 1 
ATOM 142 C CA . ILE B 1 46 ? 20.796  6.388   -3.897  1.00 0.00 ? 46 ILE B CA 1 
ATOM 143 C CA . ALA B 1 47 ? 21.460  8.761   -1.373  1.00 0.00 ? 47 ALA B CA 1 
ATOM 144 C CA . GLY B 1 48 ? 20.383  10.136  1.744   1.00 0.00 ? 48 GLY B CA 1 
ATOM 145 C CA . HIS B 1 49 ? 19.369  6.624   2.744   1.00 0.00 ? 49 HIS B CA 1 
ATOM 146 C CA . TYR B 1 50 ? 20.989  3.355   3.764   1.00 0.00 ? 50 TYR B CA 1 
ATOM 147 C CA . ALA B 1 51 ? 21.413  1.619   0.391   1.00 0.00 ? 51 ALA B CA 1 
ATOM 148 C CA . ASN B 1 52 ? 22.109  2.021   -3.358  1.00 0.00 ? 52 ASN B CA 1 
ATOM 149 C CA . TYR B 1 53 ? 21.211  1.566   -7.190  1.00 0.00 ? 53 TYR B CA 1 
ATOM 150 C CA . SER B 1 54 ? 23.063  -0.905  -9.582  1.00 0.00 ? 54 SER B CA 1 
ATOM 151 C CA . VAL B 1 55 ? 22.963  -1.937  -13.270 1.00 0.00 ? 55 VAL B CA 1 
ATOM 152 C CA . PHE B 1 56 ? 24.273  -5.142  -14.579 1.00 0.00 ? 56 PHE B CA 1 
ATOM 153 C CA . ASP B 1 57 ? 25.732  -6.196  -17.946 1.00 0.00 ? 57 ASP B CA 1 
ATOM 154 C CA . VAL B 1 58 ? 25.685  -9.798  -17.515 1.00 0.00 ? 58 VAL B CA 1 
ATOM 155 C CA . PRO B 1 59 ? 24.830  -12.505 -20.054 1.00 0.00 ? 59 PRO B CA 1 
ATOM 156 C CA . SER B 1 60 ? 21.777  -14.570 -19.616 1.00 0.00 ? 60 SER B CA 1 
ATOM 157 C CA . VAL B 1 61 ? 19.545  -14.372 -16.611 1.00 0.00 ? 61 VAL B CA 1 
ATOM 158 C CA . GLU B 1 62 ? 20.999  -17.223 -14.613 1.00 0.00 ? 62 GLU B CA 1 
ATOM 159 C CA . ALA B 1 63 ? 24.044  -15.022 -14.446 1.00 0.00 ? 63 ALA B CA 1 
ATOM 160 C CA . LEU B 1 64 ? 23.018  -12.201 -12.168 1.00 0.00 ? 64 LEU B CA 1 
ATOM 161 C CA . HIS B 1 65 ? 21.218  -14.751 -10.160 1.00 0.00 ? 65 HIS B CA 1 
ATOM 162 C CA . ASP B 1 66 ? 24.371  -16.487 -9.197  1.00 0.00 ? 66 ASP B CA 1 
ATOM 163 C CA . THR B 1 67 ? 26.210  -13.092 -8.937  1.00 0.00 ? 67 THR B CA 1 
ATOM 164 C CA . LEU B 1 68 ? 23.494  -11.045 -7.264  1.00 0.00 ? 68 LEU B CA 1 
ATOM 165 C CA . MET B 1 69 ? 22.729  -13.804 -4.765  1.00 0.00 ? 69 MET B CA 1 
ATOM 166 C CA . GLN B 1 70 ? 26.466  -13.973 -3.939  1.00 0.00 ? 70 GLN B CA 1 
ATOM 167 C CA . LEU B 1 71 ? 27.995  -10.939 -2.454  1.00 0.00 ? 71 LEU B CA 1 
ATOM 168 C CA . PRO B 1 72 ? 28.410  -10.813 1.246   1.00 0.00 ? 72 PRO B CA 1 
ATOM 169 C CA . LEU B 1 73 ? 24.982  -9.512  2.092   1.00 0.00 ? 73 LEU B CA 1 
ATOM 170 C CA . PHE B 1 74 ? 22.081  -11.029 0.210   1.00 0.00 ? 74 PHE B CA 1 
ATOM 171 C CA . PRO B 1 75 ? 21.167  -12.962 3.290   1.00 0.00 ? 75 PRO B CA 1 
ATOM 172 C CA . TYR B 1 76 ? 20.441  -9.741  5.201   1.00 0.00 ? 76 TYR B CA 1 
ATOM 173 C CA . MET B 1 77 ? 19.427  -7.493  2.120   1.00 0.00 ? 77 MET B CA 1 
ATOM 174 C CA . ASP B 1 78 ? 16.236  -6.370  0.305   1.00 0.00 ? 78 ASP B CA 1 
ATOM 175 C CA . ILE B 1 79 ? 16.097  -6.306  -3.391  1.00 0.00 ? 79 ILE B CA 1 
ATOM 176 C CA . GLU B 1 80 ? 14.217  -5.284  -6.542  1.00 0.00 ? 80 GLU B CA 1 
ATOM 177 C CA . VAL B 1 81 ? 14.796  -6.282  -10.150 1.00 0.00 ? 81 VAL B CA 1 
ATOM 178 C CA . ASP B 1 82 ? 13.459  -4.039  -12.882 1.00 0.00 ? 82 ASP B CA 1 
ATOM 179 C CA . GLY B 1 83 ? 15.452  -5.211  -15.982 1.00 0.00 ? 83 GLY B CA 1 
ATOM 180 C CA . LEU B 1 84 ? 15.440  -3.358  -19.111 1.00 0.00 ? 84 LEU B CA 1 
ATOM 181 C CA . CYS B 1 85 ? 16.181  -3.051  -22.795 1.00 0.00 ? 85 CYS B CA 1 
ATOM 182 C CA . ARG B 1 86 ? 17.034  0.108   -25.011 1.00 0.00 ? 86 ARG B CA 1 
ATOM 183 C CA . HIS B 1 87 ? 15.126  2.970   -26.004 1.00 0.00 ? 87 HIS B CA 1 
ATOM 184 C CA . PRO B 1 88 ? 14.570  4.425   -29.298 1.00 0.00 ? 88 PRO B CA 1 
ATOM 185 C CA . SER B 1 89 ? 15.588  8.013   -28.201 1.00 0.00 ? 89 SER B CA 1 
ATOM 186 C CA . SER B 1 90 ? 19.319  7.362   -27.584 1.00 0.00 ? 90 SER B CA 1 
ATOM 187 C CA . ILE B 1 91 ? 22.171  9.137   -29.218 1.00 0.00 ? 91 ILE B CA 1 
ATOM 188 C CA . HIS B 1 92 ? 24.526  6.163   -28.895 1.00 0.00 ? 92 HIS B CA 1 
ATOM 189 C CA . SER B 1 93 ? 24.210  2.637   -30.578 1.00 0.00 ? 93 SER B CA 1 
ATOM 190 C CA . ASP B 1 94 ? 25.237  0.510   -27.618 1.00 0.00 ? 94 ASP B CA 1 
ATOM 191 C CA . ASP B 1 95 ? 23.289  -0.633  -24.607 1.00 0.00 ? 95 ASP B CA 1 
ATOM 192 C CA . ARG B 1 96 ? 24.024  2.569   -22.471 1.00 0.00 ? 96 ARG B CA 1 
ATOM 193 C CA . MET C 1 1  ? -0.048  27.323  14.564  1.00 0.00 ? 1  MET C CA 1 
ATOM 194 C CA . LEU C 1 2  ? 2.168   25.679  12.068  1.00 0.00 ? 2  LEU C CA 1 
ATOM 195 C CA . PHE C 1 3  ? 0.344   22.880  10.326  1.00 0.00 ? 3  PHE C CA 1 
ATOM 196 C CA . HIS C 1 4  ? 1.666   21.231  7.191   1.00 0.00 ? 4  HIS C CA 1 
ATOM 197 C CA . VAL C 1 5  ? 0.145   20.645  3.987   1.00 0.00 ? 5  VAL C CA 1 
ATOM 198 C CA . LYS C 1 6  ? 0.841   18.907  0.758   1.00 0.00 ? 6  LYS C CA 1 
ATOM 199 C CA . MET C 1 7  ? -0.822  20.251  -2.276  1.00 0.00 ? 7  MET C CA 1 
ATOM 200 C CA . THR C 1 8  ? -1.029  18.143  -5.399  1.00 0.00 ? 8  THR C CA 1 
ATOM 201 C CA . VAL C 1 9  ? -2.821  20.041  -8.192  1.00 0.00 ? 9  VAL C CA 1 
ATOM 202 C CA . LYS C 1 10 ? -3.795  16.696  -9.968  1.00 0.00 ? 10 LYS C CA 1 
ATOM 203 C CA . LEU C 1 11 ? -5.502  19.034  -12.507 1.00 0.00 ? 11 LEU C CA 1 
ATOM 204 C CA . PRO C 1 12 ? -7.106  17.317  -15.590 1.00 0.00 ? 12 PRO C CA 1 
ATOM 205 C CA . VAL C 1 13 ? -5.855  17.183  -19.092 1.00 0.00 ? 13 VAL C CA 1 
ATOM 206 C CA . ASP C 1 14 ? -8.742  18.574  -21.151 1.00 0.00 ? 14 ASP C CA 1 
ATOM 207 C CA . MET C 1 15 ? -10.799 20.844  -18.830 1.00 0.00 ? 15 MET C CA 1 
ATOM 208 C CA . ASP C 1 16 ? -9.655  23.410  -21.201 1.00 0.00 ? 16 ASP C CA 1 
ATOM 209 C CA . PRO C 1 17 ? -7.333  26.385  -21.191 1.00 0.00 ? 17 PRO C CA 1 
ATOM 210 C CA . ALA C 1 18 ? -9.036  29.446  -19.644 1.00 0.00 ? 18 ALA C CA 1 
ATOM 211 C CA . LYS C 1 19 ? -10.169 27.414  -16.921 1.00 0.00 ? 19 LYS C CA 1 
ATOM 212 C CA . ALA C 1 20 ? -6.726  26.008  -16.686 1.00 0.00 ? 20 ALA C CA 1 
ATOM 213 C CA . THR C 1 21 ? -4.929  29.433  -17.109 1.00 0.00 ? 21 THR C CA 1 
ATOM 214 C CA . GLN C 1 22 ? -7.759  31.465  -14.944 1.00 0.00 ? 22 GLN C CA 1 
ATOM 215 C CA . LEU C 1 23 ? -6.901  29.087  -12.145 1.00 0.00 ? 23 LEU C CA 1 
ATOM 216 C CA . LYS C 1 24 ? -3.175  28.741  -12.234 1.00 0.00 ? 24 LYS C CA 1 
ATOM 217 C CA . ALA C 1 25 ? -3.249  32.552  -11.875 1.00 0.00 ? 25 ALA C CA 1 
ATOM 218 C CA . ASP C 1 26 ? -5.745  33.328  -8.929  1.00 0.00 ? 26 ASP C CA 1 
ATOM 219 C CA . GLU C 1 27 ? -4.537  30.416  -6.658  1.00 0.00 ? 27 GLU C CA 1 
ATOM 220 C CA . LYS C 1 28 ? -1.307  32.714  -7.000  1.00 0.00 ? 28 LYS C CA 1 
ATOM 221 C CA . GLU C 1 29 ? -2.830  35.477  -5.018  1.00 0.00 ? 29 GLU C CA 1 
ATOM 222 C CA . LEU C 1 30 ? -4.021  33.796  -1.762  1.00 0.00 ? 30 LEU C CA 1 
ATOM 223 C CA . ALA C 1 31 ? -0.437  32.604  -2.149  1.00 0.00 ? 31 ALA C CA 1 
ATOM 224 C CA . GLN C 1 32 ? 0.389   36.140  -0.969  1.00 0.00 ? 32 GLN C CA 1 
ATOM 225 C CA . ARG C 1 33 ? -3.052  37.187  0.107   1.00 0.00 ? 33 ARG C CA 1 
ATOM 226 C CA . LEU C 1 34 ? -1.404  35.532  2.961   1.00 0.00 ? 34 LEU C CA 1 
ATOM 227 C CA . GLN C 1 35 ? 2.326   35.402  2.193   1.00 0.00 ? 35 GLN C CA 1 
ATOM 228 C CA . ARG C 1 36 ? 2.672   39.088  3.159   1.00 0.00 ? 36 ARG C CA 1 
ATOM 229 C CA . GLU C 1 37 ? 0.078   39.113  6.022   1.00 0.00 ? 37 GLU C CA 1 
ATOM 230 C CA . GLY C 1 38 ? 1.063   35.613  6.597   1.00 0.00 ? 38 GLY C CA 1 
ATOM 231 C CA . THR C 1 39 ? -1.327  33.091  7.298   1.00 0.00 ? 39 THR C CA 1 
ATOM 232 C CA . TRP C 1 40 ? 0.962   30.808  4.891   1.00 0.00 ? 40 TRP C CA 1 
ATOM 233 C CA . ARG C 1 41 ? 4.405   30.776  5.934   1.00 0.00 ? 41 ARG C CA 1 
ATOM 234 C CA . HIS C 1 42 ? 6.805   29.370  3.293   1.00 0.00 ? 42 HIS C CA 1 
ATOM 235 C CA . LEU C 1 43 ? 6.030   28.403  -0.289  1.00 0.00 ? 43 LEU C CA 1 
ATOM 236 C CA . TRP C 1 44 ? 8.120   25.857  -2.023  1.00 0.00 ? 44 TRP C CA 1 
ATOM 237 C CA . ARG C 1 45 ? 8.436   23.669  -5.072  1.00 0.00 ? 45 ARG C CA 1 
ATOM 238 C CA . ILE C 1 46 ? 8.635   19.973  -3.867  1.00 0.00 ? 46 ILE C CA 1 
ATOM 239 C CA . ALA C 1 47 ? 10.240  19.632  -6.990  1.00 0.00 ? 47 ALA C CA 1 
ATOM 240 C CA . GLY C 1 48 ? 10.604  17.619  -9.919  1.00 0.00 ? 48 GLY C CA 1 
ATOM 241 C CA . HIS C 1 49 ? 6.893   16.896  -9.671  1.00 0.00 ? 49 HIS C CA 1 
ATOM 242 C CA . TYR C 1 50 ? 3.587   18.657  -10.246 1.00 0.00 ? 50 TYR C CA 1 
ATOM 243 C CA . ALA C 1 51 ? 2.905   20.161  -6.807  1.00 0.00 ? 51 ALA C CA 1 
ATOM 244 C CA . ASN C 1 52 ? 4.394   21.718  -3.634  1.00 0.00 ? 52 ASN C CA 1 
ATOM 245 C CA . TYR C 1 53 ? 4.977   21.890  0.281   1.00 0.00 ? 53 TYR C CA 1 
ATOM 246 C CA . SER C 1 54 ? 3.414   24.619  2.597   1.00 0.00 ? 54 SER C CA 1 
ATOM 247 C CA . VAL C 1 55 ? 3.458   25.602  6.299   1.00 0.00 ? 55 VAL C CA 1 
ATOM 248 C CA . PHE C 1 56 ? 0.850   27.644  7.950   1.00 0.00 ? 56 PHE C CA 1 
ATOM 249 C CA . ASP C 1 57 ? 0.890   30.041  10.923  1.00 0.00 ? 57 ASP C CA 1 
ATOM 250 C CA . VAL C 1 58 ? -2.681  30.400  11.447  1.00 0.00 ? 58 VAL C CA 1 
ATOM 251 C CA . PRO C 1 59 ? -4.615  30.610  14.722  1.00 0.00 ? 59 PRO C CA 1 
ATOM 252 C CA . SER C 1 60 ? -6.924  27.872  15.699  1.00 0.00 ? 60 SER C CA 1 
ATOM 253 C CA . VAL C 1 61 ? -7.735  24.950  13.496  1.00 0.00 ? 61 VAL C CA 1 
ATOM 254 C CA . GLU C 1 62 ? -10.927 26.245  11.957  1.00 0.00 ? 62 GLU C CA 1 
ATOM 255 C CA . ALA C 1 63 ? -8.659  28.801  10.387  1.00 0.00 ? 63 ALA C CA 1 
ATOM 256 C CA . LEU C 1 64 ? -6.671  26.841  7.856   1.00 0.00 ? 64 LEU C CA 1 
ATOM 257 C CA . HIS C 1 65 ? -9.801  24.976  7.148   1.00 0.00 ? 65 HIS C CA 1 
ATOM 258 C CA . ASP C 1 66 ? -11.517 27.999  5.807   1.00 0.00 ? 66 ASP C CA 1 
ATOM 259 C CA . THR C 1 67 ? -8.217  29.208  4.191   1.00 0.00 ? 67 THR C CA 1 
ATOM 260 C CA . LEU C 1 68 ? -6.915  25.894  2.891   1.00 0.00 ? 68 LEU C CA 1 
ATOM 261 C CA . MET C 1 69 ? -10.311 24.925  1.490   1.00 0.00 ? 69 MET C CA 1 
ATOM 262 C CA . GLN C 1 70 ? -10.451 28.317  -0.286  1.00 0.00 ? 70 GLN C CA 1 
ATOM 263 C CA . LEU C 1 71 ? -7.861  28.972  -2.857  1.00 0.00 ? 71 LEU C CA 1 
ATOM 264 C CA . PRO C 1 72 ? -8.755  28.417  -6.431  1.00 0.00 ? 72 PRO C CA 1 
ATOM 265 C CA . LEU C 1 73 ? -7.983  24.737  -6.576  1.00 0.00 ? 73 LEU C CA 1 
ATOM 266 C CA . PHE C 1 74 ? -9.102  22.652  -3.633  1.00 0.00 ? 74 PHE C CA 1 
ATOM 267 C CA . PRO C 1 75 ? -11.884 21.277  -5.738  1.00 0.00 ? 75 PRO C CA 1 
ATOM 268 C CA . TYR C 1 76 ? -9.389  19.640  -8.117  1.00 0.00 ? 76 TYR C CA 1 
ATOM 269 C CA . MET C 1 77 ? -6.438  19.126  -5.547  1.00 0.00 ? 77 MET C CA 1 
ATOM 270 C CA . ASP C 1 78 ? -5.070  16.370  -3.250  1.00 0.00 ? 78 ASP C CA 1 
ATOM 271 C CA . ILE C 1 79 ? -3.977  17.160  0.193   1.00 0.00 ? 79 ILE C CA 1 
ATOM 272 C CA . GLU C 1 80 ? -2.239  16.011  3.382   1.00 0.00 ? 80 GLU C CA 1 
ATOM 273 C CA . VAL C 1 81 ? -2.138  17.618  6.810   1.00 0.00 ? 81 VAL C CA 1 
ATOM 274 C CA . ASP C 1 82 ? 0.687   16.709  9.151   1.00 0.00 ? 82 ASP C CA 1 
ATOM 275 C CA . GLY C 1 83 ? 0.576   19.565  11.754  1.00 0.00 ? 83 GLY C CA 1 
ATOM 276 C CA . LEU C 1 84 ? 3.230   20.079  14.186  1.00 0.00 ? 84 LEU C CA 1 
ATOM 277 C CA . CYS C 1 85 ? 4.613   21.675  17.309  1.00 0.00 ? 85 CYS C CA 1 
ATOM 278 C CA . ARG C 1 86 ? 8.320   22.600  18.323  1.00 0.00 ? 86 ARG C CA 1 
ATOM 279 C CA . HIS C 1 87 ? 11.208  20.616  19.058  1.00 0.00 ? 87 HIS C CA 1 
ATOM 280 C CA . PRO C 1 88 ? 13.491  20.707  21.895  1.00 0.00 ? 88 PRO C CA 1 
ATOM 281 C CA . SER C 1 89 ? 16.684  20.892  19.688  1.00 0.00 ? 89 SER C CA 1 
ATOM 282 C CA . SER C 1 90 ? 16.143  24.400  18.229  1.00 0.00 ? 90 SER C CA 1 
ATOM 283 C CA . ILE C 1 91 ? 18.497  27.289  18.490  1.00 0.00 ? 91 ILE C CA 1 
ATOM 284 C CA . HIS C 1 92 ? 15.722  29.887  18.277  1.00 0.00 ? 92 HIS C CA 1 
ATOM 285 C CA . SER C 1 93 ? 12.799  30.511  20.815  1.00 0.00 ? 93 SER C CA 1 
ATOM 286 C CA . ASP C 1 94 ? 9.999   31.051  18.323  1.00 0.00 ? 94 ASP C CA 1 
ATOM 287 C CA . ASP C 1 95 ? 7.924   28.591  16.373  1.00 0.00 ? 95 ASP C CA 1 
ATOM 288 C CA . ARG C 1 96 ? 10.437  28.297  13.380  1.00 0.00 ? 96 ARG C CA 1 
ATOM 289 C CA . MET D 1 1  ? 20.091  23.504  -1.611  1.00 0.00 ? 1  MET D CA 1 
ATOM 290 C CA . LEU D 1 2  ? 16.966  22.844  0.299   1.00 0.00 ? 2  LEU D CA 1 
ATOM 291 C CA . PHE D 1 3  ? 16.230  19.150  0.386   1.00 0.00 ? 3  PHE D CA 1 
ATOM 292 C CA . HIS D 1 4  ? 13.664  17.641  2.716   1.00 0.00 ? 4  HIS D CA 1 
ATOM 293 C CA . VAL D 1 5  ? 13.890  14.945  5.083   1.00 0.00 ? 5  VAL D CA 1 
ATOM 294 C CA . LYS D 1 6  ? 11.717  12.936  7.357   1.00 0.00 ? 6  LYS D CA 1 
ATOM 295 C CA . MET D 1 7  ? 13.326  11.453  10.356  1.00 0.00 ? 7  MET D CA 1 
ATOM 296 C CA . THR D 1 8  ? 11.602  8.670   12.232  1.00 0.00 ? 8  THR D CA 1 
ATOM 297 C CA . VAL D 1 9  ? 13.703  7.556   15.225  1.00 0.00 ? 9  VAL D CA 1 
ATOM 298 C CA . LYS D 1 10 ? 11.976  4.048   15.255  1.00 0.00 ? 10 LYS D CA 1 
ATOM 299 C CA . LEU D 1 11 ? 14.342  3.378   18.218  1.00 0.00 ? 11 LEU D CA 1 
ATOM 300 C CA . PRO D 1 12 ? 13.920  -0.042  19.992  1.00 0.00 ? 12 PRO D CA 1 
ATOM 301 C CA . VAL D 1 13 ? 12.325  -0.782  23.271  1.00 0.00 ? 13 VAL D CA 1 
ATOM 302 C CA . ASP D 1 14 ? 15.035  -2.618  25.218  1.00 0.00 ? 14 ASP D CA 1 
ATOM 303 C CA . MET D 1 15 ? 18.417  -1.529  23.752  1.00 0.00 ? 15 MET D CA 1 
ATOM 304 C CA . ASP D 1 16 ? 18.832  -0.141  27.131  1.00 0.00 ? 16 ASP D CA 1 
ATOM 305 C CA . PRO D 1 17 ? 19.026  3.264   28.748  1.00 0.00 ? 17 PRO D CA 1 
ATOM 306 C CA . ALA D 1 18 ? 22.526  4.765   28.363  1.00 0.00 ? 18 ALA D CA 1 
ATOM 307 C CA . LYS D 1 19 ? 22.508  3.872   24.893  1.00 0.00 ? 19 LYS D CA 1 
ATOM 308 C CA . ALA D 1 20 ? 19.072  5.297   24.664  1.00 0.00 ? 20 ALA D CA 1 
ATOM 309 C CA . THR D 1 21 ? 19.875  8.470   26.768  1.00 0.00 ? 21 THR D CA 1 
ATOM 310 C CA . GLN D 1 22 ? 23.654  8.843   25.217  1.00 0.00 ? 22 GLN D CA 1 
ATOM 311 C CA . LEU D 1 23 ? 21.940  9.048   21.864  1.00 0.00 ? 23 LEU D CA 1 
ATOM 312 C CA . LYS D 1 24 ? 18.925  11.197  22.413  1.00 0.00 ? 24 LYS D CA 1 
ATOM 313 C CA . ALA D 1 25 ? 21.501  13.734  23.672  1.00 0.00 ? 25 ALA D CA 1 
ATOM 314 C CA . ASP D 1 26 ? 24.348  13.847  20.952  1.00 0.00 ? 26 ASP D CA 1 
ATOM 315 C CA . GLU D 1 27 ? 21.940  13.715  17.905  1.00 0.00 ? 27 GLU D CA 1 
ATOM 316 C CA . LYS D 1 28 ? 20.960  17.128  19.702  1.00 0.00 ? 28 LYS D CA 1 
ATOM 317 C CA . GLU D 1 29 ? 24.208  18.736  18.835  1.00 0.00 ? 29 GLU D CA 1 
ATOM 318 C CA . LEU D 1 30 ? 24.545  18.253  15.026  1.00 0.00 ? 30 LEU D CA 1 
ATOM 319 C CA . ALA D 1 31 ? 21.041  19.646  15.464  1.00 0.00 ? 31 ALA D CA 1 
ATOM 320 C CA . GLN D 1 32 ? 22.906  22.931  16.024  1.00 0.00 ? 32 GLN D CA 1 
ATOM 321 C CA . ARG D 1 33 ? 26.324  21.826  14.933  1.00 0.00 ? 33 ARG D CA 1 
ATOM 322 C CA . LEU D 1 34 ? 24.495  23.025  11.963  1.00 0.00 ? 34 LEU D CA 1 
ATOM 323 C CA . GLN D 1 35 ? 21.505  25.032  13.209  1.00 0.00 ? 35 GLN D CA 1 
ATOM 324 C CA . ARG D 1 36 ? 23.789  28.014  13.943  1.00 0.00 ? 36 ARG D CA 1 
ATOM 325 C CA . GLU D 1 37 ? 26.209  27.549  10.968  1.00 0.00 ? 37 GLU D CA 1 
ATOM 326 C CA . GLY D 1 38 ? 23.309  26.190  9.154   1.00 0.00 ? 38 GLY D CA 1 
ATOM 327 C CA . THR D 1 39 ? 23.575  23.328  7.080   1.00 0.00 ? 39 THR D CA 1 
ATOM 328 C CA . TRP D 1 40 ? 19.997  22.343  8.655   1.00 0.00 ? 40 TRP D CA 1 
ATOM 329 C CA . ARG D 1 41 ? 17.583  24.982  8.277   1.00 0.00 ? 41 ARG D CA 1 
ATOM 330 C CA . HIS D 1 42 ? 14.451  24.532  10.445  1.00 0.00 ? 42 HIS D CA 1 
ATOM 331 C CA . LEU D 1 43 ? 13.813  21.919  13.114  1.00 0.00 ? 43 LEU D CA 1 
ATOM 332 C CA . TRP D 1 44 ? 10.326  20.918  13.943  1.00 0.00 ? 44 TRP D CA 1 
ATOM 333 C CA . ARG D 1 45 ? 8.175   18.451  15.807  1.00 0.00 ? 45 ARG D CA 1 
ATOM 334 C CA . ILE D 1 46 ? 5.836   16.723  13.220  1.00 0.00 ? 46 ILE D CA 1 
ATOM 335 C CA . ALA D 1 47 ? 3.906   16.238  16.131  1.00 0.00 ? 47 ALA D CA 1 
ATOM 336 C CA . GLY D 1 48 ? 1.851   13.964  17.967  1.00 0.00 ? 48 GLY D CA 1 
ATOM 337 C CA . HIS D 1 49 ? 4.191   11.207  16.834  1.00 0.00 ? 49 HIS D CA 1 
ATOM 338 C CA . TYR D 1 50 ? 7.697   9.955   17.538  1.00 0.00 ? 50 TYR D CA 1 
ATOM 339 C CA . ALA D 1 51 ? 9.744   11.913  14.981  1.00 0.00 ? 51 ALA D CA 1 
ATOM 340 C CA . ASN D 1 52 ? 10.162  15.193  13.041  1.00 0.00 ? 52 ASN D CA 1 
ATOM 341 C CA . TYR D 1 53 ? 10.483  17.316  9.710   1.00 0.00 ? 53 TYR D CA 1 
ATOM 342 C CA . SER D 1 54 ? 13.794  19.016  8.523   1.00 0.00 ? 54 SER D CA 1 
ATOM 343 C CA . VAL D 1 55 ? 15.005  21.218  5.633   1.00 0.00 ? 55 VAL D CA 1 
ATOM 344 C CA . PHE D 1 56 ? 18.540  21.527  4.580   1.00 0.00 ? 56 PHE D CA 1 
ATOM 345 C CA . ASP D 1 57 ? 20.549  24.325  2.932   1.00 0.00 ? 57 ASP D CA 1 
ATOM 346 C CA . VAL D 1 58 ? 23.530  22.467  2.026   1.00 0.00 ? 58 VAL D CA 1 
ATOM 347 C CA . PRO D 1 59 ? 25.645  22.718  -1.131  1.00 0.00 ? 59 PRO D CA 1 
ATOM 348 C CA . SER D 1 60 ? 25.757  19.885  -3.527  1.00 0.00 ? 60 SER D CA 1 
ATOM 349 C CA . VAL D 1 61 ? 24.109  16.575  -2.912  1.00 0.00 ? 61 VAL D CA 1 
ATOM 350 C CA . GLU D 1 62 ? 27.072  14.696  -1.523  1.00 0.00 ? 62 GLU D CA 1 
ATOM 351 C CA . ALA D 1 63 ? 26.775  17.140  1.321   1.00 0.00 ? 63 ALA D CA 1 
ATOM 352 C CA . LEU D 1 64 ? 23.611  16.115  3.092   1.00 0.00 ? 64 LEU D CA 1 
ATOM 353 C CA . HIS D 1 65 ? 24.621  12.606  2.429   1.00 0.00 ? 65 HIS D CA 1 
ATOM 354 C CA . ASP D 1 66 ? 27.633  12.867  4.608   1.00 0.00 ? 66 ASP D CA 1 
ATOM 355 C CA . THR D 1 67 ? 25.688  15.098  7.101   1.00 0.00 ? 67 THR D CA 1 
ATOM 356 C CA . LEU D 1 68 ? 22.363  13.279  7.093   1.00 0.00 ? 68 LEU D CA 1 
ATOM 357 C CA . MET D 1 69 ? 24.037  9.879   7.380   1.00 0.00 ? 69 MET D CA 1 
ATOM 358 C CA . GLN D 1 70 ? 26.040  11.215  10.361  1.00 0.00 ? 70 GLN D CA 1 
ATOM 359 C CA . LEU D 1 71 ? 24.110  12.233  13.358  1.00 0.00 ? 71 LEU D CA 1 
ATOM 360 C CA . PRO D 1 72 ? 23.829  9.808   16.173  1.00 0.00 ? 72 PRO D CA 1 
ATOM 361 C CA . LEU D 1 73 ? 20.851  7.896   14.893  1.00 0.00 ? 73 LEU D CA 1 
ATOM 362 C CA . PHE D 1 74 ? 20.824  7.069   11.208  1.00 0.00 ? 74 PHE D CA 1 
ATOM 363 C CA . PRO D 1 75 ? 21.660  3.515   12.057  1.00 0.00 ? 75 PRO D CA 1 
ATOM 364 C CA . TYR D 1 76 ? 18.352  3.088   13.909  1.00 0.00 ? 76 TYR D CA 1 
ATOM 365 C CA . MET D 1 77 ? 16.245  5.740   11.883  1.00 0.00 ? 77 MET D CA 1 
ATOM 366 C CA . ASP D 1 78 ? 13.822  5.822   8.906   1.00 0.00 ? 78 ASP D CA 1 
ATOM 367 C CA . ILE D 1 79 ? 14.085  8.472   6.339   1.00 0.00 ? 79 ILE D CA 1 
ATOM 368 C CA . GLU D 1 80 ? 12.573  10.193  3.296   1.00 0.00 ? 80 GLU D CA 1 
ATOM 369 C CA . VAL D 1 81 ? 14.100  12.716  0.921   1.00 0.00 ? 81 VAL D CA 1 
ATOM 370 C CA . ASP D 1 82 ? 11.793  14.938  -1.085  1.00 0.00 ? 82 ASP D CA 1 
ATOM 371 C CA . GLY D 1 83 ? 14.151  17.778  -2.237  1.00 0.00 ? 83 GLY D CA 1 
ATOM 372 C CA . LEU D 1 84 ? 12.906  20.838  -3.758  1.00 0.00 ? 84 LEU D CA 1 
ATOM 373 C CA . CYS D 1 85 ? 13.420  24.055  -5.655  1.00 0.00 ? 85 CYS D CA 1 
ATOM 374 C CA . ARG D 1 86 ? 11.422  27.464  -5.564  1.00 0.00 ? 86 ARG D CA 1 
ATOM 375 C CA . HIS D 1 87 ? 8.110   28.370  -6.574  1.00 0.00 ? 87 HIS D CA 1 
ATOM 376 C CA . PRO D 1 88 ? 6.935   31.089  -8.695  1.00 0.00 ? 88 PRO D CA 1 
ATOM 377 C CA . SER D 1 89 ? 4.310   32.350  -6.118  1.00 0.00 ? 89 SER D CA 1 
ATOM 378 C CA . SER D 1 90 ? 6.741   33.630  -3.439  1.00 0.00 ? 90 SER D CA 1 
ATOM 379 C CA . ILE D 1 91 ? 6.895   37.105  -2.077  1.00 0.00 ? 91 ILE D CA 1 
ATOM 380 C CA . HIS D 1 92 ? 10.608  36.882  -1.261  1.00 0.00 ? 92 HIS D CA 1 
ATOM 381 C CA . SER D 1 93 ? 13.608  36.454  -3.749  1.00 0.00 ? 93 SER D CA 1 
ATOM 382 C CA . ASP D 1 94 ? 15.632  33.948  -1.758  1.00 0.00 ? 94 ASP D CA 1 
ATOM 383 C CA . ASP D 1 95 ? 15.267  30.221  -1.384  1.00 0.00 ? 95 ASP D CA 1 
ATOM 384 C CA . ARG D 1 96 ? 12.713  30.407  1.581   1.00 0.00 ? 96 ARG D CA 1 
ATOM 385 C CA . MET E 1 1  ? -24.705 0.866   18.644  1.00 0.00 ? 1  MET E CA 1 
ATOM 386 C CA . LEU E 1 2  ? -21.894 3.187   17.894  1.00 0.00 ? 2  LEU E CA 1 
ATOM 387 C CA . PHE E 1 3  ? -20.291 2.297   14.604  1.00 0.00 ? 3  PHE E CA 1 
ATOM 388 C CA . HIS E 1 4  ? -17.874 4.601   12.829  1.00 0.00 ? 4  HIS E CA 1 
ATOM 389 C CA . VAL E 1 5  ? -17.832 5.875   9.468   1.00 0.00 ? 5  VAL E CA 1 
ATOM 390 C CA . LYS E 1 6  ? -15.657 7.873   7.186   1.00 0.00 ? 6  LYS E CA 1 
ATOM 391 C CA . MET E 1 7  ? -17.341 9.760   4.471   1.00 0.00 ? 7  MET E CA 1 
ATOM 392 C CA . THR E 1 8  ? -15.334 11.040  1.543   1.00 0.00 ? 8  THR E CA 1 
ATOM 393 C CA . VAL E 1 9  ? -17.579 12.916  -0.917  1.00 0.00 ? 9  VAL E CA 1 
ATOM 394 C CA . LYS E 1 10 ? -15.066 12.278  -3.844  1.00 0.00 ? 10 LYS E CA 1 
ATOM 395 C CA . LEU E 1 11 ? -17.668 14.199  -5.934  1.00 0.00 ? 11 LEU E CA 1 
ATOM 396 C CA . PRO E 1 12 ? -16.725 14.864  -9.634  1.00 0.00 ? 12 PRO E CA 1 
ATOM 397 C CA . VAL E 1 13 ? -15.590 18.035  -11.213 1.00 0.00 ? 13 VAL E CA 1 
ATOM 398 C CA . ASP E 1 14 ? -18.055 18.574  -14.067 1.00 0.00 ? 14 ASP E CA 1 
ATOM 399 C CA . MET E 1 15 ? -21.294 16.730  -13.129 1.00 0.00 ? 15 MET E CA 1 
ATOM 400 C CA . ASP E 1 16 ? -22.622 20.158  -13.141 1.00 0.00 ? 16 ASP E CA 1 
ATOM 401 C CA . PRO E 1 17 ? -23.933 22.655  -10.633 1.00 0.00 ? 17 PRO E CA 1 
ATOM 402 C CA . ALA E 1 18 ? -27.575 21.900  -9.726  1.00 0.00 ? 18 ALA E CA 1 
ATOM 403 C CA . LYS E 1 19 ? -26.732 18.446  -9.296  1.00 0.00 ? 19 LYS E CA 1 
ATOM 404 C CA . ALA E 1 20 ? -23.772 19.533  -7.310  1.00 0.00 ? 20 ALA E CA 1 
ATOM 405 C CA . THR E 1 21 ? -25.692 22.252  -5.296  1.00 0.00 ? 21 THR E CA 1 
ATOM 406 C CA . GLN E 1 22 ? -29.117 20.007  -5.053  1.00 0.00 ? 22 GLN E CA 1 
ATOM 407 C CA . LEU E 1 23 ? -26.950 17.422  -3.363  1.00 0.00 ? 23 LEU E CA 1 
ATOM 408 C CA . LYS E 1 24 ? -24.707 19.346  -1.066  1.00 0.00 ? 24 LYS E CA 1 
ATOM 409 C CA . ALA E 1 25 ? -28.012 20.651  0.360   1.00 0.00 ? 25 ALA E CA 1 
ATOM 410 C CA . ASP E 1 26 ? -30.281 17.486  0.946   1.00 0.00 ? 26 ASP E CA 1 
ATOM 411 C CA . GLU E 1 27 ? -27.423 15.248  2.338   1.00 0.00 ? 27 GLU E CA 1 
ATOM 412 C CA . LYS E 1 28 ? -27.651 18.206  4.992   1.00 0.00 ? 28 LYS E CA 1 
ATOM 413 C CA . GLU E 1 29 ? -30.995 17.105  6.215   1.00 0.00 ? 29 GLU E CA 1 
ATOM 414 C CA . LEU E 1 30 ? -30.534 13.378  7.079   1.00 0.00 ? 30 LEU E CA 1 
ATOM 415 C CA . ALA E 1 31 ? -27.617 15.085  8.809   1.00 0.00 ? 31 ALA E CA 1 
ATOM 416 C CA . GLN E 1 32 ? -30.306 16.159  11.297  1.00 0.00 ? 32 GLN E CA 1 
ATOM 417 C CA . ARG E 1 33 ? -33.099 13.966  10.082  1.00 0.00 ? 33 ARG E CA 1 
ATOM 418 C CA . LEU E 1 34 ? -31.139 12.070  12.565  1.00 0.00 ? 34 LEU E CA 1 
ATOM 419 C CA . GLN E 1 35 ? -29.005 14.582  14.478  1.00 0.00 ? 35 GLN E CA 1 
ATOM 420 C CA . ARG E 1 36 ? -32.049 15.617  16.551  1.00 0.00 ? 36 ARG E CA 1 
ATOM 421 C CA . GLU E 1 37 ? -33.724 12.142  16.774  1.00 0.00 ? 37 GLU E CA 1 
ATOM 422 C CA . GLY E 1 38 ? -30.306 10.776  16.682  1.00 0.00 ? 38 GLY E CA 1 
ATOM 423 C CA . THR E 1 39 ? -29.489 7.916   14.755  1.00 0.00 ? 39 THR E CA 1 
ATOM 424 C CA . TRP E 1 40 ? -26.110 9.941   13.908  1.00 0.00 ? 40 TRP E CA 1 
ATOM 425 C CA . ARG E 1 41 ? -24.399 11.018  16.885  1.00 0.00 ? 41 ARG E CA 1 
ATOM 426 C CA . HIS E 1 42 ? -21.679 13.644  16.237  1.00 0.00 ? 42 HIS E CA 1 
ATOM 427 C CA . LEU E 1 43 ? -20.885 15.433  12.992  1.00 0.00 ? 43 LEU E CA 1 
ATOM 428 C CA . TRP E 1 44 ? -17.457 16.749  12.383  1.00 0.00 ? 44 TRP E CA 1 
ATOM 429 C CA . ARG E 1 45 ? -15.117 18.222  9.825   1.00 0.00 ? 45 ARG E CA 1 
ATOM 430 C CA . ILE E 1 46 ? -12.011 15.891  9.574   1.00 0.00 ? 46 ILE E CA 1 
ATOM 431 C CA . ALA E 1 47 ? -10.556 18.890  8.420   1.00 0.00 ? 47 ALA E CA 1 
ATOM 432 C CA . GLY E 1 48 ? -8.352  20.375  6.031   1.00 0.00 ? 48 GLY E CA 1 
ATOM 433 C CA . HIS E 1 49 ? -9.699  17.893  3.504   1.00 0.00 ? 49 HIS E CA 1 
ATOM 434 C CA . TYR E 1 50 ? -12.853 17.277  1.496   1.00 0.00 ? 50 TYR E CA 1 
ATOM 435 C CA . ALA E 1 51 ? -14.845 15.034  3.852   1.00 0.00 ? 51 ALA E CA 1 
ATOM 436 C CA . ASN E 1 52 ? -15.723 14.176  7.485   1.00 0.00 ? 52 ASN E CA 1 
ATOM 437 C CA . TYR E 1 53 ? -15.977 11.704  10.572  1.00 0.00 ? 53 TYR E CA 1 
ATOM 438 C CA . SER E 1 54 ? -19.348 10.324  11.983  1.00 0.00 ? 54 SER E CA 1 
ATOM 439 C CA . VAL E 1 55 ? -20.548 8.059   14.830  1.00 0.00 ? 55 VAL E CA 1 
ATOM 440 C CA . PHE E 1 56 ? -23.810 6.313   14.876  1.00 0.00 ? 56 PHE E CA 1 
ATOM 441 C CA . ASP E 1 57 ? -26.133 5.175   17.685  1.00 0.00 ? 57 ASP E CA 1 
ATOM 442 C CA . VAL E 1 58 ? -28.354 3.024   15.789  1.00 0.00 ? 58 VAL E CA 1 
ATOM 443 C CA . PRO E 1 59 ? -29.885 -0.319  16.786  1.00 0.00 ? 59 PRO E CA 1 
ATOM 444 C CA . SER E 1 60 ? -28.872 -3.428  15.030  1.00 0.00 ? 60 SER E CA 1 
ATOM 445 C CA . VAL E 1 61 ? -26.587 -3.488  12.059  1.00 0.00 ? 61 VAL E CA 1 
ATOM 446 C CA . GLU E 1 62 ? -29.185 -3.535  9.323   1.00 0.00 ? 62 GLU E CA 1 
ATOM 447 C CA . ALA E 1 63 ? -30.003 -0.092  10.594  1.00 0.00 ? 63 ALA E CA 1 
ATOM 448 C CA . LEU E 1 64 ? -27.040 1.998   9.568   1.00 0.00 ? 64 LEU E CA 1 
ATOM 449 C CA . HIS E 1 65 ? -27.016 0.045   6.412   1.00 0.00 ? 65 HIS E CA 1 
ATOM 450 C CA . ASP E 1 66 ? -30.329 1.377   5.347   1.00 0.00 ? 66 ASP E CA 1 
ATOM 451 C CA . THR E 1 67 ? -29.462 4.841   6.834   1.00 0.00 ? 67 THR E CA 1 
ATOM 452 C CA . LEU E 1 68 ? -25.840 5.092   5.747   1.00 0.00 ? 68 LEU E CA 1 
ATOM 453 C CA . MET E 1 69 ? -26.641 3.880   2.236   1.00 0.00 ? 69 MET E CA 1 
ATOM 454 C CA . GLN E 1 70 ? -29.399 6.531   2.042   1.00 0.00 ? 70 GLN E CA 1 
ATOM 455 C CA . LEU E 1 71 ? -28.333 10.077  2.235   1.00 0.00 ? 71 LEU E CA 1 
ATOM 456 C CA . PRO E 1 72 ? -27.952 11.971  -0.951  1.00 0.00 ? 72 PRO E CA 1 
ATOM 457 C CA . LEU E 1 73 ? -24.417 10.941  -1.728  1.00 0.00 ? 73 LEU E CA 1 
ATOM 458 C CA . PHE E 1 74 ? -23.545 7.311   -1.157  1.00 0.00 ? 74 PHE E CA 1 
ATOM 459 C CA . PRO E 1 75 ? -23.607 6.772   -4.867  1.00 0.00 ? 75 PRO E CA 1 
ATOM 460 C CA . TYR E 1 76 ? -20.670 9.160   -5.349  1.00 0.00 ? 76 TYR E CA 1 
ATOM 461 C CA . MET E 1 77 ? -18.968 8.654   -1.824  1.00 0.00 ? 77 MET E CA 1 
ATOM 462 C CA . ASP E 1 78 ? -16.163 6.551   -0.258  1.00 0.00 ? 78 ASP E CA 1 
ATOM 463 C CA . ILE E 1 79 ? -16.628 4.958   3.047   1.00 0.00 ? 79 ILE E CA 1 
ATOM 464 C CA . GLU E 1 80 ? -15.085 3.080   5.980   1.00 0.00 ? 80 GLU E CA 1 
ATOM 465 C CA . VAL E 1 81 ? -16.756 1.309   8.881   1.00 0.00 ? 81 VAL E CA 1 
ATOM 466 C CA . ASP E 1 82 ? -14.760 0.736   12.041  1.00 0.00 ? 82 ASP E CA 1 
ATOM 467 C CA . GLY E 1 83 ? -17.513 -0.019  14.650  1.00 0.00 ? 83 GLY E CA 1 
ATOM 468 C CA . LEU E 1 84 ? -16.821 -0.150  18.217  1.00 0.00 ? 84 LEU E CA 1 
ATOM 469 C CA . CYS E 1 85 ? -17.783 -1.013  21.759  1.00 0.00 ? 85 CYS E CA 1 
ATOM 470 C CA . ARG E 1 86 ? -16.742 0.631   25.199  1.00 0.00 ? 86 ARG E CA 1 
ATOM 471 C CA . HIS E 1 87 ? -13.634 0.811   26.968  1.00 0.00 ? 87 HIS E CA 1 
ATOM 472 C CA . PRO E 1 88 ? -12.820 0.005   30.427  1.00 0.00 ? 88 PRO E CA 1 
ATOM 473 C CA . SER E 1 89 ? -11.082 3.413   31.113  1.00 0.00 ? 89 SER E CA 1 
ATOM 474 C CA . SER E 1 90 ? -14.180 5.666   30.904  1.00 0.00 ? 90 SER E CA 1 
ATOM 475 C CA . ILE E 1 91 ? -15.429 7.961   33.575  1.00 0.00 ? 91 ILE E CA 1 
ATOM 476 C CA . HIS E 1 92 ? -19.052 7.718   32.433  1.00 0.00 ? 92 HIS E CA 1 
ATOM 477 C CA . SER E 1 93 ? -21.372 4.558   32.411  1.00 0.00 ? 93 SER E CA 1 
ATOM 478 C CA . ASP E 1 94 ? -23.025 5.098   29.047  1.00 0.00 ? 94 ASP E CA 1 
ATOM 479 C CA . ASP E 1 95 ? -21.816 4.369   25.559  1.00 0.00 ? 95 ASP E CA 1 
ATOM 480 C CA . ARG E 1 96 ? -19.942 7.780   25.108  1.00 0.00 ? 96 ARG E CA 1 
ATOM 481 C CA . MET F 1 1  ? -9.271  21.895  19.834  1.00 0.00 ? 1  MET F CA 1 
ATOM 482 C CA . LEU F 1 2  ? -10.541 18.541  18.839  1.00 0.00 ? 2  LEU F CA 1 
ATOM 483 C CA . PHE F 1 3  ? -7.805  16.524  17.214  1.00 0.00 ? 3  PHE F CA 1 
ATOM 484 C CA . HIS F 1 4  ? -8.110  12.806  16.599  1.00 0.00 ? 4  HIS F CA 1 
ATOM 485 C CA . VAL F 1 5  ? -5.958  10.063  17.475  1.00 0.00 ? 5  VAL F CA 1 
ATOM 486 C CA . LYS F 1 6  ? -5.629  6.386   16.920  1.00 0.00 ? 6  LYS F CA 1 
ATOM 487 C CA . MET F 1 7  ? -3.851  4.437   19.531  1.00 0.00 ? 7  MET F CA 1 
ATOM 488 C CA . THR F 1 8  ? -2.590  0.967   18.754  1.00 0.00 ? 8  THR F CA 1 
ATOM 489 C CA . VAL F 1 9  ? -0.867  -0.558  21.808  1.00 0.00 ? 9  VAL F CA 1 
ATOM 490 C CA . LYS F 1 10 ? 1.201   -2.988  19.549  1.00 0.00 ? 10 LYS F CA 1 
ATOM 491 C CA . LEU F 1 11 ? 2.688   -4.162  22.901  1.00 0.00 ? 11 LEU F CA 1 
ATOM 492 C CA . PRO F 1 12 ? 5.177   -7.126  22.713  1.00 0.00 ? 12 PRO F CA 1 
ATOM 493 C CA . VAL F 1 13 ? 4.627   -10.690 23.629  1.00 0.00 ? 13 VAL F CA 1 
ATOM 494 C CA . ASP F 1 14 ? 7.390   -11.427 26.146  1.00 0.00 ? 14 ASP F CA 1 
ATOM 495 C CA . MET F 1 15 ? 8.384   -8.079  27.751  1.00 0.00 ? 15 MET F CA 1 
ATOM 496 C CA . ASP F 1 16 ? 7.067   -9.737  30.756  1.00 0.00 ? 16 ASP F CA 1 
ATOM 497 C CA . PRO F 1 17 ? 4.114   -9.378  33.079  1.00 0.00 ? 17 PRO F CA 1 
ATOM 498 C CA . ALA F 1 18 ? 4.707   -6.581  35.624  1.00 0.00 ? 18 ALA F CA 1 
ATOM 499 C CA . LYS F 1 19 ? 5.819   -4.434  32.980  1.00 0.00 ? 19 LYS F CA 1 
ATOM 500 C CA . ALA F 1 20 ? 2.846   -5.513  31.010  1.00 0.00 ? 20 ALA F CA 1 
ATOM 501 C CA . THR F 1 21 ? 0.356   -5.280  33.989  1.00 0.00 ? 21 THR F CA 1 
ATOM 502 C CA . GLN F 1 22 ? 2.173   -1.958  35.568  1.00 0.00 ? 22 GLN F CA 1 
ATOM 503 C CA . LEU F 1 23 ? 1.460   -0.345  32.233  1.00 0.00 ? 23 LEU F CA 1 
ATOM 504 C CA . LYS F 1 24 ? -1.990  -1.461  31.301  1.00 0.00 ? 24 LYS F CA 1 
ATOM 505 C CA . ALA F 1 25 ? -2.928  0.075   34.680  1.00 0.00 ? 25 ALA F CA 1 
ATOM 506 C CA . ASP F 1 26 ? -1.254  3.640   34.765  1.00 0.00 ? 26 ASP F CA 1 
ATOM 507 C CA . GLU F 1 27 ? -2.075  4.513   31.071  1.00 0.00 ? 27 GLU F CA 1 
ATOM 508 C CA . LYS F 1 28 ? -5.666  4.114   32.738  1.00 0.00 ? 28 LYS F CA 1 
ATOM 509 C CA . GLU F 1 29 ? -5.245  7.173   34.826  1.00 0.00 ? 29 GLU F CA 1 
ATOM 510 C CA . LEU F 1 30 ? -4.258  9.930   32.322  1.00 0.00 ? 30 LEU F CA 1 
ATOM 511 C CA . ALA F 1 31 ? -7.310  8.313   30.745  1.00 0.00 ? 31 ALA F CA 1 
ATOM 512 C CA . GLN F 1 32 ? -9.180  10.294  33.422  1.00 0.00 ? 32 GLN F CA 1 
ATOM 513 C CA . ARG F 1 33 ? -6.347  12.461  34.594  1.00 0.00 ? 33 ARG F CA 1 
ATOM 514 C CA . LEU F 1 34 ? -8.003  14.152  31.764  1.00 0.00 ? 34 LEU F CA 1 
ATOM 515 C CA . GLN F 1 35 ? -11.392 12.481  31.273  1.00 0.00 ? 35 GLN F CA 1 
ATOM 516 C CA . ARG F 1 36 ? -12.805 14.431  34.247  1.00 0.00 ? 36 ARG F CA 1 
ATOM 517 C CA . GLU F 1 37 ? -10.837 17.709  33.691  1.00 0.00 ? 37 GLU F CA 1 
ATOM 518 C CA . GLY F 1 38 ? -11.005 16.900  30.105  1.00 0.00 ? 38 GLY F CA 1 
ATOM 519 C CA . THR F 1 39 ? -8.223  17.348  27.955  1.00 0.00 ? 39 THR F CA 1 
ATOM 520 C CA . TRP F 1 40 ? -9.420  13.860  26.328  1.00 0.00 ? 40 TRP F CA 1 
ATOM 521 C CA . ARG F 1 41 ? -12.872 13.951  25.326  1.00 0.00 ? 41 ARG F CA 1 
ATOM 522 C CA . HIS F 1 42 ? -14.352 10.494  24.569  1.00 0.00 ? 42 HIS F CA 1 
ATOM 523 C CA . LEU F 1 43 ? -12.752 7.100   25.103  1.00 0.00 ? 43 LEU F CA 1 
ATOM 524 C CA . TRP F 1 44 ? -13.810 4.197   23.027  1.00 0.00 ? 44 TRP F CA 1 
ATOM 525 C CA . ARG F 1 45 ? -13.037 0.640   22.062  1.00 0.00 ? 45 ARG F CA 1 
ATOM 526 C CA . ILE F 1 46 ? -12.518 0.541   18.206  1.00 0.00 ? 46 ILE F CA 1 
ATOM 527 C CA . ALA F 1 47 ? -13.422 -2.827  18.736  1.00 0.00 ? 47 ALA F CA 1 
ATOM 528 C CA . GLY F 1 48 ? -12.759 -6.231  17.877  1.00 0.00 ? 48 GLY F CA 1 
ATOM 529 C CA . HIS F 1 49 ? -9.086  -5.307  17.771  1.00 0.00 ? 49 HIS F CA 1 
ATOM 530 C CA . TYR F 1 50 ? -6.273  -4.465  20.166  1.00 0.00 ? 50 TYR F CA 1 
ATOM 531 C CA . ALA F 1 51 ? -6.594  -0.671  20.429  1.00 0.00 ? 51 ALA F CA 1 
ATOM 532 C CA . ASN F 1 52 ? -8.951  2.353   20.457  1.00 0.00 ? 52 ASN F CA 1 
ATOM 533 C CA . TYR F 1 53 ? -10.230 5.852   19.107  1.00 0.00 ? 53 TYR F CA 1 
ATOM 534 C CA . SER F 1 54 ? -9.819  9.217   21.050  1.00 0.00 ? 54 SER F CA 1 
ATOM 535 C CA . VAL F 1 55 ? -10.748 12.907  20.615  1.00 0.00 ? 55 VAL F CA 1 
ATOM 536 C CA . PHE F 1 56 ? -9.058  15.707  22.347  1.00 0.00 ? 56 PHE F CA 1 
ATOM 537 C CA . ASP F 1 57 ? -10.206 19.170  23.471  1.00 0.00 ? 57 ASP F CA 1 
ATOM 538 C CA . VAL F 1 58 ? -6.984  20.651  24.233  1.00 0.00 ? 58 VAL F CA 1 
ATOM 539 C CA . PRO F 1 59 ? -5.761  24.199  23.585  1.00 0.00 ? 59 PRO F CA 1 
ATOM 540 C CA . SER F 1 60 ? -3.051  24.813  21.125  1.00 0.00 ? 60 SER F CA 1 
ATOM 541 C CA . VAL F 1 61 ? -1.170  22.083  19.377  1.00 0.00 ? 61 VAL F CA 1 
ATOM 542 C CA . GLU F 1 62 ? 1.818   21.868  21.670  1.00 0.00 ? 62 GLU F CA 1 
ATOM 543 C CA . ALA F 1 63 ? -0.707  20.664  24.184  1.00 0.00 ? 63 ALA F CA 1 
ATOM 544 C CA . LEU F 1 64 ? -1.674  17.238  22.951  1.00 0.00 ? 64 LEU F CA 1 
ATOM 545 C CA . HIS F 1 65 ? 1.894   16.784  22.038  1.00 0.00 ? 65 HIS F CA 1 
ATOM 546 C CA . ASP F 1 66 ? 3.011   16.924  25.590  1.00 0.00 ? 66 ASP F CA 1 
ATOM 547 C CA . THR F 1 67 ? -0.153  14.998  26.706  1.00 0.00 ? 67 THR F CA 1 
ATOM 548 C CA . LEU F 1 68 ? -0.346  12.449  23.908  1.00 0.00 ? 68 LEU F CA 1 
ATOM 549 C CA . MET F 1 69 ? 3.377   11.706  24.113  1.00 0.00 ? 69 MET F CA 1 
ATOM 550 C CA . GLN F 1 70 ? 2.974   11.171  27.885  1.00 0.00 ? 70 GLN F CA 1 
ATOM 551 C CA . LEU F 1 71 ? 0.790   8.374   28.959  1.00 0.00 ? 71 LEU F CA 1 
ATOM 552 C CA . PRO F 1 72 ? 2.401   5.146   29.887  1.00 0.00 ? 72 PRO F CA 1 
ATOM 553 C CA . LEU F 1 73 ? 2.604   3.671   26.432  1.00 0.00 ? 73 LEU F CA 1 
ATOM 554 C CA . PHE F 1 74 ? 3.679   5.998   23.658  1.00 0.00 ? 74 PHE F CA 1 
ATOM 555 C CA . PRO F 1 75 ? 7.036   4.330   23.635  1.00 0.00 ? 75 PRO F CA 1 
ATOM 556 C CA . TYR F 1 76 ? 5.478   1.018   22.555  1.00 0.00 ? 76 TYR F CA 1 
ATOM 557 C CA . MET F 1 77 ? 2.348   2.483   20.649  1.00 0.00 ? 77 MET F CA 1 
ATOM 558 C CA . ASP F 1 78 ? 1.330   3.387   17.059  1.00 0.00 ? 78 ASP F CA 1 
ATOM 559 C CA . ILE F 1 79 ? -0.506  6.521   16.357  1.00 0.00 ? 79 ILE F CA 1 
ATOM 560 C CA . GLU F 1 80 ? -2.430  8.655   13.857  1.00 0.00 ? 80 GLU F CA 1 
ATOM 561 C CA . VAL F 1 81 ? -3.522  12.275  14.082  1.00 0.00 ? 81 VAL F CA 1 
ATOM 562 C CA . ASP F 1 82 ? -6.394  13.435  11.917  1.00 0.00 ? 82 ASP F CA 1 
ATOM 563 C CA . GLY F 1 83 ? -7.449  16.741  13.621  1.00 0.00 ? 83 GLY F CA 1 
ATOM 564 C CA . LEU F 1 84 ? -10.529 18.473  12.759  1.00 0.00 ? 84 LEU F CA 1 
ATOM 565 C CA . CYS F 1 85 ? -12.785 21.492  12.860  1.00 0.00 ? 85 CYS F CA 1 
ATOM 566 C CA . ARG F 1 86 ? -16.724 21.789  12.700  1.00 0.00 ? 86 ARG F CA 1 
ATOM 567 C CA . HIS F 1 87 ? -19.111 21.125  10.115  1.00 0.00 ? 87 HIS F CA 1 
ATOM 568 C CA . PRO F 1 88 ? -21.802 23.190  8.785   1.00 0.00 ? 88 PRO F CA 1 
ATOM 569 C CA . SER F 1 89 ? -24.509 20.429  9.192   1.00 0.00 ? 89 SER F CA 1 
ATOM 570 C CA . SER F 1 90 ? -24.609 20.321  13.027  1.00 0.00 ? 90 SER F CA 1 
ATOM 571 C CA . ILE F 1 91 ? -27.616 20.875  15.173  1.00 0.00 ? 91 ILE F CA 1 
ATOM 572 C CA . HIS F 1 92 ? -25.579 22.181  18.114  1.00 0.00 ? 92 HIS F CA 1 
ATOM 573 C CA . SER F 1 93 ? -23.391 25.430  18.283  1.00 0.00 ? 93 SER F CA 1 
ATOM 574 C CA . ASP F 1 94 ? -20.424 24.009  20.158  1.00 0.00 ? 94 ASP F CA 1 
ATOM 575 C CA . ASP F 1 95 ? -17.497 21.968  18.963  1.00 0.00 ? 95 ASP F CA 1 
ATOM 576 C CA . ARG F 1 96 ? -19.298 18.508  19.333  1.00 0.00 ? 96 ARG F CA 1 
ATOM 577 C CA . MET G 1 1  ? -15.574 -26.531 -3.506  1.00 0.00 ? 1  MET G CA 1 
ATOM 578 C CA . LEU G 1 2  ? -15.996 -23.493 -1.398  1.00 0.00 ? 2  LEU G CA 1 
ATOM 579 C CA . PHE G 1 3  ? -14.059 -20.605 -2.845  1.00 0.00 ? 3  PHE G CA 1 
ATOM 580 C CA . HIS G 1 4  ? -14.564 -17.036 -1.695  1.00 0.00 ? 4  HIS G CA 1 
ATOM 581 C CA . VAL G 1 5  ? -15.267 -14.023 -3.525  1.00 0.00 ? 5  VAL G CA 1 
ATOM 582 C CA . LYS G 1 6  ? -15.584 -10.345 -2.978  1.00 0.00 ? 6  LYS G CA 1 
ATOM 583 C CA . MET G 1 7  ? -17.774 -8.473  -5.317  1.00 0.00 ? 7  MET G CA 1 
ATOM 584 C CA . THR G 1 8  ? -17.503 -4.716  -5.550  1.00 0.00 ? 8  THR G CA 1 
ATOM 585 C CA . VAL G 1 9  ? -20.002 -3.337  -8.092  1.00 0.00 ? 9  VAL G CA 1 
ATOM 586 C CA . LYS G 1 10 ? -17.843 -0.117  -8.609  1.00 0.00 ? 10 LYS G CA 1 
ATOM 587 C CA . LEU G 1 11 ? -20.606 0.818   -11.123 1.00 0.00 ? 11 LEU G CA 1 
ATOM 588 C CA . PRO G 1 12 ? -20.286 4.308   -12.782 1.00 0.00 ? 12 PRO G CA 1 
ATOM 589 C CA . VAL G 1 13 ? -22.215 7.408   -12.070 1.00 0.00 ? 13 VAL G CA 1 
ATOM 590 C CA . ASP G 1 14 ? -23.654 8.393   -15.456 1.00 0.00 ? 14 ASP G CA 1 
ATOM 591 C CA . MET G 1 15 ? -23.879 5.188   -17.567 1.00 0.00 ? 15 MET G CA 1 
ATOM 592 C CA . ASP G 1 16 ? -27.473 5.929   -17.346 1.00 0.00 ? 16 ASP G CA 1 
ATOM 593 C CA . PRO G 1 17 ? -30.535 4.446   -15.713 1.00 0.00 ? 17 PRO G CA 1 
ATOM 594 C CA . ALA G 1 18 ? -31.890 1.507   -17.759 1.00 0.00 ? 18 ALA G CA 1 
ATOM 595 C CA . LYS G 1 19 ? -28.570 0.189   -18.028 1.00 0.00 ? 19 LYS G CA 1 
ATOM 596 C CA . ALA G 1 20 ? -28.159 0.790   -14.373 1.00 0.00 ? 20 ALA G CA 1 
ATOM 597 C CA . THR G 1 21 ? -31.675 -0.565  -13.406 1.00 0.00 ? 21 THR G CA 1 
ATOM 598 C CA . GLN G 1 22 ? -31.583 -3.531  -16.238 1.00 0.00 ? 22 GLN G CA 1 
ATOM 599 C CA . LEU G 1 23 ? -28.443 -4.690  -14.497 1.00 0.00 ? 23 LEU G CA 1 
ATOM 600 C CA . LYS G 1 24 ? -29.146 -4.350  -10.836 1.00 0.00 ? 24 LYS G CA 1 
ATOM 601 C CA . ALA G 1 25 ? -32.124 -6.617  -11.641 1.00 0.00 ? 25 ALA G CA 1 
ATOM 602 C CA . ASP G 1 26 ? -30.687 -9.600  -13.774 1.00 0.00 ? 26 ASP G CA 1 
ATOM 603 C CA . GLU G 1 27 ? -27.449 -10.024 -11.664 1.00 0.00 ? 27 GLU G CA 1 
ATOM 604 C CA . LYS G 1 28 ? -30.354 -10.835 -9.066  1.00 0.00 ? 28 LYS G CA 1 
ATOM 605 C CA . GLU G 1 29 ? -31.292 -13.991 -10.812 1.00 0.00 ? 29 GLU G CA 1 
ATOM 606 C CA . LEU G 1 30 ? -27.987 -15.946 -11.129 1.00 0.00 ? 30 LEU G CA 1 
ATOM 607 C CA . ALA G 1 31 ? -28.095 -14.920 -7.476  1.00 0.00 ? 31 ALA G CA 1 
ATOM 608 C CA . GLN G 1 32 ? -30.668 -17.729 -7.230  1.00 0.00 ? 32 GLN G CA 1 
ATOM 609 C CA . ARG G 1 33 ? -30.138 -19.269 -10.612 1.00 0.00 ? 33 ARG G CA 1 
ATOM 610 C CA . LEU G 1 34 ? -27.774 -20.828 -8.250  1.00 0.00 ? 34 LEU G CA 1 
ATOM 611 C CA . GLN G 1 35 ? -28.991 -20.017 -4.731  1.00 0.00 ? 35 GLN G CA 1 
ATOM 612 C CA . ARG G 1 36 ? -31.673 -22.730 -5.013  1.00 0.00 ? 36 ARG G CA 1 
ATOM 613 C CA . GLU G 1 37 ? -29.625 -25.260 -7.097  1.00 0.00 ? 37 GLU G CA 1 
ATOM 614 C CA . GLY G 1 38 ? -26.679 -23.931 -5.336  1.00 0.00 ? 38 GLY G CA 1 
ATOM 615 C CA . THR G 1 39 ? -23.627 -23.292 -7.022  1.00 0.00 ? 39 THR G CA 1 
ATOM 616 C CA . TRP G 1 40 ? -23.492 -20.002 -4.698  1.00 0.00 ? 40 TRP G CA 1 
ATOM 617 C CA . ARG G 1 41 ? -23.826 -20.800 -1.205  1.00 0.00 ? 41 ARG G CA 1 
ATOM 618 C CA . HIS G 1 42 ? -24.564 -17.757 1.009   1.00 0.00 ? 42 HIS G CA 1 
ATOM 619 C CA . LEU G 1 43 ? -25.325 -14.206 -0.077  1.00 0.00 ? 43 LEU G CA 1 
ATOM 620 C CA . TRP G 1 44 ? -24.589 -11.363 2.210   1.00 0.00 ? 44 TRP G CA 1 
ATOM 621 C CA . ARG G 1 45 ? -24.348 -7.617  2.510   1.00 0.00 ? 45 ARG G CA 1 
ATOM 622 C CA . ILE G 1 46 ? -20.727 -6.747  3.646   1.00 0.00 ? 46 ILE G CA 1 
ATOM 623 C CA . ALA G 1 47 ? -22.388 -3.856  4.802   1.00 0.00 ? 47 ALA G CA 1 
ATOM 624 C CA . GLY G 1 48 ? -22.246 -0.300  5.129   1.00 0.00 ? 48 GLY G CA 1 
ATOM 625 C CA . HIS G 1 49 ? -20.579 -0.227  1.727   1.00 0.00 ? 49 HIS G CA 1 
ATOM 626 C CA . TYR G 1 50 ? -21.489 -0.716  -1.919  1.00 0.00 ? 50 TYR G CA 1 
ATOM 627 C CA . ALA G 1 51 ? -20.875 -4.454  -2.373  1.00 0.00 ? 51 ALA G CA 1 
ATOM 628 C CA . ASN G 1 52 ? -20.990 -7.941  -0.780  1.00 0.00 ? 52 ASN G CA 1 
ATOM 629 C CA . TYR G 1 53 ? -19.354 -11.374 0.336   1.00 0.00 ? 53 TYR G CA 1 
ATOM 630 C CA . SER G 1 54 ? -20.090 -14.797 -1.393  1.00 0.00 ? 54 SER G CA 1 
ATOM 631 C CA . VAL G 1 55 ? -19.098 -18.477 -0.998  1.00 0.00 ? 55 VAL G CA 1 
ATOM 632 C CA . PHE G 1 56 ? -19.323 -21.002 -3.694  1.00 0.00 ? 56 PHE G CA 1 
ATOM 633 C CA . ASP G 1 57 ? -19.867 -24.782 -3.705  1.00 0.00 ? 57 ASP G CA 1 
ATOM 634 C CA . VAL G 1 58 ? -19.001 -25.499 -7.153  1.00 0.00 ? 58 VAL G CA 1 
ATOM 635 C CA . PRO G 1 59 ? -17.072 -28.460 -8.576  1.00 0.00 ? 59 PRO G CA 1 
ATOM 636 C CA . SER G 1 60 ? -13.726 -27.944 -10.098 1.00 0.00 ? 60 SER G CA 1 
ATOM 637 C CA . VAL G 1 61 ? -12.171 -24.572 -10.608 1.00 0.00 ? 61 VAL G CA 1 
ATOM 638 C CA . GLU G 1 62 ? -13.195 -23.992 -14.192 1.00 0.00 ? 62 GLU G CA 1 
ATOM 639 C CA . ALA G 1 63 ? -16.672 -23.908 -12.763 1.00 0.00 ? 63 ALA G CA 1 
ATOM 640 C CA . LEU G 1 64 ? -16.790 -20.684 -10.816 1.00 0.00 ? 64 LEU G CA 1 
ATOM 641 C CA . HIS G 1 65 ? -14.790 -19.191 -13.562 1.00 0.00 ? 65 HIS G CA 1 
ATOM 642 C CA . ASP G 1 66 ? -17.533 -19.633 -16.046 1.00 0.00 ? 66 ASP G CA 1 
ATOM 643 C CA . THR G 1 67 ? -20.172 -18.792 -13.347 1.00 0.00 ? 67 THR G CA 1 
ATOM 644 C CA . LEU G 1 68 ? -18.382 -15.944 -11.599 1.00 0.00 ? 68 LEU G CA 1 
ATOM 645 C CA . MET G 1 69 ? -17.403 -14.322 -14.893 1.00 0.00 ? 69 MET G CA 1 
ATOM 646 C CA . GLN G 1 70 ? -21.064 -14.548 -15.995 1.00 0.00 ? 70 GLN G CA 1 
ATOM 647 C CA . LEU G 1 71 ? -23.534 -12.618 -14.010 1.00 0.00 ? 71 LEU G CA 1 
ATOM 648 C CA . PRO G 1 72 ? -24.603 -9.289  -15.296 1.00 0.00 ? 72 PRO G CA 1 
ATOM 649 C CA . LEU G 1 73 ? -21.807 -7.256  -13.811 1.00 0.00 ? 73 LEU G CA 1 
ATOM 650 C CA . PHE G 1 74 ? -18.337 -8.734  -14.023 1.00 0.00 ? 74 PHE G CA 1 
ATOM 651 C CA . PRO G 1 75 ? -17.522 -6.287  -16.743 1.00 0.00 ? 75 PRO G CA 1 
ATOM 652 C CA . TYR G 1 76 ? -17.963 -3.347  -14.349 1.00 0.00 ? 76 TYR G CA 1 
ATOM 653 C CA . MET G 1 77 ? -17.019 -5.220  -11.004 1.00 0.00 ? 77 MET G CA 1 
ATOM 654 C CA . ASP G 1 78 ? -13.943 -5.741  -8.768  1.00 0.00 ? 78 ASP G CA 1 
ATOM 655 C CA . ILE G 1 79 ? -13.185 -9.076  -7.360  1.00 0.00 ? 79 ILE G CA 1 
ATOM 656 C CA . GLU G 1 80 ? -11.099 -11.178 -4.963  1.00 0.00 ? 80 GLU G CA 1 
ATOM 657 C CA . VAL G 1 81 ? -10.777 -14.942 -4.685  1.00 0.00 ? 81 VAL G CA 1 
ATOM 658 C CA . ASP G 1 82 ? -9.585  -16.417 -1.414  1.00 0.00 ? 82 ASP G CA 1 
ATOM 659 C CA . GLY G 1 83 ? -10.654 -20.120 -1.721  1.00 0.00 ? 83 GLY G CA 1 
ATOM 660 C CA . LEU G 1 84 ? -10.560 -22.408 1.103   1.00 0.00 ? 84 LEU G CA 1 
ATOM 661 C CA . CYS G 1 85 ? -10.704 -25.875 2.578   1.00 0.00 ? 85 CYS G CA 1 
ATOM 662 C CA . ARG G 1 86 ? -11.917 -27.133 6.123   1.00 0.00 ? 86 ARG G CA 1 
ATOM 663 C CA . HIS G 1 87 ? -10.637 -26.676 9.436   1.00 0.00 ? 87 HIS G CA 1 
ATOM 664 C CA . PRO G 1 88 ? -9.896  -29.104 12.050  1.00 0.00 ? 88 PRO G CA 1 
ATOM 665 C CA . SER G 1 89 ? -11.949 -27.232 14.768  1.00 0.00 ? 89 SER G CA 1 
ATOM 666 C CA . SER G 1 90 ? -15.449 -27.796 13.303  1.00 0.00 ? 90 SER G CA 1 
ATOM 667 C CA . ILE G 1 91 ? -18.325 -29.449 15.021  1.00 0.00 ? 91 ILE G CA 1 
ATOM 668 C CA . HIS G 1 92 ? -19.888 -30.667 11.769  1.00 0.00 ? 92 HIS G CA 1 
ATOM 669 C CA . SER G 1 93 ? -18.417 -33.231 9.195   1.00 0.00 ? 93 SER G CA 1 
ATOM 670 C CA . ASP G 1 94 ? -19.381 -31.437 6.003   1.00 0.00 ? 94 ASP G CA 1 
ATOM 671 C CA . ASP G 1 95 ? -17.765 -28.547 4.211   1.00 0.00 ? 95 ASP G CA 1 
ATOM 672 C CA . ARG G 1 96 ? -19.630 -25.772 6.255   1.00 0.00 ? 96 ARG G CA 1 
ATOM 673 C CA . MET H 1 1  ? -25.468 -10.229 14.332  1.00 0.00 ? 1  MET H CA 1 
ATOM 674 C CA . LEU H 1 2  ? -23.184 -11.601 11.733  1.00 0.00 ? 2  LEU H CA 1 
ATOM 675 C CA . PHE H 1 3  ? -19.880 -9.794  11.797  1.00 0.00 ? 3  PHE H CA 1 
ATOM 676 C CA . HIS H 1 4  ? -16.824 -11.077 9.976   1.00 0.00 ? 4  HIS H CA 1 
ATOM 677 C CA . VAL H 1 5  ? -13.473 -11.717 11.107  1.00 0.00 ? 5  VAL H CA 1 
ATOM 678 C CA . LYS H 1 6  ? -10.128 -12.685 9.761   1.00 0.00 ? 6  LYS H CA 1 
ATOM 679 C CA . MET H 1 7  ? -7.826  -14.457 12.072  1.00 0.00 ? 7  MET H CA 1 
ATOM 680 C CA . THR H 1 8  ? -4.148  -14.676 11.260  1.00 0.00 ? 8  THR H CA 1 
ATOM 681 C CA . VAL H 1 9  ? -2.282  -16.622 13.970  1.00 0.00 ? 9  VAL H CA 1 
ATOM 682 C CA . LYS H 1 10 ? 1.093   -14.885 13.030  1.00 0.00 ? 10 LYS H CA 1 
ATOM 683 C CA . LEU H 1 11 ? 2.508   -17.028 15.899  1.00 0.00 ? 11 LEU H CA 1 
ATOM 684 C CA . PRO H 1 12 ? 6.335   -16.802 16.462  1.00 0.00 ? 12 PRO H CA 1 
ATOM 685 C CA . VAL H 1 13 ? 8.971   -19.269 15.563  1.00 0.00 ? 13 VAL H CA 1 
ATOM 686 C CA . ASP H 1 14 ? 10.770  -19.932 18.855  1.00 0.00 ? 14 ASP H CA 1 
ATOM 687 C CA . MET H 1 15 ? 8.281   -19.157 21.681  1.00 0.00 ? 15 MET H CA 1 
ATOM 688 C CA . ASP H 1 16 ? 8.683   -22.758 22.301  1.00 0.00 ? 16 ASP H CA 1 
ATOM 689 C CA . PRO H 1 17 ? 6.595   -25.890 22.029  1.00 0.00 ? 17 PRO H CA 1 
ATOM 690 C CA . ALA H 1 18 ? 4.266   -26.250 25.046  1.00 0.00 ? 18 ALA H CA 1 
ATOM 691 C CA . LYS H 1 19 ? 3.306   -22.816 24.693  1.00 0.00 ? 19 LYS H CA 1 
ATOM 692 C CA . ALA H 1 20 ? 2.879   -23.431 21.042  1.00 0.00 ? 20 ALA H CA 1 
ATOM 693 C CA . THR H 1 21 ? 1.070   -26.847 21.479  1.00 0.00 ? 21 THR H CA 1 
ATOM 694 C CA . GLN H 1 22 ? -0.964  -25.621 24.824  1.00 0.00 ? 22 GLN H CA 1 
ATOM 695 C CA . LEU H 1 23 ? -2.350  -22.890 22.622  1.00 0.00 ? 23 LEU H CA 1 
ATOM 696 C CA . LYS H 1 24 ? -3.103  -24.536 19.344  1.00 0.00 ? 24 LYS H CA 1 
ATOM 697 C CA . ALA H 1 25 ? -5.250  -26.859 21.501  1.00 0.00 ? 25 ALA H CA 1 
ATOM 698 C CA . ASP H 1 26 ? -7.406  -24.518 23.822  1.00 0.00 ? 26 ASP H CA 1 
ATOM 699 C CA . GLU H 1 27 ? -8.184  -21.894 21.065  1.00 0.00 ? 27 GLU H CA 1 
ATOM 700 C CA . LYS H 1 28 ? -9.892  -25.211 19.682  1.00 0.00 ? 28 LYS H CA 1 
ATOM 701 C CA . GLU H 1 29 ? -12.484 -25.218 22.360  1.00 0.00 ? 29 GLU H CA 1 
ATOM 702 C CA . LEU H 1 30 ? -14.040 -21.696 22.216  1.00 0.00 ? 30 LEU H CA 1 
ATOM 703 C CA . ALA H 1 31 ? -14.095 -22.869 18.605  1.00 0.00 ? 31 ALA H CA 1 
ATOM 704 C CA . GLN H 1 32 ? -17.029 -24.993 19.814  1.00 0.00 ? 32 GLN H CA 1 
ATOM 705 C CA . ARG H 1 33 ? -17.513 -23.411 23.184  1.00 0.00 ? 33 ARG H CA 1 
ATOM 706 C CA . LEU H 1 34 ? -19.509 -21.523 20.724  1.00 0.00 ? 34 LEU H CA 1 
ATOM 707 C CA . GLN H 1 35 ? -19.807 -23.692 17.605  1.00 0.00 ? 35 GLN H CA 1 
ATOM 708 C CA . ARG H 1 36 ? -22.509 -25.799 19.307  1.00 0.00 ? 36 ARG H CA 1 
ATOM 709 C CA . GLU H 1 37 ? -24.202 -22.953 21.297  1.00 0.00 ? 37 GLU H CA 1 
ATOM 710 C CA . GLY H 1 38 ? -23.226 -20.767 18.503  1.00 0.00 ? 38 GLY H CA 1 
ATOM 711 C CA . THR H 1 39 ? -21.929 -17.512 19.039  1.00 0.00 ? 39 THR H CA 1 
ATOM 712 C CA . TRP H 1 40 ? -19.426 -18.439 16.019  1.00 0.00 ? 40 TRP H CA 1 
ATOM 713 C CA . ARG H 1 41 ? -21.197 -19.526 13.084  1.00 0.00 ? 41 ARG H CA 1 
ATOM 714 C CA . HIS H 1 42 ? -18.959 -21.228 10.472  1.00 0.00 ? 42 HIS H CA 1 
ATOM 715 C CA . LEU H 1 43 ? -15.308 -22.189 10.796  1.00 0.00 ? 43 LEU H CA 1 
ATOM 716 C CA . TRP H 1 44 ? -13.181 -22.466 7.754   1.00 0.00 ? 44 TRP H CA 1 
ATOM 717 C CA . ARG H 1 45 ? -9.664  -22.846 6.463   1.00 0.00 ? 45 ARG H CA 1 
ATOM 718 C CA . ILE H 1 46 ? -8.902  -19.794 4.172   1.00 0.00 ? 46 ILE H CA 1 
ATOM 719 C CA . ALA H 1 47 ? -6.577  -22.087 2.840   1.00 0.00 ? 47 ALA H CA 1 
ATOM 720 C CA . GLY H 1 48 ? -3.257  -22.539 1.599   1.00 0.00 ? 48 GLY H CA 1 
ATOM 721 C CA . HIS H 1 49 ? -2.115  -20.098 4.260   1.00 0.00 ? 49 HIS H CA 1 
ATOM 722 C CA . TYR H 1 50 ? -1.616  -19.978 8.014   1.00 0.00 ? 50 TYR H CA 1 
ATOM 723 C CA . ALA H 1 51 ? -5.024  -18.742 9.207   1.00 0.00 ? 51 ALA H CA 1 
ATOM 724 C CA . ASN H 1 52 ? -8.816  -18.754 8.643   1.00 0.00 ? 52 ASN H CA 1 
ATOM 725 C CA . TYR H 1 53 ? -12.304 -16.982 8.016   1.00 0.00 ? 53 TYR H CA 1 
ATOM 726 C CA . SER H 1 54 ? -15.145 -16.760 10.688  1.00 0.00 ? 54 SER H CA 1 
ATOM 727 C CA . VAL H 1 55 ? -18.709 -15.385 10.972  1.00 0.00 ? 55 VAL H CA 1 
ATOM 728 C CA . PHE H 1 56 ? -20.382 -14.559 14.169  1.00 0.00 ? 56 PHE H CA 1 
ATOM 729 C CA . ASP H 1 57 ? -24.032 -14.537 15.287  1.00 0.00 ? 57 ASP H CA 1 
ATOM 730 C CA . VAL H 1 58 ? -23.688 -12.735 18.416  1.00 0.00 ? 58 VAL H CA 1 
ATOM 731 C CA . PRO H 1 59 ? -25.988 -10.109 19.938  1.00 0.00 ? 59 PRO H CA 1 
ATOM 732 C CA . SER H 1 60 ? -24.837 -6.596  20.271  1.00 0.00 ? 60 SER H CA 1 
ATOM 733 C CA . VAL H 1 61 ? -21.359 -5.461  19.454  1.00 0.00 ? 61 VAL H CA 1 
ATOM 734 C CA . GLU H 1 62 ? -19.863 -5.618  22.913  1.00 0.00 ? 62 GLU H CA 1 
ATOM 735 C CA . ALA H 1 63 ? -20.424 -9.319  22.548  1.00 0.00 ? 63 ALA H CA 1 
ATOM 736 C CA . LEU H 1 64 ? -17.895 -10.384 19.966  1.00 0.00 ? 64 LEU H CA 1 
ATOM 737 C CA . HIS H 1 65 ? -15.555 -7.990  21.568  1.00 0.00 ? 65 HIS H CA 1 
ATOM 738 C CA . ASP H 1 66 ? -15.466 -9.924  24.752  1.00 0.00 ? 66 ASP H CA 1 
ATOM 739 C CA . THR H 1 67 ? -15.603 -13.252 22.785  1.00 0.00 ? 67 THR H CA 1 
ATOM 740 C CA . LEU H 1 68 ? -13.248 -12.388 19.943  1.00 0.00 ? 68 LEU H CA 1 
ATOM 741 C CA . MET H 1 69 ? -10.701 -10.849 22.308  1.00 0.00 ? 69 MET H CA 1 
ATOM 742 C CA . GLN H 1 70 ? -10.855 -14.044 24.416  1.00 0.00 ? 70 GLN H CA 1 
ATOM 743 C CA . LEU H 1 71 ? -9.738  -17.183 22.787  1.00 0.00 ? 71 LEU H CA 1 
ATOM 744 C CA . PRO H 1 72 ? -6.262  -18.357 23.438  1.00 0.00 ? 72 PRO H CA 1 
ATOM 745 C CA . LEU H 1 73 ? -4.543  -16.347 20.762  1.00 0.00 ? 73 LEU H CA 1 
ATOM 746 C CA . PHE H 1 74 ? -5.661  -12.762 20.354  1.00 0.00 ? 74 PHE H CA 1 
ATOM 747 C CA . PRO H 1 75 ? -2.497  -11.643 22.024  1.00 0.00 ? 75 PRO H CA 1 
ATOM 748 C CA . TYR H 1 76 ? -0.389  -13.090 19.191  1.00 0.00 ? 76 TYR H CA 1 
ATOM 749 C CA . MET H 1 77 ? -3.059  -12.764 16.302  1.00 0.00 ? 77 MET H CA 1 
ATOM 750 C CA . ASP H 1 78 ? -3.977  -10.309 13.497  1.00 0.00 ? 78 ASP H CA 1 
ATOM 751 C CA . ILE H 1 79 ? -7.513  -9.463  12.819  1.00 0.00 ? 79 ILE H CA 1 
ATOM 752 C CA . GLU H 1 80 ? -10.060 -7.772  10.546  1.00 0.00 ? 80 GLU H CA 1 
ATOM 753 C CA . VAL H 1 81 ? -13.718 -6.996  11.146  1.00 0.00 ? 81 VAL H CA 1 
ATOM 754 C CA . ASP H 1 82 ? -15.969 -6.472  8.157   1.00 0.00 ? 82 ASP H CA 1 
ATOM 755 C CA . GLY H 1 83 ? -19.498 -6.888  9.677   1.00 0.00 ? 83 GLY H CA 1 
ATOM 756 C CA . LEU H 1 84 ? -22.479 -7.185  7.614   1.00 0.00 ? 84 LEU H CA 1 
ATOM 757 C CA . CYS H 1 85 ? -26.223 -7.199  7.163   1.00 0.00 ? 85 CYS H CA 1 
ATOM 758 C CA . ARG H 1 86 ? -28.509 -9.075  4.541   1.00 0.00 ? 86 ARG H CA 1 
ATOM 759 C CA . HIS H 1 87 ? -28.919 -8.752  0.998   1.00 0.00 ? 87 HIS H CA 1 
ATOM 760 C CA . PRO H 1 88 ? -31.928 -8.358  -1.015  1.00 0.00 ? 88 PRO H CA 1 
ATOM 761 C CA . SER H 1 89 ? -31.043 -11.274 -3.428  1.00 0.00 ? 89 SER H CA 1 
ATOM 762 C CA . SER H 1 90 ? -31.408 -14.174 -0.940  1.00 0.00 ? 90 SER H CA 1 
ATOM 763 C CA . ILE H 1 91 ? -33.671 -17.124 -1.305  1.00 0.00 ? 91 ILE H CA 1 
ATOM 764 C CA . HIS H 1 92 ? -34.027 -17.623 2.454   1.00 0.00 ? 92 HIS H CA 1 
ATOM 765 C CA . SER H 1 93 ? -35.656 -15.200 5.070   1.00 0.00 ? 93 SER H CA 1 
ATOM 766 C CA . ASP H 1 94 ? -33.105 -15.573 7.843   1.00 0.00 ? 94 ASP H CA 1 
ATOM 767 C CA . ASP H 1 95 ? -29.724 -13.987 8.316   1.00 0.00 ? 95 ASP H CA 1 
ATOM 768 C CA . ARG H 1 96 ? -27.772 -16.685 6.251   1.00 0.00 ? 96 ARG H CA 1 
ATOM 769 C CA . MET I 1 1  ? 14.727  -17.007 -21.274 1.00 0.00 ? 1  MET I CA 1 
ATOM 770 C CA . LEU I 1 2  ? 11.712  -17.492 -19.148 1.00 0.00 ? 2  LEU I CA 1 
ATOM 771 C CA . PHE I 1 3  ? 10.427  -14.175 -17.907 1.00 0.00 ? 3  PHE I CA 1 
ATOM 772 C CA . HIS I 1 4  ? 7.020   -13.781 -16.311 1.00 0.00 ? 4  HIS I CA 1 
ATOM 773 C CA . VAL I 1 5  ? 4.295   -11.553 -17.037 1.00 0.00 ? 5  VAL I CA 1 
ATOM 774 C CA . LYS I 1 6  ? 0.957   -10.571 -15.688 1.00 0.00 ? 6  LYS I CA 1 
ATOM 775 C CA . MET I 1 7  ? -1.523  -9.251  -18.113 1.00 0.00 ? 7  MET I CA 1 
ATOM 776 C CA . THR I 1 8  ? -4.539  -7.351  -16.876 1.00 0.00 ? 8  THR I CA 1 
ATOM 777 C CA . VAL I 1 9  ? -6.741  -6.256  -19.802 1.00 0.00 ? 9  VAL I CA 1 
ATOM 778 C CA . LYS I 1 10 ? -8.288  -3.361  -17.678 1.00 0.00 ? 10 LYS I CA 1 
ATOM 779 C CA . LEU I 1 11 ? -10.255 -2.616  -20.905 1.00 0.00 ? 11 LEU I CA 1 
ATOM 780 C CA . PRO I 1 12 ? -12.869 0.238   -20.683 1.00 0.00 ? 12 PRO I CA 1 
ATOM 781 C CA . VAL I 1 13 ? -16.575 -0.011  -20.479 1.00 0.00 ? 13 VAL I CA 1 
ATOM 782 C CA . ASP I 1 14 ? -17.802 2.102   -23.399 1.00 0.00 ? 14 ASP I CA 1 
ATOM 783 C CA . MET I 1 15 ? -14.982 2.170   -26.011 1.00 0.00 ? 15 MET I CA 1 
ATOM 784 C CA . ASP I 1 16 ? -17.505 0.389   -28.003 1.00 0.00 ? 16 ASP I CA 1 
ATOM 785 C CA . PRO I 1 17 ? -18.016 -3.076  -29.412 1.00 0.00 ? 17 PRO I CA 1 
ATOM 786 C CA . ALA I 1 18 ? -16.017 -3.551  -32.642 1.00 0.00 ? 18 ALA I CA 1 
ATOM 787 C CA . LYS I 1 19 ? -13.143 -2.125  -31.049 1.00 0.00 ? 19 LYS I CA 1 
ATOM 788 C CA . ALA I 1 20 ? -13.823 -4.319  -28.114 1.00 0.00 ? 20 ALA I CA 1 
ATOM 789 C CA . THR I 1 21 ? -14.610 -7.486  -30.230 1.00 0.00 ? 21 THR I CA 1 
ATOM 790 C CA . GLN I 1 22 ? -11.751 -6.621  -33.042 1.00 0.00 ? 22 GLN I CA 1 
ATOM 791 C CA . LEU I 1 23 ? -9.317  -6.692  -30.160 1.00 0.00 ? 23 LEU I CA 1 
ATOM 792 C CA . LYS I 1 24 ? -10.358 -9.599  -28.042 1.00 0.00 ? 24 LYS I CA 1 
ATOM 793 C CA . ALA I 1 25 ? -9.904  -11.569 -31.295 1.00 0.00 ? 25 ALA I CA 1 
ATOM 794 C CA . ASP I 1 26 ? -6.404  -10.497 -32.747 1.00 0.00 ? 26 ASP I CA 1 
ATOM 795 C CA . GLU I 1 27 ? -4.581  -10.475 -29.314 1.00 0.00 ? 27 GLU I CA 1 
ATOM 796 C CA . LYS I 1 28 ? -5.681  -14.276 -29.747 1.00 0.00 ? 28 LYS I CA 1 
ATOM 797 C CA . GLU I 1 29 ? -3.313  -14.837 -32.570 1.00 0.00 ? 29 GLU I CA 1 
ATOM 798 C CA . LEU I 1 30 ? 0.099   -13.653 -31.226 1.00 0.00 ? 30 LEU I CA 1 
ATOM 799 C CA . ALA I 1 31 ? -1.212  -15.944 -28.498 1.00 0.00 ? 31 ALA I CA 1 
ATOM 800 C CA . GLN I 1 32 ? -0.199  -18.693 -30.947 1.00 0.00 ? 32 GLN I CA 1 
ATOM 801 C CA . ARG I 1 33 ? 1.738   -16.589 -33.377 1.00 0.00 ? 33 ARG I CA 1 
ATOM 802 C CA . LEU I 1 34 ? 4.041   -17.699 -30.719 1.00 0.00 ? 34 LEU I CA 1 
ATOM 803 C CA . GLN I 1 35 ? 2.349   -20.580 -28.887 1.00 0.00 ? 35 GLN I CA 1 
ATOM 804 C CA . ARG I 1 36 ? 3.280   -22.961 -31.733 1.00 0.00 ? 36 ARG I CA 1 
ATOM 805 C CA . GLU I 1 37 ? 6.708   -21.405 -32.602 1.00 0.00 ? 37 GLU I CA 1 
ATOM 806 C CA . GLY I 1 38 ? 6.932   -20.546 -29.030 1.00 0.00 ? 38 GLY I CA 1 
ATOM 807 C CA . THR I 1 39 ? 8.159   -17.405 -27.938 1.00 0.00 ? 39 THR I CA 1 
ATOM 808 C CA . TRP I 1 40 ? 5.198   -17.640 -25.215 1.00 0.00 ? 40 TRP I CA 1 
ATOM 809 C CA . ARG I 1 41 ? 5.331   -20.707 -23.337 1.00 0.00 ? 41 ARG I CA 1 
ATOM 810 C CA . HIS I 1 42 ? 2.135   -21.437 -21.346 1.00 0.00 ? 42 HIS I CA 1 
ATOM 811 C CA . LEU I 1 43 ? -1.154  -19.555 -21.435 1.00 0.00 ? 43 LEU I CA 1 
ATOM 812 C CA . TRP I 1 44 ? -3.421  -19.629 -18.483 1.00 0.00 ? 44 TRP I CA 1 
ATOM 813 C CA . ARG I 1 45 ? -6.499  -18.139 -16.908 1.00 0.00 ? 45 ARG I CA 1 
ATOM 814 C CA . ILE I 1 46 ? -5.470  -16.654 -13.459 1.00 0.00 ? 46 ILE I CA 1 
ATOM 815 C CA . ALA I 1 47 ? -8.905  -17.172 -12.845 1.00 0.00 ? 47 ALA I CA 1 
ATOM 816 C CA . GLY I 1 48 ? -11.878 -15.835 -11.379 1.00 0.00 ? 48 GLY I CA 1 
ATOM 817 C CA . HIS I 1 49 ? -10.712 -12.424 -12.548 1.00 0.00 ? 49 HIS I CA 1 
ATOM 818 C CA . TYR I 1 50 ? -10.387 -10.458 -15.771 1.00 0.00 ? 50 TYR I CA 1 
ATOM 819 C CA . ALA I 1 51 ? -6.853  -11.373 -16.880 1.00 0.00 ? 51 ALA I CA 1 
ATOM 820 C CA . ASN I 1 52 ? -4.127  -14.068 -17.009 1.00 0.00 ? 52 ASN I CA 1 
ATOM 821 C CA . TYR I 1 53 ? -0.486  -15.450 -16.281 1.00 0.00 ? 53 TYR I CA 1 
ATOM 822 C CA . SER I 1 54 ? 2.214   -16.028 -19.044 1.00 0.00 ? 54 SER I CA 1 
ATOM 823 C CA . VAL I 1 55 ? 5.805   -17.335 -19.311 1.00 0.00 ? 55 VAL I CA 1 
ATOM 824 C CA . PHE I 1 56 ? 8.111   -16.553 -22.097 1.00 0.00 ? 56 PHE I CA 1 
ATOM 825 C CA . ASP I 1 57 ? 11.030  -18.432 -23.689 1.00 0.00 ? 57 ASP I CA 1 
ATOM 826 C CA . VAL I 1 58 ? 12.453  -15.753 -25.676 1.00 0.00 ? 58 VAL I CA 1 
ATOM 827 C CA . PRO I 1 59 ? 16.116  -14.924 -26.316 1.00 0.00 ? 59 PRO I CA 1 
ATOM 828 C CA . SER I 1 60 ? 17.583  -11.796 -24.958 1.00 0.00 ? 60 SER I CA 1 
ATOM 829 C CA . VAL I 1 61 ? 15.590  -9.166  -23.181 1.00 0.00 ? 61 VAL I CA 1 
ATOM 830 C CA . GLU I 1 62 ? 14.944  -6.855  -26.093 1.00 0.00 ? 62 GLU I CA 1 
ATOM 831 C CA . ALA I 1 63 ? 12.910  -9.733  -27.405 1.00 0.00 ? 63 ALA I CA 1 
ATOM 832 C CA . LEU I 1 64 ? 9.912   -9.859  -25.125 1.00 0.00 ? 64 LEU I CA 1 
ATOM 833 C CA . HIS I 1 65 ? 9.981   -6.149  -25.171 1.00 0.00 ? 65 HIS I CA 1 
ATOM 834 C CA . ASP I 1 66 ? 9.188   -5.997  -28.810 1.00 0.00 ? 66 ASP I CA 1 
ATOM 835 C CA . THR I 1 67 ? 6.816   -9.031  -28.464 1.00 0.00 ? 67 THR I CA 1 
ATOM 836 C CA . LEU I 1 68 ? 5.151   -8.144  -25.176 1.00 0.00 ? 68 LEU I CA 1 
ATOM 837 C CA . MET I 1 69 ? 4.635   -4.528  -26.226 1.00 0.00 ? 69 MET I CA 1 
ATOM 838 C CA . GLN I 1 70 ? 3.035   -5.789  -29.470 1.00 0.00 ? 70 GLN I CA 1 
ATOM 839 C CA . LEU I 1 71 ? -0.095  -7.751  -29.142 1.00 0.00 ? 71 LEU I CA 1 
ATOM 840 C CA . PRO I 1 72 ? -3.337  -5.983  -29.641 1.00 0.00 ? 72 PRO I CA 1 
ATOM 841 C CA . LEU I 1 73 ? -3.759  -4.707  -26.128 1.00 0.00 ? 73 LEU I CA 1 
ATOM 842 C CA . PHE I 1 74 ? -0.676  -3.309  -24.449 1.00 0.00 ? 74 PHE I CA 1 
ATOM 843 C CA . PRO I 1 75 ? -2.037  0.147   -24.954 1.00 0.00 ? 75 PRO I CA 1 
ATOM 844 C CA . TYR I 1 76 ? -5.010  -0.598  -22.679 1.00 0.00 ? 76 TYR I CA 1 
ATOM 845 C CA . MET I 1 77 ? -3.285  -3.321  -20.401 1.00 0.00 ? 77 MET I CA 1 
ATOM 846 C CA . ASP I 1 78 ? -1.476  -3.520  -17.021 1.00 0.00 ? 78 ASP I CA 1 
ATOM 847 C CA . ILE I 1 79 ? 1.595   -5.546  -16.646 1.00 0.00 ? 79 ILE I CA 1 
ATOM 848 C CA . GLU I 1 80 ? 4.209   -7.061  -14.326 1.00 0.00 ? 80 GLU I CA 1 
ATOM 849 C CA . VAL I 1 81 ? 7.536   -8.679  -15.142 1.00 0.00 ? 81 VAL I CA 1 
ATOM 850 C CA . ASP I 1 82 ? 9.061   -11.047 -12.621 1.00 0.00 ? 82 ASP I CA 1 
ATOM 851 C CA . GLY I 1 83 ? 11.672  -12.959 -14.735 1.00 0.00 ? 83 GLY I CA 1 
ATOM 852 C CA . LEU I 1 84 ? 13.361  -15.935 -13.506 1.00 0.00 ? 84 LEU I CA 1 
ATOM 853 C CA . CYS I 1 85 ? 16.067  -18.552 -13.726 1.00 0.00 ? 85 CYS I CA 1 
ATOM 854 C CA . ARG I 1 86 ? 16.126  -22.323 -12.544 1.00 0.00 ? 86 ARG I CA 1 
ATOM 855 C CA . HIS I 1 87 ? 16.057  -23.861 -9.311  1.00 0.00 ? 87 HIS I CA 1 
ATOM 856 C CA . PRO I 1 88 ? 18.223  -26.394 -7.839  1.00 0.00 ? 88 PRO I CA 1 
ATOM 857 C CA . SER I 1 89 ? 15.281  -28.692 -6.759  1.00 0.00 ? 89 SER I CA 1 
ATOM 858 C CA . SER I 1 90 ? 14.089  -29.743 -10.251 1.00 0.00 ? 90 SER I CA 1 
ATOM 859 C CA . ILE I 1 91 ? 13.811  -33.241 -11.532 1.00 0.00 ? 91 ILE I CA 1 
ATOM 860 C CA . HIS I 1 92 ? 14.370  -32.221 -15.158 1.00 0.00 ? 92 HIS I CA 1 
ATOM 861 C CA . SER I 1 93 ? 17.581  -30.632 -16.751 1.00 0.00 ? 93 SER I CA 1 
ATOM 862 C CA . ASP I 1 94 ? 15.895  -28.064 -18.965 1.00 0.00 ? 94 ASP I CA 1 
ATOM 863 C CA . ASP I 1 95 ? 14.480  -24.669 -18.169 1.00 0.00 ? 95 ASP I CA 1 
ATOM 864 C CA . ARG I 1 96 ? 10.941  -25.993 -17.127 1.00 0.00 ? 96 ARG I CA 1 
ATOM 865 C CA . MET J 1 1  ? -6.118  -28.473 -10.513 1.00 0.00 ? 1  MET J CA 1 
ATOM 866 C CA . LEU J 1 2  ? -3.492  -25.927 -11.198 1.00 0.00 ? 2  LEU J CA 1 
ATOM 867 C CA . PHE J 1 3  ? -3.307  -23.433 -8.380  1.00 0.00 ? 3  PHE J CA 1 
ATOM 868 C CA . HIS J 1 4  ? -0.436  -21.002 -7.999  1.00 0.00 ? 4  HIS J CA 1 
ATOM 869 C CA . VAL J 1 5  ? 1.732   -20.295 -5.221  1.00 0.00 ? 5  VAL J CA 1 
ATOM 870 C CA . LYS J 1 6  ? 4.437   -17.922 -4.227  1.00 0.00 ? 6  LYS J CA 1 
ATOM 871 C CA . MET J 1 7  ? 6.893   -19.119 -1.714  1.00 0.00 ? 7  MET J CA 1 
ATOM 872 C CA . THR J 1 8  ? 9.081   -16.640 0.105   1.00 0.00 ? 8  THR J CA 1 
ATOM 873 C CA . VAL J 1 9  ? 11.415  -18.436 2.543   1.00 0.00 ? 9  VAL J CA 1 
ATOM 874 C CA . LYS J 1 10 ? 11.801  -15.202 4.706   1.00 0.00 ? 10 LYS J CA 1 
ATOM 875 C CA . LEU J 1 11 ? 14.051  -17.439 6.888   1.00 0.00 ? 11 LEU J CA 1 
ATOM 876 C CA . PRO J 1 12 ? 15.795  -15.697 9.879   1.00 0.00 ? 12 PRO J CA 1 
ATOM 877 C CA . VAL J 1 13 ? 19.352  -14.663 10.220  1.00 0.00 ? 13 VAL J CA 1 
ATOM 878 C CA . ASP J 1 14 ? 20.503  -16.379 13.421  1.00 0.00 ? 14 ASP J CA 1 
ATOM 879 C CA . MET J 1 15 ? 18.252  -19.453 13.931  1.00 0.00 ? 15 MET J CA 1 
ATOM 880 C CA . ASP J 1 16 ? 21.446  -21.208 13.451  1.00 0.00 ? 16 ASP J CA 1 
ATOM 881 C CA . PRO J 1 17 ? 23.039  -23.454 10.868  1.00 0.00 ? 17 PRO J CA 1 
ATOM 882 C CA . ALA J 1 18 ? 21.812  -27.061 11.246  1.00 0.00 ? 18 ALA J CA 1 
ATOM 883 C CA . LYS J 1 19 ? 18.441  -25.871 11.482  1.00 0.00 ? 19 LYS J CA 1 
ATOM 884 C CA . ALA J 1 20 ? 19.125  -23.695 8.536   1.00 0.00 ? 20 ALA J CA 1 
ATOM 885 C CA . THR J 1 21 ? 21.030  -26.428 6.526   1.00 0.00 ? 21 THR J CA 1 
ATOM 886 C CA . GLN J 1 22 ? 18.579  -29.446 7.833   1.00 0.00 ? 22 GLN J CA 1 
ATOM 887 C CA . LEU J 1 23 ? 15.775  -27.432 6.311   1.00 0.00 ? 23 LEU J CA 1 
ATOM 888 C CA . LYS J 1 24 ? 17.123  -26.139 3.066   1.00 0.00 ? 24 LYS J CA 1 
ATOM 889 C CA . ALA J 1 25 ? 17.744  -29.846 2.348   1.00 0.00 ? 25 ALA J CA 1 
ATOM 890 C CA . ASP J 1 26 ? 14.393  -31.714 3.244   1.00 0.00 ? 26 ASP J CA 1 
ATOM 891 C CA . GLU J 1 27 ? 12.056  -29.013 1.716   1.00 0.00 ? 27 GLU J CA 1 
ATOM 892 C CA . LYS J 1 28 ? 14.122  -30.322 -1.424  1.00 0.00 ? 28 LYS J CA 1 
ATOM 893 C CA . GLU J 1 29 ? 12.495  -33.673 -1.335  1.00 0.00 ? 29 GLU J CA 1 
ATOM 894 C CA . LEU J 1 30 ? 8.717   -32.919 -1.325  1.00 0.00 ? 30 LEU J CA 1 
ATOM 895 C CA . ALA J 1 31 ? 10.063  -30.808 -4.179  1.00 0.00 ? 31 ALA J CA 1 
ATOM 896 C CA . GLN J 1 32 ? 10.205  -34.164 -5.995  1.00 0.00 ? 32 GLN J CA 1 
ATOM 897 C CA . ARG J 1 33 ? 8.258   -36.217 -3.528  1.00 0.00 ? 33 ARG J CA 1 
ATOM 898 C CA . LEU J 1 34 ? 5.878   -34.698 -5.901  1.00 0.00 ? 34 LEU J CA 1 
ATOM 899 C CA . GLN J 1 35 ? 7.889   -33.496 -8.907  1.00 0.00 ? 35 GLN J CA 1 
ATOM 900 C CA . ARG J 1 36 ? 8.087   -37.081 -10.230 1.00 0.00 ? 36 ARG J CA 1 
ATOM 901 C CA . GLU J 1 37 ? 4.583   -38.244 -9.088  1.00 0.00 ? 37 GLU J CA 1 
ATOM 902 C CA . GLY J 1 38 ? 3.536   -34.757 -9.620  1.00 0.00 ? 38 GLY J CA 1 
ATOM 903 C CA . THR J 1 39 ? 1.398   -33.078 -7.344  1.00 0.00 ? 39 THR J CA 1 
ATOM 904 C CA . TRP J 1 40 ? 3.806   -29.918 -8.026  1.00 0.00 ? 40 TRP J CA 1 
ATOM 905 C CA . ARG J 1 41 ? 4.114   -29.186 -11.532 1.00 0.00 ? 41 ARG J CA 1 
ATOM 906 C CA . HIS J 1 42 ? 6.996   -26.794 -12.364 1.00 0.00 ? 42 HIS J CA 1 
ATOM 907 C CA . LEU J 1 43 ? 9.678   -25.473 -10.036 1.00 0.00 ? 43 LEU J CA 1 
ATOM 908 C CA . TRP J 1 44 ? 11.343  -22.225 -10.770 1.00 0.00 ? 44 TRP J CA 1 
ATOM 909 C CA . ARG J 1 45 ? 13.632  -19.551 -9.434  1.00 0.00 ? 45 ARG J CA 1 
ATOM 910 C CA . ILE J 1 46 ? 11.687  -16.182 -9.489  1.00 0.00 ? 46 ILE J CA 1 
ATOM 911 C CA . ALA J 1 47 ? 14.982  -14.926 -9.588  1.00 0.00 ? 47 ALA J CA 1 
ATOM 912 C CA . GLY J 1 48 ? 17.225  -12.425 -8.372  1.00 0.00 ? 48 GLY J CA 1 
ATOM 913 C CA . HIS J 1 49 ? 15.472  -12.723 -5.029  1.00 0.00 ? 49 HIS J CA 1 
ATOM 914 C CA . TYR J 1 50 ? 15.233  -15.146 -2.124  1.00 0.00 ? 50 TYR J CA 1 
ATOM 915 C CA . ALA J 1 51 ? 12.285  -17.328 -3.178  1.00 0.00 ? 51 ALA J CA 1 
ATOM 916 C CA . ASN J 1 52 ? 10.379  -18.960 -6.076  1.00 0.00 ? 52 ASN J CA 1 
ATOM 917 C CA . TYR J 1 53 ? 7.127   -19.631 -8.238  1.00 0.00 ? 53 TYR J CA 1 
ATOM 918 C CA . SER J 1 54 ? 5.177   -23.015 -8.245  1.00 0.00 ? 54 SER J CA 1 
ATOM 919 C CA . VAL J 1 55 ? 2.126   -24.560 -9.970  1.00 0.00 ? 55 VAL J CA 1 
ATOM 920 C CA . PHE J 1 56 ? 0.217   -27.445 -8.653  1.00 0.00 ? 56 PHE J CA 1 
ATOM 921 C CA . ASP J 1 57 ? -1.822  -30.215 -10.310 1.00 0.00 ? 57 ASP J CA 1 
ATOM 922 C CA . VAL J 1 58 ? -3.499  -31.554 -7.386  1.00 0.00 ? 58 VAL J CA 1 
ATOM 923 C CA . PRO J 1 59 ? -7.083  -32.794 -7.034  1.00 0.00 ? 59 PRO J CA 1 
ATOM 924 C CA . SER J 1 60 ? -9.493  -30.936 -4.909  1.00 0.00 ? 60 SER J CA 1 
ATOM 925 C CA . VAL J 1 61 ? -8.557  -27.991 -2.787  1.00 0.00 ? 61 VAL J CA 1 
ATOM 926 C CA . GLU J 1 62 ? -8.009  -29.778 0.489   1.00 0.00 ? 62 GLU J CA 1 
ATOM 927 C CA . ALA J 1 63 ? -5.128  -31.374 -1.327  1.00 0.00 ? 63 ALA J CA 1 
ATOM 928 C CA . LEU J 1 64 ? -2.636  -28.578 -1.739  1.00 0.00 ? 64 LEU J CA 1 
ATOM 929 C CA . HIS J 1 65 ? -3.613  -27.480 1.668   1.00 0.00 ? 65 HIS J CA 1 
ATOM 930 C CA . ASP J 1 66 ? -2.266  -30.572 3.251   1.00 0.00 ? 66 ASP J CA 1 
ATOM 931 C CA . THR J 1 67 ? 0.689   -30.613 0.755   1.00 0.00 ? 67 THR J CA 1 
ATOM 932 C CA . LEU J 1 68 ? 1.485   -26.907 0.677   1.00 0.00 ? 68 LEU J CA 1 
ATOM 933 C CA . MET J 1 69 ? 1.258   -26.615 4.460   1.00 0.00 ? 69 MET J CA 1 
ATOM 934 C CA . GLN J 1 70 ? 3.663   -29.585 4.747   1.00 0.00 ? 70 GLN J CA 1 
ATOM 935 C CA . LEU J 1 71 ? 7.075   -29.119 3.373   1.00 0.00 ? 71 LEU J CA 1 
ATOM 936 C CA . PRO J 1 72 ? 9.812   -28.220 5.736   1.00 0.00 ? 72 PRO J CA 1 
ATOM 937 C CA . LEU J 1 73 ? 9.287   -24.495 5.719   1.00 0.00 ? 73 LEU J CA 1 
ATOM 938 C CA . PHE J 1 74 ? 5.712   -23.286 5.863   1.00 0.00 ? 74 PHE J CA 1 
ATOM 939 C CA . PRO J 1 75 ? 6.236   -22.331 9.450   1.00 0.00 ? 75 PRO J CA 1 
ATOM 940 C CA . TYR J 1 76 ? 8.858   -19.739 8.465   1.00 0.00 ? 76 TYR J CA 1 
ATOM 941 C CA . MET J 1 77 ? 7.496   -18.929 4.851   1.00 0.00 ? 77 MET J CA 1 
ATOM 942 C CA . ASP J 1 78 ? 5.235   -16.339 3.142   1.00 0.00 ? 78 ASP J CA 1 
ATOM 943 C CA . ILE J 1 79 ? 2.747   -17.390 0.614   1.00 0.00 ? 79 ILE J CA 1 
ATOM 944 C CA . GLU J 1 80 ? 0.227   -16.387 -2.061  1.00 0.00 ? 80 GLU J CA 1 
ATOM 945 C CA . VAL J 1 81 ? -2.398  -18.465 -3.831  1.00 0.00 ? 81 VAL J CA 1 
ATOM 946 C CA . ASP J 1 82 ? -3.700  -17.273 -7.171  1.00 0.00 ? 82 ASP J CA 1 
ATOM 947 C CA . GLY J 1 83 ? -5.346  -20.455 -8.619  1.00 0.00 ? 83 GLY J CA 1 
ATOM 948 C CA . LEU J 1 84 ? -6.430  -20.677 -12.083 1.00 0.00 ? 84 LEU J CA 1 
ATOM 949 C CA . CYS J 1 85 ? -8.320  -22.367 -14.874 1.00 0.00 ? 85 CYS J CA 1 
ATOM 950 C CA . ARG J 1 86 ? -7.646  -22.474 -18.767 1.00 0.00 ? 86 ARG J CA 1 
ATOM 951 C CA . HIS J 1 87 ? -7.760  -19.973 -21.326 1.00 0.00 ? 87 HIS J CA 1 
ATOM 952 C CA . PRO J 1 88 ? -9.449  -19.955 -24.552 1.00 0.00 ? 88 PRO J CA 1 
ATOM 953 C CA . SER J 1 89 ? -6.263  -18.948 -26.539 1.00 0.00 ? 89 SER J CA 1 
ATOM 954 C CA . SER J 1 90 ? -4.260  -22.184 -26.039 1.00 0.00 ? 90 SER J CA 1 
ATOM 955 C CA . ILE J 1 91 ? -2.902  -24.378 -28.739 1.00 0.00 ? 91 ILE J CA 1 
ATOM 956 C CA . HIS J 1 92 ? -3.060  -27.524 -26.598 1.00 0.00 ? 92 HIS J CA 1 
ATOM 957 C CA . SER J 1 93 ? -6.238  -29.288 -25.129 1.00 0.00 ? 93 SER J CA 1 
ATOM 958 C CA . ASP J 1 94 ? -4.886  -30.097 -21.685 1.00 0.00 ? 94 ASP J CA 1 
ATOM 959 C CA . ASP J 1 95 ? -4.517  -27.955 -18.613 1.00 0.00 ? 95 ASP J CA 1 
ATOM 960 C CA . ARG J 1 96 ? -0.997  -26.536 -19.586 1.00 0.00 ? 96 ARG J CA 1 
# 
